data_1WIS
#
_entry.id   1WIS
#
_entity_poly.entity_id   1
_entity_poly.type   'polypeptide(L)'
_entity_poly.pdbx_seq_one_letter_code
;GSSGSSGTISSGVPPELPGPPTNLGISNIGPRSVTLQFRPGYDGKTSISRWLVEAQVGVVGEGEEWLLIHQLSNEPDARS
MEVPDLNPFTCYSFRMRQVNIVGTSPPSQPSRKIQTLQSGPSSG
;
_entity_poly.pdbx_strand_id   A
#
# COMPACT_ATOMS: atom_id res chain seq x y z
N GLY A 1 -15.87 23.25 -3.30
CA GLY A 1 -16.28 23.87 -4.55
C GLY A 1 -17.77 24.20 -4.53
N SER A 2 -18.18 25.03 -5.48
CA SER A 2 -19.57 25.43 -5.59
C SER A 2 -19.82 26.11 -6.93
N SER A 3 -20.19 25.29 -7.91
CA SER A 3 -20.46 25.79 -9.24
C SER A 3 -20.98 24.66 -10.13
N GLY A 4 -21.60 25.06 -11.24
CA GLY A 4 -22.14 24.09 -12.18
C GLY A 4 -22.82 24.79 -13.35
N SER A 5 -22.56 24.27 -14.54
CA SER A 5 -23.14 24.84 -15.76
C SER A 5 -24.31 23.97 -16.22
N SER A 6 -25.04 24.50 -17.19
CA SER A 6 -26.20 23.80 -17.74
C SER A 6 -25.78 22.40 -18.21
N GLY A 7 -26.75 21.51 -18.23
CA GLY A 7 -26.50 20.14 -18.67
C GLY A 7 -27.03 19.14 -17.64
N THR A 8 -26.91 17.87 -17.98
CA THR A 8 -27.37 16.80 -17.11
C THR A 8 -26.37 15.65 -17.10
N ILE A 9 -26.37 14.92 -16.00
CA ILE A 9 -25.46 13.79 -15.85
C ILE A 9 -26.25 12.57 -15.32
N SER A 10 -26.64 11.72 -16.25
CA SER A 10 -27.39 10.53 -15.89
C SER A 10 -27.41 9.54 -17.07
N SER A 11 -26.40 8.69 -17.10
CA SER A 11 -26.30 7.70 -18.16
C SER A 11 -25.00 6.90 -18.01
N GLY A 12 -23.89 7.64 -18.05
CA GLY A 12 -22.58 7.02 -17.91
C GLY A 12 -21.55 8.02 -17.36
N VAL A 13 -20.85 7.58 -16.33
CA VAL A 13 -19.84 8.41 -15.70
C VAL A 13 -18.62 7.56 -15.36
N PRO A 14 -17.43 8.03 -15.82
CA PRO A 14 -16.19 7.31 -15.56
C PRO A 14 -15.73 7.52 -14.11
N PRO A 15 -15.08 6.47 -13.57
CA PRO A 15 -14.59 6.52 -12.20
C PRO A 15 -13.34 7.39 -12.10
N GLU A 16 -13.00 7.75 -10.87
CA GLU A 16 -11.85 8.58 -10.62
C GLU A 16 -10.82 7.83 -9.78
N LEU A 17 -9.65 8.45 -9.61
CA LEU A 17 -8.59 7.84 -8.83
C LEU A 17 -8.88 8.01 -7.34
N PRO A 18 -8.32 7.09 -6.53
CA PRO A 18 -8.51 7.13 -5.09
C PRO A 18 -7.69 8.24 -4.45
N GLY A 19 -7.51 8.12 -3.14
CA GLY A 19 -6.74 9.12 -2.40
C GLY A 19 -5.67 8.45 -1.55
N PRO A 20 -4.78 9.30 -0.97
CA PRO A 20 -3.72 8.80 -0.12
C PRO A 20 -4.25 8.38 1.24
N PRO A 21 -4.09 7.06 1.54
CA PRO A 21 -4.55 6.51 2.81
C PRO A 21 -3.61 6.92 3.95
N THR A 22 -4.21 7.20 5.10
CA THR A 22 -3.46 7.60 6.27
C THR A 22 -3.70 6.61 7.42
N ASN A 23 -3.28 7.04 8.60
CA ASN A 23 -3.44 6.21 9.79
C ASN A 23 -2.56 4.96 9.66
N LEU A 24 -1.45 5.14 8.96
CA LEU A 24 -0.52 4.05 8.75
C LEU A 24 0.26 3.79 10.04
N GLY A 25 0.43 2.51 10.36
CA GLY A 25 1.15 2.12 11.56
C GLY A 25 1.86 0.79 11.38
N ILE A 26 2.91 0.60 12.14
CA ILE A 26 3.69 -0.64 12.07
C ILE A 26 3.65 -1.35 13.42
N SER A 27 2.86 -2.41 13.47
CA SER A 27 2.72 -3.19 14.68
C SER A 27 2.92 -4.68 14.39
N ASN A 28 2.96 -5.46 15.46
CA ASN A 28 3.15 -6.90 15.32
C ASN A 28 4.32 -7.17 14.36
N ILE A 29 5.39 -6.41 14.56
CA ILE A 29 6.57 -6.56 13.74
C ILE A 29 7.26 -7.88 14.07
N GLY A 30 7.12 -8.83 13.16
CA GLY A 30 7.73 -10.14 13.34
C GLY A 30 9.12 -10.19 12.72
N PRO A 31 9.56 -11.43 12.37
CA PRO A 31 10.87 -11.63 11.78
C PRO A 31 10.88 -11.16 10.32
N ARG A 32 10.03 -11.77 9.52
CA ARG A 32 9.94 -11.44 8.11
C ARG A 32 8.49 -11.12 7.73
N SER A 33 7.72 -10.75 8.74
CA SER A 33 6.31 -10.43 8.53
C SER A 33 5.84 -9.43 9.59
N VAL A 34 5.07 -8.46 9.13
CA VAL A 34 4.54 -7.44 10.03
C VAL A 34 3.16 -7.00 9.55
N THR A 35 2.38 -6.48 10.48
CA THR A 35 1.04 -6.02 10.16
C THR A 35 1.03 -4.51 9.95
N LEU A 36 0.64 -4.11 8.75
CA LEU A 36 0.58 -2.70 8.40
C LEU A 36 -0.88 -2.24 8.36
N GLN A 37 -1.21 -1.36 9.29
CA GLN A 37 -2.57 -0.84 9.36
C GLN A 37 -2.70 0.41 8.49
N PHE A 38 -3.94 0.71 8.12
CA PHE A 38 -4.23 1.88 7.30
C PHE A 38 -5.73 2.10 7.18
N ARG A 39 -6.08 3.16 6.44
CA ARG A 39 -7.48 3.51 6.25
C ARG A 39 -7.68 4.10 4.86
N PRO A 40 -8.73 3.59 4.16
CA PRO A 40 -9.04 4.07 2.83
C PRO A 40 -9.69 5.45 2.87
N GLY A 41 -8.94 6.44 2.43
CA GLY A 41 -9.43 7.82 2.41
C GLY A 41 -10.54 7.99 1.38
N TYR A 42 -10.14 8.09 0.13
CA TYR A 42 -11.09 8.25 -0.96
C TYR A 42 -10.94 7.14 -1.99
N ASP A 43 -11.91 6.23 -1.97
CA ASP A 43 -11.92 5.12 -2.90
C ASP A 43 -11.90 5.65 -4.33
N GLY A 44 -12.84 6.54 -4.61
CA GLY A 44 -12.94 7.14 -5.94
C GLY A 44 -14.19 6.62 -6.67
N LYS A 45 -15.31 6.66 -5.96
CA LYS A 45 -16.57 6.21 -6.54
C LYS A 45 -16.39 4.78 -7.05
N THR A 46 -15.53 4.04 -6.38
CA THR A 46 -15.27 2.66 -6.77
C THR A 46 -14.35 1.98 -5.75
N SER A 47 -14.70 0.75 -5.42
CA SER A 47 -13.92 -0.02 -4.46
C SER A 47 -12.51 -0.26 -5.01
N ILE A 48 -11.62 -0.66 -4.11
CA ILE A 48 -10.24 -0.94 -4.49
C ILE A 48 -10.16 -2.34 -5.09
N SER A 49 -9.33 -2.46 -6.11
CA SER A 49 -9.13 -3.74 -6.78
C SER A 49 -7.94 -4.48 -6.16
N ARG A 50 -6.99 -3.70 -5.67
CA ARG A 50 -5.81 -4.26 -5.06
C ARG A 50 -4.99 -3.17 -4.36
N TRP A 51 -4.44 -3.53 -3.22
CA TRP A 51 -3.63 -2.59 -2.44
C TRP A 51 -2.16 -2.89 -2.71
N LEU A 52 -1.38 -1.83 -2.87
CA LEU A 52 0.04 -1.97 -3.13
C LEU A 52 0.82 -1.57 -1.87
N VAL A 53 1.73 -2.45 -1.47
CA VAL A 53 2.56 -2.20 -0.30
C VAL A 53 4.03 -2.24 -0.70
N GLU A 54 4.62 -1.06 -0.77
CA GLU A 54 6.02 -0.94 -1.13
C GLU A 54 6.88 -0.81 0.12
N ALA A 55 8.19 -0.86 -0.10
CA ALA A 55 9.14 -0.74 1.00
C ALA A 55 10.53 -0.45 0.45
N GLN A 56 11.37 0.12 1.30
CA GLN A 56 12.73 0.45 0.90
C GLN A 56 13.73 -0.37 1.72
N VAL A 57 14.95 -0.42 1.20
CA VAL A 57 16.01 -1.17 1.87
C VAL A 57 16.88 -0.19 2.67
N GLY A 58 17.17 -0.60 3.90
CA GLY A 58 17.99 0.23 4.78
C GLY A 58 17.70 1.72 4.56
N VAL A 59 18.55 2.33 3.75
CA VAL A 59 18.39 3.75 3.46
C VAL A 59 16.92 4.05 3.16
N VAL A 60 16.34 4.91 3.98
CA VAL A 60 14.94 5.29 3.81
C VAL A 60 14.85 6.80 3.60
N GLY A 61 15.09 7.20 2.36
CA GLY A 61 15.03 8.61 2.01
C GLY A 61 15.04 8.80 0.48
N GLU A 62 14.72 10.01 0.07
CA GLU A 62 14.69 10.34 -1.35
C GLU A 62 15.94 9.80 -2.04
N GLY A 63 15.89 9.81 -3.37
CA GLY A 63 17.02 9.33 -4.16
C GLY A 63 16.82 7.86 -4.55
N GLU A 64 16.51 7.05 -3.55
CA GLU A 64 16.29 5.63 -3.78
C GLU A 64 14.93 5.39 -4.43
N GLU A 65 14.66 4.13 -4.73
CA GLU A 65 13.40 3.76 -5.36
C GLU A 65 12.58 2.89 -4.42
N TRP A 66 11.28 2.88 -4.66
CA TRP A 66 10.37 2.09 -3.84
C TRP A 66 9.73 1.03 -4.73
N LEU A 67 9.96 -0.23 -4.37
CA LEU A 67 9.41 -1.34 -5.13
C LEU A 67 8.31 -2.02 -4.30
N LEU A 68 7.44 -2.73 -5.00
CA LEU A 68 6.34 -3.43 -4.35
C LEU A 68 6.90 -4.66 -3.62
N ILE A 69 6.21 -5.02 -2.54
CA ILE A 69 6.62 -6.16 -1.75
C ILE A 69 5.39 -6.99 -1.40
N HIS A 70 4.33 -6.30 -1.00
CA HIS A 70 3.09 -6.96 -0.63
C HIS A 70 1.92 -6.27 -1.32
N GLN A 71 0.98 -7.08 -1.78
CA GLN A 71 -0.19 -6.56 -2.46
C GLN A 71 -1.41 -7.46 -2.19
N LEU A 72 -2.47 -6.82 -1.71
CA LEU A 72 -3.69 -7.54 -1.40
C LEU A 72 -4.72 -7.29 -2.50
N SER A 73 -4.97 -8.33 -3.29
CA SER A 73 -5.93 -8.23 -4.37
C SER A 73 -7.26 -8.84 -3.96
N ASN A 74 -8.33 -8.25 -4.47
CA ASN A 74 -9.68 -8.73 -4.15
C ASN A 74 -9.85 -8.75 -2.63
N GLU A 75 -10.02 -7.57 -2.06
CA GLU A 75 -10.20 -7.44 -0.63
C GLU A 75 -10.28 -5.97 -0.23
N PRO A 76 -11.36 -5.29 -0.71
CA PRO A 76 -11.56 -3.89 -0.42
C PRO A 76 -12.05 -3.69 1.02
N ASP A 77 -12.20 -4.80 1.71
CA ASP A 77 -12.66 -4.78 3.09
C ASP A 77 -11.54 -5.28 4.00
N ALA A 78 -10.35 -4.72 3.80
CA ALA A 78 -9.20 -5.11 4.59
C ALA A 78 -8.55 -3.85 5.18
N ARG A 79 -8.92 -3.56 6.42
CA ARG A 79 -8.39 -2.39 7.10
C ARG A 79 -6.88 -2.52 7.26
N SER A 80 -6.44 -3.76 7.48
CA SER A 80 -5.02 -4.03 7.65
C SER A 80 -4.66 -5.37 7.01
N MET A 81 -3.36 -5.61 6.91
CA MET A 81 -2.88 -6.85 6.31
C MET A 81 -1.42 -7.10 6.68
N GLU A 82 -1.01 -8.35 6.54
CA GLU A 82 0.36 -8.73 6.85
C GLU A 82 1.26 -8.52 5.63
N VAL A 83 2.49 -8.10 5.91
CA VAL A 83 3.44 -7.86 4.85
C VAL A 83 4.60 -8.86 4.98
N PRO A 84 4.46 -10.00 4.24
CA PRO A 84 5.47 -11.03 4.26
C PRO A 84 6.71 -10.62 3.46
N ASP A 85 7.62 -11.57 3.30
CA ASP A 85 8.84 -11.30 2.56
C ASP A 85 9.47 -10.00 3.05
N LEU A 86 9.93 -10.04 4.29
CA LEU A 86 10.56 -8.88 4.89
C LEU A 86 12.00 -9.22 5.28
N ASN A 87 12.84 -8.20 5.26
CA ASN A 87 14.24 -8.38 5.60
C ASN A 87 14.43 -8.22 7.11
N PRO A 88 14.84 -9.33 7.76
CA PRO A 88 15.05 -9.33 9.20
C PRO A 88 16.34 -8.58 9.56
N PHE A 89 16.37 -8.08 10.79
CA PHE A 89 17.53 -7.35 11.27
C PHE A 89 17.98 -6.29 10.25
N THR A 90 16.99 -5.62 9.68
CA THR A 90 17.27 -4.59 8.69
C THR A 90 16.21 -3.48 8.78
N CYS A 91 16.69 -2.25 8.74
CA CYS A 91 15.81 -1.10 8.80
C CYS A 91 15.12 -0.94 7.45
N TYR A 92 13.80 -1.10 7.48
CA TYR A 92 13.01 -0.99 6.26
C TYR A 92 11.75 -0.17 6.51
N SER A 93 11.17 0.31 5.42
CA SER A 93 9.96 1.12 5.50
C SER A 93 8.82 0.44 4.74
N PHE A 94 7.63 1.01 4.87
CA PHE A 94 6.46 0.47 4.20
C PHE A 94 5.42 1.56 3.94
N ARG A 95 4.75 1.43 2.80
CA ARG A 95 3.73 2.39 2.44
C ARG A 95 2.45 1.67 1.97
N MET A 96 1.55 2.45 1.39
CA MET A 96 0.30 1.90 0.90
C MET A 96 -0.10 2.55 -0.42
N ARG A 97 -0.96 1.84 -1.15
CA ARG A 97 -1.43 2.34 -2.43
C ARG A 97 -2.78 1.70 -2.79
N GLN A 98 -3.58 2.46 -3.53
CA GLN A 98 -4.89 1.97 -3.94
C GLN A 98 -4.94 1.82 -5.46
N VAL A 99 -5.59 0.75 -5.89
CA VAL A 99 -5.72 0.47 -7.31
C VAL A 99 -7.18 0.18 -7.64
N ASN A 100 -7.69 0.90 -8.64
CA ASN A 100 -9.07 0.73 -9.06
C ASN A 100 -9.13 0.68 -10.60
N ILE A 101 -10.34 0.52 -11.10
CA ILE A 101 -10.54 0.45 -12.53
C ILE A 101 -9.96 1.71 -13.19
N VAL A 102 -9.75 2.72 -12.37
CA VAL A 102 -9.20 3.98 -12.85
C VAL A 102 -7.69 3.82 -13.03
N GLY A 103 -6.99 3.75 -11.92
CA GLY A 103 -5.55 3.61 -11.95
C GLY A 103 -4.98 3.44 -10.54
N THR A 104 -3.67 3.59 -10.43
CA THR A 104 -3.00 3.46 -9.15
C THR A 104 -2.60 4.83 -8.61
N SER A 105 -3.03 5.11 -7.39
CA SER A 105 -2.73 6.37 -6.75
C SER A 105 -1.24 6.44 -6.41
N PRO A 106 -0.81 7.65 -5.94
CA PRO A 106 0.58 7.85 -5.58
C PRO A 106 0.90 7.18 -4.24
N PRO A 107 2.22 7.21 -3.88
CA PRO A 107 2.67 6.62 -2.63
C PRO A 107 2.28 7.49 -1.43
N SER A 108 1.85 6.82 -0.38
CA SER A 108 1.45 7.52 0.84
C SER A 108 2.64 7.60 1.81
N GLN A 109 2.56 8.57 2.70
CA GLN A 109 3.62 8.77 3.68
C GLN A 109 4.07 7.42 4.24
N PRO A 110 5.43 7.25 4.29
CA PRO A 110 6.01 6.01 4.79
C PRO A 110 5.90 5.94 6.31
N SER A 111 5.93 4.71 6.82
CA SER A 111 5.83 4.49 8.25
C SER A 111 7.20 4.75 8.91
N ARG A 112 7.17 4.89 10.22
CA ARG A 112 8.38 5.14 10.98
C ARG A 112 9.35 3.98 10.82
N LYS A 113 10.61 4.24 11.17
CA LYS A 113 11.65 3.23 11.06
C LYS A 113 11.47 2.20 12.18
N ILE A 114 11.57 0.94 11.80
CA ILE A 114 11.42 -0.14 12.77
C ILE A 114 12.54 -1.16 12.56
N GLN A 115 12.53 -2.19 13.41
CA GLN A 115 13.54 -3.23 13.32
C GLN A 115 12.87 -4.61 13.32
N THR A 116 13.09 -5.33 12.23
CA THR A 116 12.51 -6.66 12.09
C THR A 116 13.26 -7.65 12.98
N LEU A 117 12.50 -8.59 13.53
CA LEU A 117 13.07 -9.61 14.39
C LEU A 117 14.10 -10.42 13.61
N GLN A 118 14.82 -11.27 14.33
CA GLN A 118 15.84 -12.10 13.73
C GLN A 118 15.22 -13.39 13.21
N SER A 119 15.76 -13.88 12.09
CA SER A 119 15.27 -15.10 11.49
C SER A 119 16.11 -16.29 11.95
N GLY A 120 15.60 -16.98 12.96
CA GLY A 120 16.29 -18.14 13.51
C GLY A 120 15.98 -18.30 15.00
N PRO A 121 16.72 -19.26 15.64
CA PRO A 121 16.54 -19.53 17.06
C PRO A 121 17.18 -18.42 17.90
N SER A 122 16.42 -17.96 18.88
CA SER A 122 16.90 -16.91 19.77
C SER A 122 15.88 -16.65 20.88
N SER A 123 15.90 -17.51 21.88
CA SER A 123 15.00 -17.39 23.00
C SER A 123 15.73 -17.69 24.31
N GLY A 124 15.22 -17.11 25.38
CA GLY A 124 15.81 -17.30 26.69
C GLY A 124 16.98 -16.34 26.91
N GLY A 1 -34.59 18.20 -30.73
CA GLY A 1 -34.12 19.21 -31.66
C GLY A 1 -33.31 18.58 -32.78
N SER A 2 -33.12 19.35 -33.85
CA SER A 2 -32.38 18.87 -35.00
C SER A 2 -30.89 19.23 -34.83
N SER A 3 -30.06 18.49 -35.54
CA SER A 3 -28.62 18.71 -35.47
C SER A 3 -28.13 18.59 -34.04
N GLY A 4 -27.80 17.36 -33.66
CA GLY A 4 -27.32 17.09 -32.31
C GLY A 4 -28.49 16.80 -31.37
N SER A 5 -28.18 16.01 -30.34
CA SER A 5 -29.19 15.64 -29.36
C SER A 5 -28.60 15.73 -27.96
N SER A 6 -29.30 16.47 -27.10
CA SER A 6 -28.86 16.64 -25.73
C SER A 6 -29.10 15.35 -24.93
N GLY A 7 -28.08 14.97 -24.18
CA GLY A 7 -28.16 13.76 -23.38
C GLY A 7 -29.12 13.95 -22.20
N THR A 8 -29.57 12.83 -21.66
CA THR A 8 -30.50 12.86 -20.55
C THR A 8 -29.74 12.65 -19.22
N ILE A 9 -29.43 13.75 -18.58
CA ILE A 9 -28.71 13.71 -17.31
C ILE A 9 -27.58 12.70 -17.42
N SER A 10 -27.05 12.31 -16.26
CA SER A 10 -25.96 11.35 -16.21
C SER A 10 -26.50 9.94 -16.42
N SER A 11 -25.65 9.09 -16.98
CA SER A 11 -26.02 7.71 -17.24
C SER A 11 -24.94 6.77 -16.70
N GLY A 12 -23.72 6.98 -17.18
CA GLY A 12 -22.60 6.16 -16.76
C GLY A 12 -21.45 7.03 -16.24
N VAL A 13 -21.57 7.44 -14.99
CA VAL A 13 -20.55 8.27 -14.38
C VAL A 13 -19.26 7.47 -14.24
N PRO A 14 -18.16 8.04 -14.80
CA PRO A 14 -16.86 7.39 -14.75
C PRO A 14 -16.25 7.50 -13.35
N PRO A 15 -15.48 6.45 -12.98
CA PRO A 15 -14.83 6.42 -11.68
C PRO A 15 -13.62 7.36 -11.63
N GLU A 16 -13.17 7.65 -10.43
CA GLU A 16 -12.03 8.54 -10.24
C GLU A 16 -10.94 7.84 -9.44
N LEU A 17 -9.82 8.53 -9.30
CA LEU A 17 -8.69 7.98 -8.56
C LEU A 17 -8.93 8.15 -7.06
N PRO A 18 -8.36 7.22 -6.27
CA PRO A 18 -8.51 7.25 -4.82
C PRO A 18 -7.64 8.36 -4.21
N GLY A 19 -7.40 8.23 -2.92
CA GLY A 19 -6.59 9.21 -2.21
C GLY A 19 -5.55 8.52 -1.33
N PRO A 20 -4.61 9.34 -0.80
CA PRO A 20 -3.56 8.82 0.06
C PRO A 20 -4.09 8.49 1.45
N PRO A 21 -4.01 7.18 1.81
CA PRO A 21 -4.48 6.71 3.10
C PRO A 21 -3.51 7.12 4.22
N THR A 22 -4.09 7.60 5.31
CA THR A 22 -3.29 8.02 6.45
C THR A 22 -3.47 7.04 7.62
N ASN A 23 -3.02 7.48 8.78
CA ASN A 23 -3.13 6.67 9.98
C ASN A 23 -2.32 5.39 9.79
N LEU A 24 -1.25 5.51 9.02
CA LEU A 24 -0.38 4.38 8.74
C LEU A 24 0.39 4.01 10.02
N GLY A 25 0.24 2.76 10.43
CA GLY A 25 0.91 2.27 11.62
C GLY A 25 1.65 0.96 11.34
N ILE A 26 2.59 0.65 12.21
CA ILE A 26 3.37 -0.57 12.07
C ILE A 26 3.41 -1.29 13.42
N SER A 27 2.74 -2.44 13.46
CA SER A 27 2.70 -3.23 14.68
C SER A 27 2.93 -4.70 14.35
N ASN A 28 3.12 -5.49 15.39
CA ASN A 28 3.35 -6.92 15.23
C ASN A 28 4.50 -7.12 14.23
N ILE A 29 5.61 -6.45 14.51
CA ILE A 29 6.78 -6.56 13.65
C ILE A 29 7.46 -7.91 13.89
N GLY A 30 7.18 -8.84 12.98
CA GLY A 30 7.76 -10.17 13.08
C GLY A 30 9.15 -10.21 12.47
N PRO A 31 9.63 -11.46 12.20
CA PRO A 31 10.95 -11.65 11.61
C PRO A 31 10.95 -11.27 10.12
N ARG A 32 10.02 -11.89 9.40
CA ARG A 32 9.91 -11.63 7.97
C ARG A 32 8.46 -11.27 7.61
N SER A 33 7.71 -10.90 8.63
CA SER A 33 6.31 -10.53 8.44
C SER A 33 5.89 -9.53 9.52
N VAL A 34 5.17 -8.51 9.08
CA VAL A 34 4.69 -7.48 9.99
C VAL A 34 3.29 -7.04 9.55
N THR A 35 2.53 -6.54 10.53
CA THR A 35 1.18 -6.08 10.26
C THR A 35 1.19 -4.57 9.96
N LEU A 36 0.46 -4.20 8.92
CA LEU A 36 0.37 -2.81 8.53
C LEU A 36 -1.09 -2.35 8.62
N GLN A 37 -1.30 -1.33 9.43
CA GLN A 37 -2.63 -0.79 9.62
C GLN A 37 -2.77 0.55 8.89
N PHE A 38 -3.95 0.75 8.30
CA PHE A 38 -4.22 1.97 7.56
C PHE A 38 -5.72 2.22 7.45
N ARG A 39 -6.07 3.21 6.63
CA ARG A 39 -7.46 3.55 6.43
C ARG A 39 -7.66 4.13 5.03
N PRO A 40 -8.69 3.59 4.32
CA PRO A 40 -9.00 4.05 2.98
C PRO A 40 -9.68 5.42 3.00
N GLY A 41 -8.89 6.45 2.74
CA GLY A 41 -9.40 7.81 2.74
C GLY A 41 -10.53 7.96 1.72
N TYR A 42 -10.13 7.99 0.45
CA TYR A 42 -11.10 8.13 -0.63
C TYR A 42 -10.95 7.01 -1.66
N ASP A 43 -11.83 6.02 -1.54
CA ASP A 43 -11.80 4.89 -2.45
C ASP A 43 -11.80 5.40 -3.89
N GLY A 44 -12.62 6.40 -4.13
CA GLY A 44 -12.73 6.99 -5.46
C GLY A 44 -14.04 6.57 -6.13
N LYS A 45 -15.06 6.38 -5.31
CA LYS A 45 -16.36 5.98 -5.81
C LYS A 45 -16.25 4.58 -6.44
N THR A 46 -15.37 3.78 -5.87
CA THR A 46 -15.17 2.43 -6.35
C THR A 46 -14.20 1.67 -5.44
N SER A 47 -14.67 0.54 -4.94
CA SER A 47 -13.86 -0.28 -4.06
C SER A 47 -12.47 -0.50 -4.67
N ILE A 48 -11.52 -0.78 -3.81
CA ILE A 48 -10.14 -1.01 -4.25
C ILE A 48 -10.05 -2.40 -4.89
N SER A 49 -9.31 -2.46 -5.97
CA SER A 49 -9.12 -3.71 -6.69
C SER A 49 -7.94 -4.49 -6.10
N ARG A 50 -6.96 -3.73 -5.65
CA ARG A 50 -5.76 -4.33 -5.06
C ARG A 50 -4.97 -3.27 -4.29
N TRP A 51 -4.49 -3.67 -3.12
CA TRP A 51 -3.71 -2.77 -2.28
C TRP A 51 -2.24 -3.08 -2.51
N LEU A 52 -1.49 -2.04 -2.86
CA LEU A 52 -0.07 -2.18 -3.10
C LEU A 52 0.71 -1.79 -1.85
N VAL A 53 1.81 -2.49 -1.62
CA VAL A 53 2.64 -2.22 -0.46
C VAL A 53 4.10 -2.19 -0.89
N GLU A 54 4.65 -0.98 -0.94
CA GLU A 54 6.04 -0.79 -1.33
C GLU A 54 6.92 -0.59 -0.09
N ALA A 55 8.21 -0.82 -0.27
CA ALA A 55 9.16 -0.66 0.82
C ALA A 55 10.56 -0.42 0.23
N GLN A 56 11.42 0.13 1.06
CA GLN A 56 12.79 0.42 0.65
C GLN A 56 13.77 -0.35 1.54
N VAL A 57 14.80 -0.89 0.91
CA VAL A 57 15.83 -1.63 1.61
C VAL A 57 16.75 -0.65 2.34
N GLY A 58 17.04 -0.97 3.59
CA GLY A 58 17.91 -0.13 4.39
C GLY A 58 17.69 1.35 4.08
N VAL A 59 18.54 1.88 3.21
CA VAL A 59 18.45 3.27 2.82
C VAL A 59 16.98 3.64 2.61
N VAL A 60 16.54 4.65 3.36
CA VAL A 60 15.17 5.11 3.27
C VAL A 60 15.15 6.61 2.94
N GLY A 61 15.24 6.90 1.66
CA GLY A 61 15.23 8.28 1.20
C GLY A 61 14.33 8.45 -0.02
N GLU A 62 14.70 9.41 -0.85
CA GLU A 62 13.94 9.69 -2.06
C GLU A 62 14.71 9.25 -3.30
N GLY A 63 15.95 9.71 -3.38
CA GLY A 63 16.81 9.37 -4.50
C GLY A 63 16.61 7.92 -4.93
N GLU A 64 16.46 7.07 -3.93
CA GLU A 64 16.25 5.65 -4.19
C GLU A 64 14.81 5.39 -4.62
N GLU A 65 14.64 4.36 -5.44
CA GLU A 65 13.32 3.99 -5.92
C GLU A 65 12.63 3.06 -4.93
N TRP A 66 11.31 2.98 -5.07
CA TRP A 66 10.52 2.13 -4.19
C TRP A 66 9.92 1.00 -5.04
N LEU A 67 10.00 -0.20 -4.51
CA LEU A 67 9.47 -1.37 -5.21
C LEU A 67 8.37 -2.00 -4.36
N LEU A 68 7.55 -2.81 -5.03
CA LEU A 68 6.45 -3.48 -4.35
C LEU A 68 7.01 -4.68 -3.57
N ILE A 69 6.28 -5.04 -2.51
CA ILE A 69 6.69 -6.16 -1.69
C ILE A 69 5.47 -7.03 -1.39
N HIS A 70 4.38 -6.37 -1.04
CA HIS A 70 3.14 -7.07 -0.73
C HIS A 70 1.97 -6.38 -1.44
N GLN A 71 1.13 -7.21 -2.05
CA GLN A 71 -0.03 -6.70 -2.76
C GLN A 71 -1.26 -7.56 -2.47
N LEU A 72 -2.30 -6.91 -1.96
CA LEU A 72 -3.53 -7.61 -1.62
C LEU A 72 -4.58 -7.29 -2.70
N SER A 73 -4.94 -8.33 -3.44
CA SER A 73 -5.93 -8.19 -4.50
C SER A 73 -7.28 -8.70 -4.01
N ASN A 74 -8.33 -8.27 -4.71
CA ASN A 74 -9.68 -8.68 -4.36
C ASN A 74 -9.81 -8.73 -2.84
N GLU A 75 -10.05 -7.56 -2.26
CA GLU A 75 -10.20 -7.47 -0.82
C GLU A 75 -10.24 -6.00 -0.38
N PRO A 76 -11.33 -5.29 -0.82
CA PRO A 76 -11.49 -3.90 -0.49
C PRO A 76 -11.93 -3.72 0.97
N ASP A 77 -12.05 -4.85 1.64
CA ASP A 77 -12.45 -4.84 3.05
C ASP A 77 -11.30 -5.36 3.91
N ALA A 78 -10.12 -4.80 3.67
CA ALA A 78 -8.95 -5.21 4.42
C ALA A 78 -8.26 -3.95 4.98
N ARG A 79 -8.69 -3.57 6.17
CA ARG A 79 -8.13 -2.40 6.83
C ARG A 79 -6.65 -2.61 7.11
N SER A 80 -6.29 -3.87 7.32
CA SER A 80 -4.91 -4.23 7.60
C SER A 80 -4.56 -5.57 6.94
N MET A 81 -3.27 -5.85 6.91
CA MET A 81 -2.80 -7.10 6.32
C MET A 81 -1.34 -7.36 6.69
N GLU A 82 -0.94 -8.62 6.55
CA GLU A 82 0.41 -9.01 6.86
C GLU A 82 1.33 -8.78 5.66
N VAL A 83 2.54 -8.34 5.95
CA VAL A 83 3.51 -8.07 4.91
C VAL A 83 4.67 -9.06 5.04
N PRO A 84 4.56 -10.18 4.29
CA PRO A 84 5.60 -11.20 4.31
C PRO A 84 6.84 -10.76 3.53
N ASP A 85 7.77 -11.68 3.38
CA ASP A 85 9.00 -11.39 2.65
C ASP A 85 9.60 -10.09 3.18
N LEU A 86 10.06 -10.14 4.42
CA LEU A 86 10.66 -8.99 5.05
C LEU A 86 12.08 -9.34 5.51
N ASN A 87 12.95 -8.34 5.45
CA ASN A 87 14.33 -8.53 5.85
C ASN A 87 14.46 -8.31 7.36
N PRO A 88 14.88 -9.40 8.06
CA PRO A 88 15.04 -9.34 9.50
C PRO A 88 16.31 -8.56 9.88
N PHE A 89 16.29 -8.01 11.08
CA PHE A 89 17.42 -7.24 11.57
C PHE A 89 17.90 -6.23 10.52
N THR A 90 16.92 -5.58 9.90
CA THR A 90 17.24 -4.58 8.88
C THR A 90 16.19 -3.46 8.89
N CYS A 91 16.68 -2.24 8.76
CA CYS A 91 15.80 -1.08 8.76
C CYS A 91 15.07 -1.03 7.41
N TYR A 92 13.75 -1.14 7.48
CA TYR A 92 12.94 -1.10 6.28
C TYR A 92 11.70 -0.22 6.48
N SER A 93 11.16 0.25 5.36
CA SER A 93 9.99 1.10 5.40
C SER A 93 8.84 0.44 4.63
N PHE A 94 7.67 1.06 4.73
CA PHE A 94 6.49 0.54 4.06
C PHE A 94 5.47 1.66 3.82
N ARG A 95 4.83 1.59 2.66
CA ARG A 95 3.83 2.58 2.30
C ARG A 95 2.53 1.89 1.90
N MET A 96 1.64 2.67 1.30
CA MET A 96 0.35 2.16 0.88
C MET A 96 -0.01 2.69 -0.51
N ARG A 97 -0.96 2.00 -1.14
CA ARG A 97 -1.41 2.40 -2.47
C ARG A 97 -2.73 1.69 -2.81
N GLN A 98 -3.58 2.41 -3.52
CA GLN A 98 -4.87 1.87 -3.92
C GLN A 98 -4.94 1.74 -5.44
N VAL A 99 -5.70 0.75 -5.88
CA VAL A 99 -5.86 0.50 -7.30
C VAL A 99 -7.34 0.25 -7.61
N ASN A 100 -7.85 1.02 -8.56
CA ASN A 100 -9.24 0.88 -8.96
C ASN A 100 -9.33 0.81 -10.48
N ILE A 101 -10.56 0.68 -10.97
CA ILE A 101 -10.79 0.60 -12.40
C ILE A 101 -10.19 1.84 -13.08
N VAL A 102 -9.94 2.86 -12.27
CA VAL A 102 -9.37 4.09 -12.78
C VAL A 102 -7.86 3.92 -12.93
N GLY A 103 -7.18 3.94 -11.80
CA GLY A 103 -5.73 3.80 -11.78
C GLY A 103 -5.21 3.56 -10.37
N THR A 104 -3.97 3.98 -10.15
CA THR A 104 -3.34 3.82 -8.85
C THR A 104 -2.96 5.18 -8.27
N SER A 105 -3.45 5.43 -7.05
CA SER A 105 -3.16 6.68 -6.39
C SER A 105 -1.66 6.87 -6.22
N PRO A 106 -1.27 8.08 -5.75
CA PRO A 106 0.13 8.40 -5.55
C PRO A 106 0.68 7.71 -4.29
N PRO A 107 2.03 7.77 -4.15
CA PRO A 107 2.68 7.14 -3.00
C PRO A 107 2.47 7.99 -1.74
N SER A 108 2.17 7.29 -0.65
CA SER A 108 1.95 7.97 0.62
C SER A 108 3.24 8.00 1.43
N GLN A 109 3.16 8.62 2.60
CA GLN A 109 4.32 8.73 3.48
C GLN A 109 4.61 7.38 4.13
N PRO A 110 5.92 7.13 4.39
CA PRO A 110 6.34 5.89 5.02
C PRO A 110 6.01 5.90 6.52
N SER A 111 5.82 4.70 7.05
CA SER A 111 5.49 4.55 8.46
C SER A 111 6.78 4.62 9.30
N ARG A 112 6.60 5.03 10.55
CA ARG A 112 7.72 5.15 11.46
C ARG A 112 8.71 4.00 11.23
N LYS A 113 9.98 4.31 11.41
CA LYS A 113 11.03 3.33 11.23
C LYS A 113 10.85 2.21 12.26
N ILE A 114 11.02 0.98 11.80
CA ILE A 114 10.89 -0.18 12.67
C ILE A 114 12.14 -1.05 12.55
N GLN A 115 12.09 -2.19 13.21
CA GLN A 115 13.20 -3.12 13.20
C GLN A 115 12.70 -4.57 13.23
N THR A 116 12.84 -5.23 12.09
CA THR A 116 12.40 -6.61 11.98
C THR A 116 13.16 -7.50 12.97
N LEU A 117 12.50 -8.58 13.38
CA LEU A 117 13.10 -9.51 14.32
C LEU A 117 14.29 -10.20 13.65
N GLN A 118 14.93 -11.07 14.42
CA GLN A 118 16.09 -11.80 13.92
C GLN A 118 15.66 -13.17 13.39
N SER A 119 16.28 -13.57 12.29
CA SER A 119 15.98 -14.85 11.68
C SER A 119 16.90 -15.93 12.23
N GLY A 120 16.29 -16.87 12.93
CA GLY A 120 17.04 -17.97 13.53
C GLY A 120 16.10 -18.96 14.22
N PRO A 121 16.72 -19.85 15.04
CA PRO A 121 15.96 -20.86 15.76
C PRO A 121 15.21 -20.23 16.94
N SER A 122 13.88 -20.28 16.86
CA SER A 122 13.05 -19.72 17.90
C SER A 122 12.37 -20.84 18.69
N SER A 123 12.03 -20.54 19.93
CA SER A 123 11.38 -21.51 20.79
C SER A 123 10.80 -20.82 22.02
N GLY A 124 9.48 -20.73 22.04
CA GLY A 124 8.78 -20.08 23.15
C GLY A 124 9.41 -18.72 23.47
N GLY A 1 -0.61 10.89 -13.72
CA GLY A 1 -1.60 10.30 -14.60
C GLY A 1 -1.61 10.99 -15.97
N SER A 2 -2.28 12.12 -16.02
CA SER A 2 -2.38 12.89 -17.25
C SER A 2 -2.97 12.02 -18.36
N SER A 3 -4.24 12.24 -18.63
CA SER A 3 -4.93 11.48 -19.67
C SER A 3 -6.31 12.07 -19.91
N GLY A 4 -6.94 11.62 -20.97
CA GLY A 4 -8.28 12.08 -21.32
C GLY A 4 -8.71 11.53 -22.68
N SER A 5 -10.00 11.64 -22.94
CA SER A 5 -10.56 11.15 -24.19
C SER A 5 -11.89 11.85 -24.48
N SER A 6 -12.36 11.68 -25.71
CA SER A 6 -13.62 12.29 -26.12
C SER A 6 -14.45 11.27 -26.91
N GLY A 7 -15.74 11.23 -26.60
CA GLY A 7 -16.64 10.32 -27.29
C GLY A 7 -18.05 10.91 -27.36
N THR A 8 -18.88 10.28 -28.19
CA THR A 8 -20.24 10.72 -28.37
C THR A 8 -21.22 9.72 -27.74
N ILE A 9 -21.03 9.50 -26.44
CA ILE A 9 -21.88 8.57 -25.71
C ILE A 9 -22.37 9.25 -24.43
N SER A 10 -21.43 9.53 -23.54
CA SER A 10 -21.76 10.17 -22.28
C SER A 10 -22.86 9.38 -21.56
N SER A 11 -22.43 8.35 -20.85
CA SER A 11 -23.37 7.51 -20.12
C SER A 11 -22.68 6.94 -18.87
N GLY A 12 -23.43 6.97 -17.77
CA GLY A 12 -22.91 6.47 -16.51
C GLY A 12 -21.75 7.33 -16.02
N VAL A 13 -21.81 7.65 -14.73
CA VAL A 13 -20.77 8.47 -14.12
C VAL A 13 -19.50 7.64 -13.97
N PRO A 14 -18.40 8.15 -14.58
CA PRO A 14 -17.12 7.46 -14.53
C PRO A 14 -16.47 7.63 -13.16
N PRO A 15 -15.71 6.58 -12.74
CA PRO A 15 -15.04 6.60 -11.46
C PRO A 15 -13.81 7.51 -11.50
N GLU A 16 -13.38 7.95 -10.32
CA GLU A 16 -12.23 8.82 -10.21
C GLU A 16 -11.07 8.08 -9.53
N LEU A 17 -9.98 8.80 -9.34
CA LEU A 17 -8.81 8.24 -8.72
C LEU A 17 -8.95 8.35 -7.19
N PRO A 18 -8.28 7.40 -6.49
CA PRO A 18 -8.33 7.37 -5.03
C PRO A 18 -7.45 8.48 -4.44
N GLY A 19 -7.17 8.35 -3.15
CA GLY A 19 -6.36 9.32 -2.45
C GLY A 19 -5.35 8.63 -1.53
N PRO A 20 -4.39 9.45 -1.01
CA PRO A 20 -3.38 8.93 -0.12
C PRO A 20 -3.96 8.67 1.28
N PRO A 21 -3.86 7.37 1.70
CA PRO A 21 -4.37 6.97 3.01
C PRO A 21 -3.44 7.44 4.12
N THR A 22 -4.02 7.60 5.30
CA THR A 22 -3.26 8.04 6.46
C THR A 22 -3.40 7.04 7.61
N ASN A 23 -2.97 7.48 8.78
CA ASN A 23 -3.06 6.64 9.97
C ASN A 23 -2.23 5.37 9.75
N LEU A 24 -1.18 5.52 8.95
CA LEU A 24 -0.30 4.40 8.65
C LEU A 24 0.49 4.03 9.91
N GLY A 25 0.46 2.74 10.23
CA GLY A 25 1.17 2.24 11.40
C GLY A 25 1.43 0.73 11.28
N ILE A 26 2.56 0.32 11.83
CA ILE A 26 2.95 -1.08 11.79
C ILE A 26 2.98 -1.64 13.22
N SER A 27 2.32 -2.76 13.40
CA SER A 27 2.27 -3.39 14.70
C SER A 27 2.64 -4.88 14.58
N ASN A 28 2.94 -5.47 15.72
CA ASN A 28 3.30 -6.88 15.75
C ASN A 28 4.40 -7.14 14.72
N ILE A 29 5.44 -6.33 14.79
CA ILE A 29 6.57 -6.46 13.87
C ILE A 29 7.21 -7.84 14.05
N GLY A 30 7.00 -8.70 13.07
CA GLY A 30 7.56 -10.04 13.12
C GLY A 30 8.99 -10.05 12.60
N PRO A 31 9.54 -11.28 12.43
CA PRO A 31 10.90 -11.45 11.94
C PRO A 31 10.97 -11.17 10.44
N ARG A 32 10.06 -11.78 9.71
CA ARG A 32 10.01 -11.61 8.27
C ARG A 32 8.60 -11.21 7.82
N SER A 33 7.80 -10.82 8.79
CA SER A 33 6.43 -10.41 8.52
C SER A 33 5.96 -9.42 9.58
N VAL A 34 5.11 -8.51 9.16
CA VAL A 34 4.57 -7.50 10.06
C VAL A 34 3.15 -7.12 9.61
N THR A 35 2.42 -6.50 10.53
CA THR A 35 1.06 -6.08 10.23
C THR A 35 1.02 -4.59 9.91
N LEU A 36 0.75 -4.29 8.65
CA LEU A 36 0.69 -2.91 8.19
C LEU A 36 -0.77 -2.44 8.22
N GLN A 37 -1.03 -1.53 9.14
CA GLN A 37 -2.38 -0.98 9.28
C GLN A 37 -2.52 0.30 8.47
N PHE A 38 -3.76 0.61 8.12
CA PHE A 38 -4.06 1.80 7.35
C PHE A 38 -5.55 2.07 7.29
N ARG A 39 -5.92 3.04 6.46
CA ARG A 39 -7.32 3.41 6.30
C ARG A 39 -7.54 4.10 4.96
N PRO A 40 -8.62 3.68 4.26
CA PRO A 40 -8.96 4.26 2.96
C PRO A 40 -9.56 5.65 3.14
N GLY A 41 -8.82 6.64 2.69
CA GLY A 41 -9.27 8.03 2.77
C GLY A 41 -10.34 8.32 1.72
N TYR A 42 -9.91 8.37 0.47
CA TYR A 42 -10.81 8.63 -0.63
C TYR A 42 -10.72 7.54 -1.69
N ASP A 43 -11.56 6.52 -1.51
CA ASP A 43 -11.58 5.41 -2.44
C ASP A 43 -11.67 5.95 -3.88
N GLY A 44 -12.66 6.79 -4.10
CA GLY A 44 -12.86 7.38 -5.40
C GLY A 44 -14.15 6.87 -6.04
N LYS A 45 -15.20 6.82 -5.23
CA LYS A 45 -16.49 6.36 -5.70
C LYS A 45 -16.34 4.95 -6.28
N THR A 46 -15.45 4.19 -5.66
CA THR A 46 -15.21 2.82 -6.10
C THR A 46 -14.26 2.11 -5.12
N SER A 47 -14.57 0.85 -4.85
CA SER A 47 -13.74 0.07 -3.94
C SER A 47 -12.38 -0.21 -4.57
N ILE A 48 -11.44 -0.60 -3.72
CA ILE A 48 -10.09 -0.88 -4.18
C ILE A 48 -10.04 -2.30 -4.75
N SER A 49 -9.36 -2.42 -5.88
CA SER A 49 -9.23 -3.72 -6.54
C SER A 49 -8.02 -4.47 -5.98
N ARG A 50 -7.03 -3.70 -5.54
CA ARG A 50 -5.83 -4.28 -4.98
C ARG A 50 -5.01 -3.21 -4.24
N TRP A 51 -4.52 -3.60 -3.07
CA TRP A 51 -3.73 -2.69 -2.27
C TRP A 51 -2.25 -2.99 -2.52
N LEU A 52 -1.50 -1.93 -2.77
CA LEU A 52 -0.07 -2.07 -3.04
C LEU A 52 0.72 -1.68 -1.78
N VAL A 53 1.82 -2.39 -1.57
CA VAL A 53 2.65 -2.13 -0.41
C VAL A 53 4.12 -2.12 -0.85
N GLU A 54 4.68 -0.92 -0.90
CA GLU A 54 6.07 -0.76 -1.30
C GLU A 54 6.95 -0.52 -0.08
N ALA A 55 8.24 -0.72 -0.27
CA ALA A 55 9.20 -0.53 0.81
C ALA A 55 10.60 -0.33 0.21
N GLN A 56 11.50 0.15 1.06
CA GLN A 56 12.87 0.39 0.63
C GLN A 56 13.84 -0.34 1.55
N VAL A 57 14.91 -0.85 0.94
CA VAL A 57 15.92 -1.58 1.69
C VAL A 57 16.84 -0.57 2.41
N GLY A 58 17.03 -0.81 3.69
CA GLY A 58 17.87 0.05 4.51
C GLY A 58 17.72 1.52 4.07
N VAL A 59 18.65 1.95 3.24
CA VAL A 59 18.63 3.32 2.76
C VAL A 59 17.19 3.71 2.38
N VAL A 60 16.54 4.39 3.31
CA VAL A 60 15.17 4.83 3.10
C VAL A 60 15.17 6.11 2.27
N GLY A 61 15.34 5.93 0.96
CA GLY A 61 15.36 7.06 0.04
C GLY A 61 16.76 7.26 -0.54
N GLU A 62 17.02 8.50 -0.95
CA GLU A 62 18.31 8.83 -1.53
C GLU A 62 18.51 8.10 -2.85
N GLY A 63 18.20 8.78 -3.93
CA GLY A 63 18.34 8.21 -5.26
C GLY A 63 17.91 6.74 -5.27
N GLU A 64 16.93 6.44 -4.42
CA GLU A 64 16.42 5.09 -4.31
C GLU A 64 14.95 5.04 -4.74
N GLU A 65 14.59 3.95 -5.41
CA GLU A 65 13.23 3.77 -5.88
C GLU A 65 12.44 2.92 -4.88
N TRP A 66 11.13 2.92 -5.06
CA TRP A 66 10.25 2.15 -4.19
C TRP A 66 9.63 1.03 -5.02
N LEU A 67 9.90 -0.20 -4.57
CA LEU A 67 9.39 -1.38 -5.25
C LEU A 67 8.30 -2.03 -4.39
N LEU A 68 7.44 -2.79 -5.05
CA LEU A 68 6.36 -3.47 -4.36
C LEU A 68 6.93 -4.66 -3.59
N ILE A 69 6.30 -4.94 -2.46
CA ILE A 69 6.73 -6.05 -1.62
C ILE A 69 5.53 -6.95 -1.33
N HIS A 70 4.40 -6.32 -1.02
CA HIS A 70 3.18 -7.05 -0.71
C HIS A 70 2.00 -6.34 -1.37
N GLN A 71 1.12 -7.15 -1.94
CA GLN A 71 -0.08 -6.61 -2.58
C GLN A 71 -1.28 -7.51 -2.29
N LEU A 72 -2.35 -6.86 -1.83
CA LEU A 72 -3.57 -7.59 -1.51
C LEU A 72 -4.60 -7.34 -2.61
N SER A 73 -5.18 -8.43 -3.08
CA SER A 73 -6.18 -8.35 -4.14
C SER A 73 -7.49 -8.96 -3.66
N ASN A 74 -8.59 -8.32 -4.04
CA ASN A 74 -9.90 -8.80 -3.65
C ASN A 74 -10.06 -8.70 -2.13
N GLU A 75 -10.31 -7.49 -1.67
CA GLU A 75 -10.48 -7.25 -0.25
C GLU A 75 -10.40 -5.76 0.07
N PRO A 76 -11.44 -5.02 -0.40
CA PRO A 76 -11.51 -3.59 -0.19
C PRO A 76 -11.87 -3.26 1.27
N ASP A 77 -12.40 -4.27 1.95
CA ASP A 77 -12.80 -4.11 3.33
C ASP A 77 -11.56 -4.25 4.23
N ALA A 78 -10.61 -5.05 3.77
CA ALA A 78 -9.39 -5.28 4.50
C ALA A 78 -8.76 -3.93 4.88
N ARG A 79 -8.72 -3.68 6.18
CA ARG A 79 -8.15 -2.44 6.68
C ARG A 79 -6.66 -2.63 6.98
N SER A 80 -6.30 -3.87 7.29
CA SER A 80 -4.91 -4.18 7.59
C SER A 80 -4.55 -5.56 7.04
N MET A 81 -3.26 -5.80 6.93
CA MET A 81 -2.78 -7.07 6.41
C MET A 81 -1.31 -7.28 6.76
N GLU A 82 -0.90 -8.55 6.76
CA GLU A 82 0.47 -8.89 7.08
C GLU A 82 1.35 -8.80 5.84
N VAL A 83 2.55 -8.28 6.03
CA VAL A 83 3.49 -8.12 4.94
C VAL A 83 4.69 -9.05 5.16
N PRO A 84 4.60 -10.26 4.56
CA PRO A 84 5.67 -11.24 4.68
C PRO A 84 6.88 -10.85 3.82
N ASP A 85 7.80 -11.80 3.70
CA ASP A 85 9.00 -11.57 2.91
C ASP A 85 9.66 -10.25 3.36
N LEU A 86 10.19 -10.28 4.57
CA LEU A 86 10.85 -9.10 5.12
C LEU A 86 12.24 -9.48 5.60
N ASN A 87 13.15 -8.51 5.53
CA ASN A 87 14.52 -8.73 5.95
C ASN A 87 14.63 -8.45 7.45
N PRO A 88 15.01 -9.53 8.20
CA PRO A 88 15.16 -9.41 9.64
C PRO A 88 16.45 -8.67 10.00
N PHE A 89 16.41 -7.99 11.14
CA PHE A 89 17.56 -7.24 11.60
C PHE A 89 18.02 -6.23 10.55
N THR A 90 17.04 -5.58 9.93
CA THR A 90 17.33 -4.60 8.89
C THR A 90 16.28 -3.49 8.91
N CYS A 91 16.75 -2.27 8.77
CA CYS A 91 15.87 -1.12 8.76
C CYS A 91 15.15 -1.07 7.40
N TYR A 92 13.82 -1.03 7.48
CA TYR A 92 13.01 -0.98 6.27
C TYR A 92 11.78 -0.10 6.47
N SER A 93 11.24 0.36 5.36
CA SER A 93 10.06 1.21 5.39
C SER A 93 8.90 0.55 4.65
N PHE A 94 7.74 1.19 4.73
CA PHE A 94 6.56 0.67 4.08
C PHE A 94 5.54 1.78 3.82
N ARG A 95 4.91 1.71 2.66
CA ARG A 95 3.91 2.69 2.28
C ARG A 95 2.59 2.01 1.90
N MET A 96 1.71 2.79 1.30
CA MET A 96 0.41 2.27 0.89
C MET A 96 0.02 2.80 -0.49
N ARG A 97 -0.94 2.13 -1.09
CA ARG A 97 -1.42 2.53 -2.41
C ARG A 97 -2.74 1.84 -2.73
N GLN A 98 -3.56 2.53 -3.51
CA GLN A 98 -4.86 1.99 -3.89
C GLN A 98 -4.94 1.85 -5.41
N VAL A 99 -5.61 0.78 -5.83
CA VAL A 99 -5.77 0.51 -7.25
C VAL A 99 -7.26 0.30 -7.56
N ASN A 100 -7.74 1.09 -8.51
CA ASN A 100 -9.13 1.00 -8.91
C ASN A 100 -9.22 0.97 -10.43
N ILE A 101 -10.37 0.52 -10.92
CA ILE A 101 -10.59 0.44 -12.36
C ILE A 101 -10.00 1.68 -13.03
N VAL A 102 -10.07 2.79 -12.32
CA VAL A 102 -9.55 4.05 -12.84
C VAL A 102 -8.04 3.94 -12.99
N GLY A 103 -7.36 4.00 -11.85
CA GLY A 103 -5.90 3.91 -11.84
C GLY A 103 -5.38 3.60 -10.44
N THR A 104 -4.25 4.20 -10.12
CA THR A 104 -3.64 3.99 -8.81
C THR A 104 -3.26 5.34 -8.18
N SER A 105 -3.63 5.48 -6.92
CA SER A 105 -3.33 6.70 -6.19
C SER A 105 -1.81 6.90 -6.10
N PRO A 106 -1.42 8.13 -5.66
CA PRO A 106 -0.02 8.46 -5.52
C PRO A 106 0.60 7.77 -4.29
N PRO A 107 1.95 7.82 -4.23
CA PRO A 107 2.67 7.21 -3.12
C PRO A 107 2.54 8.06 -1.85
N SER A 108 2.24 7.38 -0.75
CA SER A 108 2.09 8.06 0.52
C SER A 108 3.40 8.01 1.30
N GLN A 109 3.48 8.83 2.33
CA GLN A 109 4.67 8.90 3.16
C GLN A 109 4.94 7.53 3.79
N PRO A 110 6.24 7.33 4.16
CA PRO A 110 6.66 6.08 4.77
C PRO A 110 6.19 5.99 6.23
N SER A 111 6.11 4.76 6.72
CA SER A 111 5.68 4.53 8.09
C SER A 111 6.86 4.73 9.05
N ARG A 112 6.52 4.81 10.33
CA ARG A 112 7.54 5.00 11.36
C ARG A 112 8.64 3.95 11.21
N LYS A 113 9.87 4.38 11.48
CA LYS A 113 11.01 3.50 11.37
C LYS A 113 10.85 2.34 12.37
N ILE A 114 10.91 1.14 11.84
CA ILE A 114 10.77 -0.05 12.67
C ILE A 114 12.01 -0.94 12.50
N GLN A 115 12.04 -2.02 13.27
CA GLN A 115 13.16 -2.95 13.21
C GLN A 115 12.65 -4.38 13.32
N THR A 116 12.74 -5.09 12.19
CA THR A 116 12.30 -6.48 12.15
C THR A 116 13.05 -7.32 13.18
N LEU A 117 12.46 -8.44 13.53
CA LEU A 117 13.07 -9.34 14.50
C LEU A 117 14.19 -10.12 13.83
N GLN A 118 14.73 -11.08 14.57
CA GLN A 118 15.81 -11.90 14.05
C GLN A 118 15.26 -13.23 13.52
N SER A 119 15.81 -13.65 12.39
CA SER A 119 15.39 -14.89 11.77
C SER A 119 16.47 -15.96 11.97
N GLY A 120 17.66 -15.66 11.46
CA GLY A 120 18.77 -16.58 11.57
C GLY A 120 18.46 -17.90 10.85
N PRO A 121 19.36 -18.90 11.07
CA PRO A 121 19.20 -20.21 10.46
C PRO A 121 18.09 -21.00 11.15
N SER A 122 16.98 -21.15 10.44
CA SER A 122 15.84 -21.88 10.97
C SER A 122 15.58 -23.13 10.11
N SER A 123 15.64 -24.27 10.76
CA SER A 123 15.40 -25.53 10.08
C SER A 123 14.00 -26.06 10.40
N GLY A 124 13.18 -26.15 9.37
CA GLY A 124 11.82 -26.62 9.53
C GLY A 124 10.96 -25.61 10.29
N GLY A 1 -2.99 1.49 -16.74
CA GLY A 1 -3.06 2.94 -16.71
C GLY A 1 -2.50 3.55 -17.99
N SER A 2 -2.94 4.77 -18.26
CA SER A 2 -2.50 5.47 -19.45
C SER A 2 -2.75 6.97 -19.30
N SER A 3 -1.82 7.76 -19.82
CA SER A 3 -1.94 9.21 -19.75
C SER A 3 -2.81 9.73 -20.89
N GLY A 4 -3.38 10.90 -20.67
CA GLY A 4 -4.23 11.52 -21.66
C GLY A 4 -5.67 10.99 -21.56
N SER A 5 -6.62 11.84 -21.91
CA SER A 5 -8.02 11.48 -21.86
C SER A 5 -8.27 10.27 -22.74
N SER A 6 -8.84 9.23 -22.13
CA SER A 6 -9.14 8.01 -22.86
C SER A 6 -10.37 7.33 -22.25
N GLY A 7 -11.54 7.74 -22.72
CA GLY A 7 -12.78 7.19 -22.22
C GLY A 7 -13.95 7.55 -23.15
N THR A 8 -15.15 7.37 -22.63
CA THR A 8 -16.35 7.67 -23.40
C THR A 8 -17.53 7.93 -22.47
N ILE A 9 -18.57 8.53 -23.02
CA ILE A 9 -19.77 8.84 -22.25
C ILE A 9 -20.99 8.32 -23.00
N SER A 10 -21.90 7.72 -22.24
CA SER A 10 -23.12 7.19 -22.80
C SER A 10 -24.08 6.77 -21.69
N SER A 11 -23.61 5.87 -20.85
CA SER A 11 -24.42 5.39 -19.74
C SER A 11 -23.52 5.01 -18.56
N GLY A 12 -23.86 5.55 -17.40
CA GLY A 12 -23.10 5.29 -16.20
C GLY A 12 -21.97 6.30 -16.03
N VAL A 13 -21.73 6.67 -14.78
CA VAL A 13 -20.68 7.64 -14.47
C VAL A 13 -19.34 6.91 -14.36
N PRO A 14 -18.28 7.57 -14.90
CA PRO A 14 -16.95 7.00 -14.87
C PRO A 14 -16.34 7.09 -13.47
N PRO A 15 -15.50 6.07 -13.14
CA PRO A 15 -14.86 6.04 -11.84
C PRO A 15 -13.71 7.05 -11.78
N GLU A 16 -13.22 7.25 -10.56
CA GLU A 16 -12.12 8.19 -10.35
C GLU A 16 -11.01 7.53 -9.51
N LEU A 17 -9.92 8.26 -9.37
CA LEU A 17 -8.79 7.76 -8.61
C LEU A 17 -9.09 7.89 -7.11
N PRO A 18 -8.46 6.97 -6.32
CA PRO A 18 -8.66 6.97 -4.88
C PRO A 18 -7.89 8.12 -4.22
N GLY A 19 -7.69 7.98 -2.92
CA GLY A 19 -6.97 9.00 -2.16
C GLY A 19 -5.89 8.36 -1.28
N PRO A 20 -4.98 9.25 -0.78
CA PRO A 20 -3.89 8.78 0.07
C PRO A 20 -4.39 8.44 1.47
N PRO A 21 -4.22 7.14 1.85
CA PRO A 21 -4.66 6.68 3.16
C PRO A 21 -3.70 7.16 4.25
N THR A 22 -4.27 7.38 5.43
CA THR A 22 -3.49 7.83 6.55
C THR A 22 -3.59 6.83 7.71
N ASN A 23 -3.15 7.29 8.88
CA ASN A 23 -3.17 6.43 10.07
C ASN A 23 -2.28 5.22 9.84
N LEU A 24 -1.24 5.42 9.04
CA LEU A 24 -0.31 4.36 8.73
C LEU A 24 0.58 4.10 9.95
N GLY A 25 0.65 2.82 10.34
CA GLY A 25 1.46 2.44 11.48
C GLY A 25 1.87 0.97 11.39
N ILE A 26 3.00 0.66 11.99
CA ILE A 26 3.51 -0.70 11.99
C ILE A 26 3.25 -1.34 13.36
N SER A 27 2.72 -2.55 13.30
CA SER A 27 2.42 -3.29 14.52
C SER A 27 2.83 -4.76 14.36
N ASN A 28 2.90 -5.44 15.49
CA ASN A 28 3.27 -6.85 15.49
C ASN A 28 4.41 -7.07 14.50
N ILE A 29 5.51 -6.38 14.73
CA ILE A 29 6.66 -6.48 13.86
C ILE A 29 7.31 -7.86 14.05
N GLY A 30 7.01 -8.75 13.12
CA GLY A 30 7.55 -10.10 13.16
C GLY A 30 8.98 -10.14 12.61
N PRO A 31 9.46 -11.38 12.36
CA PRO A 31 10.80 -11.58 11.83
C PRO A 31 10.87 -11.21 10.35
N ARG A 32 10.00 -11.84 9.58
CA ARG A 32 9.94 -11.60 8.15
C ARG A 32 8.54 -11.15 7.73
N SER A 33 7.68 -11.00 8.74
CA SER A 33 6.31 -10.58 8.49
C SER A 33 5.86 -9.62 9.59
N VAL A 34 5.05 -8.65 9.18
CA VAL A 34 4.55 -7.66 10.11
C VAL A 34 3.12 -7.28 9.72
N THR A 35 2.50 -6.45 10.55
CA THR A 35 1.14 -6.00 10.30
C THR A 35 1.11 -4.51 10.01
N LEU A 36 0.56 -4.17 8.84
CA LEU A 36 0.46 -2.78 8.45
C LEU A 36 -0.99 -2.32 8.55
N GLN A 37 -1.20 -1.29 9.36
CA GLN A 37 -2.52 -0.75 9.56
C GLN A 37 -2.69 0.57 8.80
N PHE A 38 -3.91 0.81 8.35
CA PHE A 38 -4.21 2.03 7.61
C PHE A 38 -5.71 2.25 7.49
N ARG A 39 -6.08 3.23 6.68
CA ARG A 39 -7.48 3.55 6.48
C ARG A 39 -7.69 4.14 5.07
N PRO A 40 -8.68 3.56 4.35
CA PRO A 40 -8.99 4.02 3.01
C PRO A 40 -9.74 5.35 3.04
N GLY A 41 -9.02 6.42 2.74
CA GLY A 41 -9.61 7.75 2.73
C GLY A 41 -10.77 7.83 1.74
N TYR A 42 -10.40 7.95 0.47
CA TYR A 42 -11.39 8.05 -0.59
C TYR A 42 -11.18 6.95 -1.64
N ASP A 43 -12.08 5.98 -1.62
CA ASP A 43 -12.01 4.87 -2.56
C ASP A 43 -12.07 5.41 -3.99
N GLY A 44 -13.01 6.32 -4.21
CA GLY A 44 -13.18 6.92 -5.52
C GLY A 44 -14.46 6.41 -6.19
N LYS A 45 -15.42 6.03 -5.36
CA LYS A 45 -16.69 5.54 -5.85
C LYS A 45 -16.46 4.22 -6.60
N THR A 46 -15.50 3.45 -6.11
CA THR A 46 -15.16 2.18 -6.72
C THR A 46 -14.22 1.38 -5.82
N SER A 47 -14.71 0.26 -5.33
CA SER A 47 -13.91 -0.59 -4.46
C SER A 47 -12.51 -0.77 -5.05
N ILE A 48 -11.54 -0.95 -4.16
CA ILE A 48 -10.16 -1.14 -4.57
C ILE A 48 -10.00 -2.52 -5.21
N SER A 49 -9.26 -2.54 -6.30
CA SER A 49 -9.02 -3.79 -7.02
C SER A 49 -7.87 -4.55 -6.37
N ARG A 50 -6.92 -3.80 -5.84
CA ARG A 50 -5.76 -4.39 -5.20
C ARG A 50 -4.98 -3.31 -4.42
N TRP A 51 -4.52 -3.70 -3.25
CA TRP A 51 -3.76 -2.79 -2.40
C TRP A 51 -2.28 -3.07 -2.63
N LEU A 52 -1.54 -2.00 -2.90
CA LEU A 52 -0.11 -2.12 -3.14
C LEU A 52 0.64 -1.75 -1.85
N VAL A 53 1.76 -2.43 -1.65
CA VAL A 53 2.57 -2.20 -0.47
C VAL A 53 4.05 -2.19 -0.87
N GLU A 54 4.61 -0.99 -0.91
CA GLU A 54 6.02 -0.84 -1.28
C GLU A 54 6.88 -0.71 -0.02
N ALA A 55 8.19 -0.75 -0.24
CA ALA A 55 9.13 -0.64 0.87
C ALA A 55 10.54 -0.39 0.30
N GLN A 56 11.41 0.06 1.19
CA GLN A 56 12.78 0.35 0.80
C GLN A 56 13.77 -0.47 1.64
N VAL A 57 14.99 -0.58 1.13
CA VAL A 57 16.02 -1.33 1.83
C VAL A 57 16.91 -0.36 2.61
N GLY A 58 17.11 -0.68 3.88
CA GLY A 58 17.93 0.14 4.73
C GLY A 58 17.75 1.63 4.40
N VAL A 59 18.68 2.15 3.61
CA VAL A 59 18.63 3.55 3.22
C VAL A 59 17.19 3.93 2.86
N VAL A 60 16.57 4.69 3.75
CA VAL A 60 15.20 5.12 3.53
C VAL A 60 15.20 6.58 3.05
N GLY A 61 15.48 6.74 1.77
CA GLY A 61 15.51 8.07 1.18
C GLY A 61 16.14 8.03 -0.23
N GLU A 62 16.83 9.10 -0.56
CA GLU A 62 17.47 9.21 -1.86
C GLU A 62 18.51 8.10 -2.02
N GLY A 63 18.76 7.74 -3.27
CA GLY A 63 19.72 6.70 -3.58
C GLY A 63 19.03 5.36 -3.84
N GLU A 64 17.92 5.17 -3.15
CA GLU A 64 17.16 3.94 -3.29
C GLU A 64 15.77 4.24 -3.88
N GLU A 65 15.19 3.21 -4.49
CA GLU A 65 13.88 3.36 -5.09
C GLU A 65 12.81 2.71 -4.22
N TRP A 66 11.58 2.76 -4.70
CA TRP A 66 10.46 2.18 -3.97
C TRP A 66 9.78 1.15 -4.89
N LEU A 67 9.98 -0.12 -4.54
CA LEU A 67 9.39 -1.19 -5.32
C LEU A 67 8.33 -1.90 -4.47
N LEU A 68 7.47 -2.63 -5.17
CA LEU A 68 6.40 -3.36 -4.49
C LEU A 68 7.00 -4.58 -3.79
N ILE A 69 6.32 -4.97 -2.70
CA ILE A 69 6.77 -6.12 -1.93
C ILE A 69 5.57 -7.01 -1.62
N HIS A 70 4.48 -6.36 -1.22
CA HIS A 70 3.27 -7.08 -0.88
C HIS A 70 2.06 -6.36 -1.48
N GLN A 71 1.11 -7.16 -1.95
CA GLN A 71 -0.09 -6.62 -2.57
C GLN A 71 -1.30 -7.50 -2.24
N LEU A 72 -2.38 -6.85 -1.86
CA LEU A 72 -3.61 -7.56 -1.52
C LEU A 72 -4.63 -7.37 -2.64
N SER A 73 -4.92 -8.47 -3.32
CA SER A 73 -5.88 -8.45 -4.41
C SER A 73 -7.25 -8.94 -3.93
N ASN A 74 -8.29 -8.41 -4.55
CA ASN A 74 -9.65 -8.78 -4.19
C ASN A 74 -9.79 -8.77 -2.67
N GLU A 75 -10.06 -7.58 -2.14
CA GLU A 75 -10.23 -7.43 -0.71
C GLU A 75 -10.28 -5.95 -0.34
N PRO A 76 -11.37 -5.28 -0.81
CA PRO A 76 -11.56 -3.87 -0.53
C PRO A 76 -12.00 -3.64 0.91
N ASP A 77 -12.15 -4.74 1.64
CA ASP A 77 -12.55 -4.68 3.04
C ASP A 77 -11.43 -5.20 3.92
N ALA A 78 -10.24 -4.64 3.70
CA ALA A 78 -9.07 -5.03 4.47
C ALA A 78 -8.38 -3.79 5.01
N ARG A 79 -8.73 -3.43 6.23
CA ARG A 79 -8.15 -2.27 6.88
C ARG A 79 -6.67 -2.51 7.19
N SER A 80 -6.34 -3.77 7.41
CA SER A 80 -4.98 -4.15 7.71
C SER A 80 -4.65 -5.50 7.07
N MET A 81 -3.36 -5.77 6.94
CA MET A 81 -2.91 -7.01 6.35
C MET A 81 -1.45 -7.30 6.73
N GLU A 82 -1.10 -8.57 6.66
CA GLU A 82 0.25 -8.99 6.99
C GLU A 82 1.17 -8.84 5.77
N VAL A 83 2.37 -8.34 6.03
CA VAL A 83 3.34 -8.15 4.97
C VAL A 83 4.53 -9.09 5.19
N PRO A 84 4.45 -10.28 4.53
CA PRO A 84 5.51 -11.26 4.65
C PRO A 84 6.73 -10.85 3.84
N ASP A 85 7.59 -11.84 3.59
CA ASP A 85 8.81 -11.59 2.82
C ASP A 85 9.40 -10.25 3.24
N LEU A 86 9.99 -10.24 4.43
CA LEU A 86 10.60 -9.03 4.95
C LEU A 86 12.04 -9.33 5.36
N ASN A 87 12.85 -8.28 5.36
CA ASN A 87 14.26 -8.42 5.74
C ASN A 87 14.40 -8.28 7.25
N PRO A 88 14.91 -9.37 7.88
CA PRO A 88 15.10 -9.38 9.33
C PRO A 88 16.31 -8.53 9.73
N PHE A 89 16.32 -8.13 10.98
CA PHE A 89 17.39 -7.31 11.51
C PHE A 89 17.85 -6.28 10.47
N THR A 90 16.87 -5.64 9.85
CA THR A 90 17.16 -4.63 8.84
C THR A 90 16.11 -3.52 8.89
N CYS A 91 16.60 -2.29 8.84
CA CYS A 91 15.72 -1.13 8.88
C CYS A 91 15.05 -1.00 7.51
N TYR A 92 13.73 -1.16 7.52
CA TYR A 92 12.96 -1.06 6.29
C TYR A 92 11.70 -0.21 6.50
N SER A 93 11.22 0.33 5.40
CA SER A 93 10.03 1.17 5.44
C SER A 93 8.92 0.55 4.57
N PHE A 94 7.71 1.08 4.76
CA PHE A 94 6.57 0.59 4.00
C PHE A 94 5.53 1.70 3.80
N ARG A 95 4.85 1.63 2.67
CA ARG A 95 3.84 2.62 2.34
C ARG A 95 2.54 1.93 1.90
N MET A 96 1.62 2.73 1.39
CA MET A 96 0.35 2.21 0.94
C MET A 96 -0.01 2.76 -0.44
N ARG A 97 -0.96 2.09 -1.08
CA ARG A 97 -1.39 2.49 -2.40
C ARG A 97 -2.67 1.75 -2.80
N GLN A 98 -3.53 2.45 -3.52
CA GLN A 98 -4.79 1.86 -3.96
C GLN A 98 -4.80 1.74 -5.49
N VAL A 99 -5.52 0.72 -5.95
CA VAL A 99 -5.63 0.49 -7.39
C VAL A 99 -7.08 0.15 -7.73
N ASN A 100 -7.60 0.88 -8.71
CA ASN A 100 -8.97 0.68 -9.16
C ASN A 100 -9.02 0.65 -10.68
N ILE A 101 -10.22 0.48 -11.20
CA ILE A 101 -10.42 0.44 -12.64
C ILE A 101 -9.90 1.75 -13.26
N VAL A 102 -9.71 2.74 -12.39
CA VAL A 102 -9.22 4.04 -12.84
C VAL A 102 -7.71 3.96 -13.05
N GLY A 103 -6.99 3.98 -11.94
CA GLY A 103 -5.54 3.93 -11.98
C GLY A 103 -4.96 3.61 -10.60
N THR A 104 -3.67 3.90 -10.46
CA THR A 104 -2.98 3.66 -9.20
C THR A 104 -2.55 4.98 -8.57
N SER A 105 -3.19 5.30 -7.45
CA SER A 105 -2.87 6.54 -6.74
C SER A 105 -1.38 6.59 -6.43
N PRO A 106 -0.94 7.80 -5.98
CA PRO A 106 0.47 8.00 -5.65
C PRO A 106 0.81 7.34 -4.31
N PRO A 107 2.13 7.37 -3.98
CA PRO A 107 2.60 6.77 -2.74
C PRO A 107 2.24 7.65 -1.54
N SER A 108 1.80 6.99 -0.48
CA SER A 108 1.42 7.70 0.74
C SER A 108 2.59 7.72 1.71
N GLN A 109 2.49 8.62 2.68
CA GLN A 109 3.53 8.77 3.68
C GLN A 109 3.94 7.40 4.23
N PRO A 110 5.28 7.15 4.23
CA PRO A 110 5.81 5.89 4.72
C PRO A 110 5.75 5.84 6.25
N SER A 111 5.80 4.62 6.77
CA SER A 111 5.76 4.43 8.21
C SER A 111 7.13 4.73 8.82
N ARG A 112 7.14 4.89 10.13
CA ARG A 112 8.36 5.19 10.84
C ARG A 112 9.36 4.03 10.71
N LYS A 113 10.60 4.31 11.06
CA LYS A 113 11.64 3.30 10.97
C LYS A 113 11.43 2.27 12.08
N ILE A 114 11.25 1.03 11.65
CA ILE A 114 11.03 -0.06 12.60
C ILE A 114 12.13 -1.10 12.43
N GLN A 115 12.22 -2.00 13.40
CA GLN A 115 13.22 -3.05 13.37
C GLN A 115 12.56 -4.42 13.40
N THR A 116 12.85 -5.22 12.39
CA THR A 116 12.28 -6.56 12.30
C THR A 116 13.07 -7.53 13.18
N LEU A 117 12.38 -8.58 13.60
CA LEU A 117 13.00 -9.58 14.46
C LEU A 117 14.07 -10.34 13.66
N GLN A 118 14.74 -11.24 14.34
CA GLN A 118 15.79 -12.03 13.71
C GLN A 118 15.18 -13.11 12.81
N SER A 119 16.04 -13.77 12.06
CA SER A 119 15.61 -14.83 11.15
C SER A 119 15.79 -16.19 11.81
N GLY A 120 14.67 -16.84 12.08
CA GLY A 120 14.69 -18.15 12.70
C GLY A 120 13.65 -18.25 13.83
N PRO A 121 13.44 -19.50 14.31
CA PRO A 121 12.48 -19.73 15.38
C PRO A 121 13.04 -19.26 16.73
N SER A 122 12.16 -19.23 17.71
CA SER A 122 12.54 -18.80 19.06
C SER A 122 11.60 -19.42 20.09
N SER A 123 10.32 -19.16 19.91
CA SER A 123 9.31 -19.69 20.83
C SER A 123 8.80 -21.04 20.31
N GLY A 124 8.44 -21.89 21.25
CA GLY A 124 7.93 -23.22 20.91
C GLY A 124 7.13 -23.81 22.07
N GLY A 1 -12.90 17.92 -41.02
CA GLY A 1 -12.55 18.37 -39.68
C GLY A 1 -13.05 17.39 -38.62
N SER A 2 -12.53 17.54 -37.42
CA SER A 2 -12.92 16.67 -36.32
C SER A 2 -12.13 17.04 -35.06
N SER A 3 -12.78 16.86 -33.92
CA SER A 3 -12.17 17.18 -32.64
C SER A 3 -13.14 16.87 -31.51
N GLY A 4 -12.82 15.82 -30.76
CA GLY A 4 -13.65 15.41 -29.65
C GLY A 4 -14.23 14.01 -29.86
N SER A 5 -14.32 13.27 -28.77
CA SER A 5 -14.85 11.91 -28.84
C SER A 5 -15.90 11.71 -27.75
N SER A 6 -16.74 10.70 -27.95
CA SER A 6 -17.78 10.39 -27.00
C SER A 6 -17.56 8.99 -26.41
N GLY A 7 -17.85 8.88 -25.12
CA GLY A 7 -17.68 7.62 -24.42
C GLY A 7 -18.77 7.43 -23.36
N THR A 8 -19.83 6.74 -23.77
CA THR A 8 -20.94 6.48 -22.88
C THR A 8 -21.91 5.48 -23.51
N ILE A 9 -22.60 4.76 -22.64
CA ILE A 9 -23.56 3.76 -23.10
C ILE A 9 -24.92 4.02 -22.44
N SER A 10 -25.61 5.02 -22.98
CA SER A 10 -26.92 5.38 -22.46
C SER A 10 -26.80 5.76 -20.97
N SER A 11 -26.31 6.96 -20.74
CA SER A 11 -26.14 7.45 -19.38
C SER A 11 -25.12 6.59 -18.63
N GLY A 12 -24.30 7.26 -17.83
CA GLY A 12 -23.27 6.57 -17.07
C GLY A 12 -22.25 7.56 -16.51
N VAL A 13 -21.47 7.08 -15.55
CA VAL A 13 -20.45 7.92 -14.93
C VAL A 13 -19.19 7.07 -14.69
N PRO A 14 -18.06 7.56 -15.24
CA PRO A 14 -16.78 6.87 -15.09
C PRO A 14 -16.22 7.06 -13.68
N PRO A 15 -15.51 6.02 -13.20
CA PRO A 15 -14.92 6.06 -11.87
C PRO A 15 -13.68 6.95 -11.86
N GLU A 16 -13.33 7.41 -10.67
CA GLU A 16 -12.18 8.28 -10.51
C GLU A 16 -11.09 7.57 -9.70
N LEU A 17 -9.99 8.26 -9.50
CA LEU A 17 -8.86 7.71 -8.76
C LEU A 17 -9.14 7.84 -7.26
N PRO A 18 -8.54 6.91 -6.48
CA PRO A 18 -8.71 6.91 -5.04
C PRO A 18 -7.90 8.03 -4.39
N GLY A 19 -7.69 7.88 -3.08
CA GLY A 19 -6.93 8.87 -2.33
C GLY A 19 -5.85 8.20 -1.49
N PRO A 20 -4.93 9.06 -0.95
CA PRO A 20 -3.84 8.57 -0.13
C PRO A 20 -4.35 8.17 1.26
N PRO A 21 -4.14 6.87 1.60
CA PRO A 21 -4.57 6.35 2.89
C PRO A 21 -3.63 6.83 4.01
N THR A 22 -4.22 7.08 5.17
CA THR A 22 -3.46 7.53 6.32
C THR A 22 -3.61 6.57 7.49
N ASN A 23 -3.21 7.02 8.66
CA ASN A 23 -3.30 6.21 9.86
C ASN A 23 -2.44 4.96 9.68
N LEU A 24 -1.37 5.12 8.93
CA LEU A 24 -0.45 4.01 8.68
C LEU A 24 0.38 3.75 9.93
N GLY A 25 0.48 2.48 10.29
CA GLY A 25 1.24 2.08 11.46
C GLY A 25 1.85 0.69 11.27
N ILE A 26 2.92 0.44 12.01
CA ILE A 26 3.60 -0.84 11.94
C ILE A 26 3.52 -1.54 13.30
N SER A 27 2.68 -2.56 13.36
CA SER A 27 2.50 -3.32 14.59
C SER A 27 2.81 -4.79 14.35
N ASN A 28 2.82 -5.55 15.43
CA ASN A 28 3.11 -6.97 15.35
C ASN A 28 4.33 -7.20 14.45
N ILE A 29 5.34 -6.36 14.66
CA ILE A 29 6.56 -6.46 13.88
C ILE A 29 7.21 -7.82 14.13
N GLY A 30 7.03 -8.71 13.17
CA GLY A 30 7.59 -10.05 13.28
C GLY A 30 9.01 -10.08 12.72
N PRO A 31 9.50 -11.33 12.48
CA PRO A 31 10.84 -11.51 11.94
C PRO A 31 10.89 -11.18 10.45
N ARG A 32 10.00 -11.81 9.71
CA ARG A 32 9.92 -11.59 8.28
C ARG A 32 8.50 -11.26 7.85
N SER A 33 7.69 -10.92 8.85
CA SER A 33 6.29 -10.57 8.60
C SER A 33 5.82 -9.54 9.63
N VAL A 34 5.09 -8.56 9.12
CA VAL A 34 4.57 -7.50 9.98
C VAL A 34 3.17 -7.10 9.50
N THR A 35 2.41 -6.53 10.42
CA THR A 35 1.06 -6.09 10.10
C THR A 35 1.03 -4.58 9.85
N LEU A 36 0.62 -4.22 8.64
CA LEU A 36 0.53 -2.83 8.27
C LEU A 36 -0.93 -2.37 8.30
N GLN A 37 -1.21 -1.46 9.22
CA GLN A 37 -2.55 -0.94 9.37
C GLN A 37 -2.70 0.39 8.64
N PHE A 38 -3.95 0.77 8.38
CA PHE A 38 -4.23 2.01 7.69
C PHE A 38 -5.73 2.22 7.52
N ARG A 39 -6.08 3.23 6.75
CA ARG A 39 -7.47 3.54 6.49
C ARG A 39 -7.64 4.13 5.09
N PRO A 40 -8.68 3.62 4.38
CA PRO A 40 -8.97 4.08 3.04
C PRO A 40 -9.62 5.46 3.05
N GLY A 41 -8.89 6.44 2.53
CA GLY A 41 -9.38 7.80 2.48
C GLY A 41 -10.53 7.94 1.48
N TYR A 42 -10.18 7.89 0.21
CA TYR A 42 -11.16 8.01 -0.85
C TYR A 42 -11.02 6.87 -1.86
N ASP A 43 -12.04 6.01 -1.89
CA ASP A 43 -12.04 4.88 -2.79
C ASP A 43 -12.06 5.40 -4.24
N GLY A 44 -13.00 6.30 -4.49
CA GLY A 44 -13.14 6.88 -5.83
C GLY A 44 -14.45 6.43 -6.48
N LYS A 45 -15.46 6.24 -5.64
CA LYS A 45 -16.76 5.81 -6.13
C LYS A 45 -16.62 4.44 -6.82
N THR A 46 -15.76 3.62 -6.24
CA THR A 46 -15.52 2.29 -6.79
C THR A 46 -14.64 1.47 -5.84
N SER A 47 -15.12 0.29 -5.50
CA SER A 47 -14.39 -0.60 -4.61
C SER A 47 -12.96 -0.80 -5.14
N ILE A 48 -12.04 -0.94 -4.19
CA ILE A 48 -10.64 -1.13 -4.53
C ILE A 48 -10.47 -2.49 -5.23
N SER A 49 -9.48 -2.55 -6.10
CA SER A 49 -9.20 -3.77 -6.82
C SER A 49 -8.03 -4.52 -6.18
N ARG A 50 -7.06 -3.75 -5.72
CA ARG A 50 -5.89 -4.32 -5.08
C ARG A 50 -5.04 -3.23 -4.42
N TRP A 51 -4.52 -3.55 -3.25
CA TRP A 51 -3.70 -2.61 -2.52
C TRP A 51 -2.24 -2.92 -2.82
N LEU A 52 -1.44 -1.86 -2.89
CA LEU A 52 -0.02 -2.01 -3.18
C LEU A 52 0.78 -1.62 -1.94
N VAL A 53 1.70 -2.49 -1.57
CA VAL A 53 2.55 -2.25 -0.41
C VAL A 53 4.02 -2.30 -0.83
N GLU A 54 4.63 -1.12 -0.85
CA GLU A 54 6.03 -1.01 -1.22
C GLU A 54 6.91 -0.90 0.02
N ALA A 55 8.22 -0.94 -0.21
CA ALA A 55 9.17 -0.85 0.88
C ALA A 55 10.57 -0.62 0.31
N GLN A 56 11.44 -0.06 1.14
CA GLN A 56 12.80 0.21 0.73
C GLN A 56 13.78 -0.55 1.62
N VAL A 57 14.90 -0.94 1.02
CA VAL A 57 15.92 -1.68 1.74
C VAL A 57 16.85 -0.70 2.44
N GLY A 58 17.07 -0.94 3.73
CA GLY A 58 17.94 -0.07 4.52
C GLY A 58 17.78 1.39 4.10
N VAL A 59 18.71 1.83 3.27
CA VAL A 59 18.70 3.19 2.78
C VAL A 59 17.28 3.56 2.33
N VAL A 60 16.54 4.20 3.23
CA VAL A 60 15.18 4.60 2.93
C VAL A 60 15.00 6.08 3.28
N GLY A 61 15.00 6.91 2.24
CA GLY A 61 14.85 8.34 2.42
C GLY A 61 14.43 9.01 1.12
N GLU A 62 15.34 9.80 0.57
CA GLU A 62 15.07 10.51 -0.67
C GLU A 62 16.23 10.29 -1.66
N GLY A 63 15.89 9.71 -2.80
CA GLY A 63 16.87 9.45 -3.83
C GLY A 63 16.80 7.99 -4.30
N GLU A 64 16.07 7.19 -3.53
CA GLU A 64 15.92 5.78 -3.85
C GLU A 64 14.48 5.50 -4.30
N GLU A 65 14.35 4.49 -5.13
CA GLU A 65 13.05 4.10 -5.65
C GLU A 65 12.35 3.17 -4.65
N TRP A 66 11.04 3.10 -4.78
CA TRP A 66 10.24 2.26 -3.90
C TRP A 66 9.71 1.08 -4.73
N LEU A 67 10.12 -0.12 -4.32
CA LEU A 67 9.70 -1.32 -5.01
C LEU A 67 8.58 -1.99 -4.22
N LEU A 68 7.75 -2.73 -4.94
CA LEU A 68 6.63 -3.43 -4.32
C LEU A 68 7.15 -4.65 -3.58
N ILE A 69 6.41 -5.03 -2.54
CA ILE A 69 6.79 -6.18 -1.74
C ILE A 69 5.54 -7.00 -1.42
N HIS A 70 4.50 -6.30 -0.99
CA HIS A 70 3.24 -6.95 -0.65
C HIS A 70 2.09 -6.25 -1.37
N GLN A 71 1.07 -7.03 -1.69
CA GLN A 71 -0.10 -6.50 -2.38
C GLN A 71 -1.33 -7.35 -2.07
N LEU A 72 -2.37 -6.70 -1.59
CA LEU A 72 -3.60 -7.39 -1.25
C LEU A 72 -4.64 -7.11 -2.35
N SER A 73 -5.03 -8.17 -3.03
CA SER A 73 -6.02 -8.06 -4.10
C SER A 73 -7.37 -8.60 -3.62
N ASN A 74 -8.41 -7.85 -3.93
CA ASN A 74 -9.75 -8.23 -3.54
C ASN A 74 -9.90 -8.12 -2.03
N GLU A 75 -10.28 -6.93 -1.59
CA GLU A 75 -10.45 -6.67 -0.17
C GLU A 75 -10.64 -5.18 0.08
N PRO A 76 -11.83 -4.66 -0.34
CA PRO A 76 -12.14 -3.26 -0.16
C PRO A 76 -12.49 -2.95 1.30
N ASP A 77 -12.41 -3.99 2.12
CA ASP A 77 -12.71 -3.84 3.53
C ASP A 77 -11.53 -4.35 4.36
N ALA A 78 -10.34 -4.11 3.83
CA ALA A 78 -9.13 -4.54 4.51
C ALA A 78 -8.42 -3.32 5.09
N ARG A 79 -8.70 -3.06 6.36
CA ARG A 79 -8.10 -1.93 7.05
C ARG A 79 -6.61 -2.17 7.25
N SER A 80 -6.25 -3.44 7.39
CA SER A 80 -4.86 -3.81 7.58
C SER A 80 -4.57 -5.12 6.86
N MET A 81 -3.29 -5.46 6.81
CA MET A 81 -2.87 -6.69 6.16
C MET A 81 -1.43 -7.05 6.56
N GLU A 82 -1.13 -8.33 6.46
CA GLU A 82 0.20 -8.82 6.80
C GLU A 82 1.15 -8.63 5.61
N VAL A 83 2.36 -8.19 5.93
CA VAL A 83 3.37 -7.96 4.90
C VAL A 83 4.51 -8.96 5.10
N PRO A 84 4.41 -10.10 4.36
CA PRO A 84 5.43 -11.14 4.44
C PRO A 84 6.69 -10.72 3.68
N ASP A 85 7.58 -11.69 3.52
CA ASP A 85 8.83 -11.44 2.82
C ASP A 85 9.44 -10.13 3.33
N LEU A 86 9.98 -10.20 4.54
CA LEU A 86 10.60 -9.04 5.15
C LEU A 86 11.98 -9.41 5.66
N ASN A 87 12.90 -8.46 5.55
CA ASN A 87 14.27 -8.68 5.99
C ASN A 87 14.38 -8.35 7.48
N PRO A 88 14.70 -9.41 8.27
CA PRO A 88 14.83 -9.26 9.72
C PRO A 88 16.14 -8.55 10.07
N PHE A 89 16.13 -7.88 11.22
CA PHE A 89 17.31 -7.16 11.68
C PHE A 89 17.79 -6.18 10.61
N THR A 90 16.83 -5.53 9.97
CA THR A 90 17.16 -4.56 8.94
C THR A 90 16.13 -3.42 8.93
N CYS A 91 16.64 -2.21 8.83
CA CYS A 91 15.78 -1.03 8.81
C CYS A 91 15.09 -0.96 7.45
N TYR A 92 13.77 -1.12 7.47
CA TYR A 92 12.99 -1.08 6.25
C TYR A 92 11.75 -0.19 6.42
N SER A 93 11.22 0.24 5.30
CA SER A 93 10.04 1.09 5.31
C SER A 93 8.89 0.40 4.56
N PHE A 94 7.69 0.93 4.77
CA PHE A 94 6.52 0.38 4.12
C PHE A 94 5.46 1.46 3.89
N ARG A 95 4.82 1.37 2.73
CA ARG A 95 3.79 2.34 2.38
C ARG A 95 2.51 1.62 1.95
N MET A 96 1.59 2.38 1.37
CA MET A 96 0.33 1.84 0.91
C MET A 96 -0.09 2.48 -0.41
N ARG A 97 -0.94 1.75 -1.13
CA ARG A 97 -1.44 2.25 -2.41
C ARG A 97 -2.83 1.69 -2.69
N GLN A 98 -3.55 2.39 -3.55
CA GLN A 98 -4.90 1.98 -3.91
C GLN A 98 -5.01 1.80 -5.42
N VAL A 99 -5.64 0.69 -5.81
CA VAL A 99 -5.81 0.39 -7.22
C VAL A 99 -7.29 0.09 -7.49
N ASN A 100 -7.82 0.74 -8.52
CA ASN A 100 -9.21 0.56 -8.89
C ASN A 100 -9.32 0.42 -10.41
N ILE A 101 -10.54 0.26 -10.87
CA ILE A 101 -10.79 0.12 -12.29
C ILE A 101 -10.24 1.34 -13.04
N VAL A 102 -9.98 2.39 -12.27
CA VAL A 102 -9.45 3.62 -12.83
C VAL A 102 -7.93 3.49 -12.99
N GLY A 103 -7.24 3.67 -11.88
CA GLY A 103 -5.80 3.58 -11.87
C GLY A 103 -5.25 3.33 -10.46
N THR A 104 -4.05 3.83 -10.23
CA THR A 104 -3.41 3.68 -8.94
C THR A 104 -3.08 5.05 -8.34
N SER A 105 -3.42 5.21 -7.08
CA SER A 105 -3.16 6.46 -6.38
C SER A 105 -1.66 6.61 -6.11
N PRO A 106 -1.29 7.81 -5.60
CA PRO A 106 0.10 8.10 -5.29
C PRO A 106 0.54 7.37 -4.01
N PRO A 107 1.87 7.48 -3.72
CA PRO A 107 2.42 6.84 -2.53
C PRO A 107 2.05 7.62 -1.27
N SER A 108 1.68 6.88 -0.24
CA SER A 108 1.31 7.49 1.02
C SER A 108 2.52 7.55 1.96
N GLN A 109 2.50 8.55 2.82
CA GLN A 109 3.59 8.73 3.77
C GLN A 109 4.05 7.38 4.31
N PRO A 110 5.40 7.22 4.36
CA PRO A 110 6.00 5.98 4.85
C PRO A 110 5.89 5.89 6.37
N SER A 111 5.96 4.66 6.87
CA SER A 111 5.88 4.43 8.30
C SER A 111 7.25 4.64 8.95
N ARG A 112 7.22 5.15 10.17
CA ARG A 112 8.44 5.41 10.90
C ARG A 112 9.41 4.23 10.76
N LYS A 113 10.67 4.51 11.05
CA LYS A 113 11.70 3.48 10.95
C LYS A 113 11.45 2.42 12.03
N ILE A 114 11.29 1.19 11.57
CA ILE A 114 11.05 0.07 12.47
C ILE A 114 12.21 -0.91 12.40
N GLN A 115 12.17 -1.90 13.27
CA GLN A 115 13.22 -2.90 13.32
C GLN A 115 12.62 -4.30 13.39
N THR A 116 12.82 -5.05 12.31
CA THR A 116 12.30 -6.41 12.24
C THR A 116 13.04 -7.32 13.21
N LEU A 117 12.34 -8.34 13.67
CA LEU A 117 12.92 -9.30 14.60
C LEU A 117 14.06 -10.05 13.90
N GLN A 118 14.74 -10.87 14.68
CA GLN A 118 15.85 -11.66 14.14
C GLN A 118 15.34 -13.00 13.63
N SER A 119 16.03 -13.49 12.60
CA SER A 119 15.67 -14.77 12.00
C SER A 119 16.55 -15.88 12.56
N GLY A 120 16.17 -16.33 13.75
CA GLY A 120 16.93 -17.40 14.41
C GLY A 120 15.98 -18.36 15.13
N PRO A 121 16.57 -19.49 15.61
CA PRO A 121 15.80 -20.49 16.33
C PRO A 121 15.45 -20.02 17.74
N SER A 122 14.35 -19.29 17.83
CA SER A 122 13.90 -18.78 19.11
C SER A 122 14.00 -19.87 20.18
N SER A 123 14.98 -19.71 21.06
CA SER A 123 15.19 -20.67 22.13
C SER A 123 14.01 -20.64 23.09
N GLY A 124 13.95 -21.67 23.93
CA GLY A 124 12.88 -21.78 24.91
C GLY A 124 11.50 -21.58 24.25
N GLY A 1 0.88 17.67 -18.26
CA GLY A 1 0.44 17.49 -19.63
C GLY A 1 -0.89 18.20 -19.87
N SER A 2 -1.54 17.82 -20.97
CA SER A 2 -2.82 18.41 -21.32
C SER A 2 -3.70 17.35 -21.99
N SER A 3 -4.98 17.69 -22.09
CA SER A 3 -5.94 16.79 -22.71
C SER A 3 -7.08 17.59 -23.34
N GLY A 4 -7.78 16.94 -24.27
CA GLY A 4 -8.89 17.58 -24.95
C GLY A 4 -10.21 17.28 -24.25
N SER A 5 -11.29 17.42 -25.01
CA SER A 5 -12.62 17.17 -24.48
C SER A 5 -13.65 17.22 -25.61
N SER A 6 -14.79 16.59 -25.36
CA SER A 6 -15.86 16.57 -26.34
C SER A 6 -17.19 16.23 -25.65
N GLY A 7 -18.26 16.75 -26.23
CA GLY A 7 -19.59 16.52 -25.69
C GLY A 7 -20.26 15.32 -26.37
N THR A 8 -19.95 14.13 -25.86
CA THR A 8 -20.51 12.91 -26.41
C THR A 8 -21.31 12.17 -25.35
N ILE A 9 -22.61 12.06 -25.59
CA ILE A 9 -23.50 11.37 -24.66
C ILE A 9 -22.89 10.01 -24.29
N SER A 10 -22.79 9.78 -23.00
CA SER A 10 -22.23 8.54 -22.50
C SER A 10 -23.22 7.86 -21.56
N SER A 11 -22.97 6.58 -21.31
CA SER A 11 -23.84 5.81 -20.44
C SER A 11 -23.10 5.46 -19.14
N GLY A 12 -23.37 6.25 -18.12
CA GLY A 12 -22.74 6.04 -16.82
C GLY A 12 -21.51 6.93 -16.66
N VAL A 13 -21.32 7.41 -15.44
CA VAL A 13 -20.19 8.28 -15.14
C VAL A 13 -18.95 7.41 -14.86
N PRO A 14 -17.80 7.90 -15.38
CA PRO A 14 -16.54 7.18 -15.20
C PRO A 14 -16.02 7.35 -13.77
N PRO A 15 -15.33 6.29 -13.28
CA PRO A 15 -14.77 6.31 -11.94
C PRO A 15 -13.52 7.19 -11.88
N GLU A 16 -13.15 7.56 -10.66
CA GLU A 16 -11.98 8.39 -10.46
C GLU A 16 -10.90 7.62 -9.69
N LEU A 17 -9.75 8.26 -9.54
CA LEU A 17 -8.65 7.64 -8.83
C LEU A 17 -8.91 7.70 -7.33
N PRO A 18 -8.31 6.72 -6.60
CA PRO A 18 -8.48 6.65 -5.16
C PRO A 18 -7.63 7.72 -4.47
N GLY A 19 -7.57 7.61 -3.14
CA GLY A 19 -6.80 8.55 -2.35
C GLY A 19 -5.79 7.83 -1.46
N PRO A 20 -4.81 8.62 -0.94
CA PRO A 20 -3.78 8.06 -0.08
C PRO A 20 -4.34 7.79 1.33
N PRO A 21 -4.22 6.51 1.75
CA PRO A 21 -4.71 6.11 3.06
C PRO A 21 -3.77 6.60 4.16
N THR A 22 -4.37 7.09 5.24
CA THR A 22 -3.60 7.60 6.37
C THR A 22 -3.72 6.65 7.56
N ASN A 23 -3.28 7.13 8.71
CA ASN A 23 -3.32 6.33 9.93
C ASN A 23 -2.47 5.08 9.75
N LEU A 24 -1.37 5.25 9.03
CA LEU A 24 -0.46 4.15 8.77
C LEU A 24 0.37 3.89 10.02
N GLY A 25 0.55 2.60 10.33
CA GLY A 25 1.32 2.21 11.49
C GLY A 25 1.81 0.76 11.36
N ILE A 26 3.00 0.53 11.87
CA ILE A 26 3.60 -0.80 11.82
C ILE A 26 3.52 -1.44 13.21
N SER A 27 2.75 -2.51 13.28
CA SER A 27 2.58 -3.23 14.54
C SER A 27 2.93 -4.71 14.34
N ASN A 28 2.97 -5.42 15.46
CA ASN A 28 3.28 -6.84 15.43
C ASN A 28 4.43 -7.09 14.45
N ILE A 29 5.54 -6.40 14.69
CA ILE A 29 6.70 -6.52 13.84
C ILE A 29 7.34 -7.90 14.06
N GLY A 30 7.07 -8.80 13.12
CA GLY A 30 7.61 -10.15 13.20
C GLY A 30 9.06 -10.19 12.69
N PRO A 31 9.54 -11.44 12.45
CA PRO A 31 10.89 -11.63 11.97
C PRO A 31 11.01 -11.26 10.49
N ARG A 32 10.08 -11.80 9.70
CA ARG A 32 10.07 -11.53 8.27
C ARG A 32 8.66 -11.15 7.81
N SER A 33 7.83 -10.79 8.79
CA SER A 33 6.46 -10.41 8.51
C SER A 33 5.96 -9.45 9.58
N VAL A 34 5.05 -8.57 9.17
CA VAL A 34 4.48 -7.59 10.09
C VAL A 34 3.07 -7.23 9.62
N THR A 35 2.38 -6.48 10.47
CA THR A 35 1.02 -6.07 10.16
C THR A 35 0.98 -4.56 9.88
N LEU A 36 0.46 -4.23 8.71
CA LEU A 36 0.36 -2.84 8.31
C LEU A 36 -1.10 -2.38 8.41
N GLN A 37 -1.31 -1.30 9.13
CA GLN A 37 -2.64 -0.76 9.32
C GLN A 37 -2.78 0.57 8.57
N PHE A 38 -4.03 0.95 8.33
CA PHE A 38 -4.32 2.18 7.62
C PHE A 38 -5.83 2.38 7.45
N ARG A 39 -6.17 3.40 6.68
CA ARG A 39 -7.56 3.70 6.42
C ARG A 39 -7.75 4.24 5.00
N PRO A 40 -8.79 3.70 4.31
CA PRO A 40 -9.07 4.11 2.95
C PRO A 40 -9.73 5.49 2.92
N GLY A 41 -8.95 6.48 2.51
CA GLY A 41 -9.44 7.84 2.42
C GLY A 41 -10.56 7.96 1.40
N TYR A 42 -10.17 8.20 0.15
CA TYR A 42 -11.13 8.33 -0.92
C TYR A 42 -11.02 7.16 -1.91
N ASP A 43 -11.99 6.26 -1.80
CA ASP A 43 -12.01 5.09 -2.67
C ASP A 43 -11.94 5.55 -4.13
N GLY A 44 -12.88 6.41 -4.49
CA GLY A 44 -12.94 6.92 -5.85
C GLY A 44 -14.20 6.42 -6.58
N LYS A 45 -15.32 6.53 -5.90
CA LYS A 45 -16.59 6.10 -6.46
C LYS A 45 -16.41 4.69 -7.04
N THR A 46 -15.50 3.95 -6.44
CA THR A 46 -15.24 2.59 -6.90
C THR A 46 -14.35 1.86 -5.89
N SER A 47 -14.81 0.68 -5.48
CA SER A 47 -14.07 -0.13 -4.53
C SER A 47 -12.65 -0.37 -5.03
N ILE A 48 -11.80 -0.79 -4.11
CA ILE A 48 -10.41 -1.07 -4.45
C ILE A 48 -10.29 -2.49 -4.99
N SER A 49 -9.42 -2.66 -5.97
CA SER A 49 -9.21 -3.95 -6.58
C SER A 49 -8.04 -4.67 -5.91
N ARG A 50 -7.02 -3.88 -5.56
CA ARG A 50 -5.84 -4.42 -4.91
C ARG A 50 -4.99 -3.29 -4.33
N TRP A 51 -4.51 -3.51 -3.11
CA TRP A 51 -3.69 -2.53 -2.44
C TRP A 51 -2.22 -2.86 -2.72
N LEU A 52 -1.42 -1.81 -2.83
CA LEU A 52 -0.01 -1.98 -3.09
C LEU A 52 0.79 -1.61 -1.85
N VAL A 53 1.68 -2.51 -1.46
CA VAL A 53 2.50 -2.30 -0.29
C VAL A 53 3.98 -2.35 -0.69
N GLU A 54 4.60 -1.18 -0.72
CA GLU A 54 6.00 -1.07 -1.10
C GLU A 54 6.87 -0.95 0.16
N ALA A 55 8.17 -0.92 -0.06
CA ALA A 55 9.12 -0.81 1.03
C ALA A 55 10.51 -0.51 0.47
N GLN A 56 11.34 0.08 1.32
CA GLN A 56 12.70 0.43 0.92
C GLN A 56 13.71 -0.33 1.78
N VAL A 57 14.88 -0.54 1.21
CA VAL A 57 15.94 -1.24 1.90
C VAL A 57 16.79 -0.25 2.70
N GLY A 58 16.95 -0.54 3.98
CA GLY A 58 17.73 0.32 4.85
C GLY A 58 17.50 1.80 4.50
N VAL A 59 18.41 2.32 3.70
CA VAL A 59 18.33 3.71 3.28
C VAL A 59 16.88 4.06 2.95
N VAL A 60 16.24 4.75 3.88
CA VAL A 60 14.85 5.14 3.69
C VAL A 60 14.79 6.56 3.14
N GLY A 61 14.97 6.65 1.83
CA GLY A 61 14.95 7.95 1.16
C GLY A 61 16.01 8.02 0.05
N GLU A 62 16.71 9.14 0.02
CA GLU A 62 17.75 9.34 -0.97
C GLU A 62 17.20 9.08 -2.37
N GLY A 63 18.10 9.13 -3.35
CA GLY A 63 17.73 8.89 -4.73
C GLY A 63 17.52 7.40 -5.00
N GLU A 64 16.64 6.80 -4.22
CA GLU A 64 16.35 5.38 -4.36
C GLU A 64 14.95 5.18 -4.94
N GLU A 65 14.64 3.93 -5.23
CA GLU A 65 13.33 3.59 -5.78
C GLU A 65 12.50 2.83 -4.75
N TRP A 66 11.19 2.86 -4.95
CA TRP A 66 10.27 2.18 -4.06
C TRP A 66 9.60 1.05 -4.83
N LEU A 67 10.07 -0.16 -4.60
CA LEU A 67 9.53 -1.32 -5.27
C LEU A 67 8.46 -1.96 -4.37
N LEU A 68 7.54 -2.67 -5.02
CA LEU A 68 6.47 -3.34 -4.31
C LEU A 68 7.01 -4.57 -3.60
N ILE A 69 6.32 -4.97 -2.55
CA ILE A 69 6.72 -6.15 -1.79
C ILE A 69 5.50 -7.02 -1.50
N HIS A 70 4.44 -6.36 -1.04
CA HIS A 70 3.21 -7.06 -0.73
C HIS A 70 2.02 -6.34 -1.39
N GLN A 71 1.08 -7.14 -1.86
CA GLN A 71 -0.10 -6.59 -2.51
C GLN A 71 -1.31 -7.48 -2.26
N LEU A 72 -2.36 -6.87 -1.73
CA LEU A 72 -3.58 -7.58 -1.42
C LEU A 72 -4.64 -7.26 -2.48
N SER A 73 -5.07 -8.29 -3.19
CA SER A 73 -6.08 -8.13 -4.22
C SER A 73 -7.40 -8.75 -3.77
N ASN A 74 -8.48 -8.04 -4.08
CA ASN A 74 -9.81 -8.51 -3.71
C ASN A 74 -10.00 -8.38 -2.20
N GLU A 75 -10.13 -7.14 -1.76
CA GLU A 75 -10.31 -6.86 -0.35
C GLU A 75 -10.49 -5.37 -0.12
N PRO A 76 -11.65 -4.84 -0.60
CA PRO A 76 -11.96 -3.43 -0.45
C PRO A 76 -12.37 -3.10 0.98
N ASP A 77 -12.35 -4.13 1.82
CA ASP A 77 -12.72 -3.96 3.22
C ASP A 77 -11.55 -4.39 4.10
N ALA A 78 -10.35 -4.21 3.56
CA ALA A 78 -9.14 -4.57 4.29
C ALA A 78 -8.47 -3.30 4.81
N ARG A 79 -8.55 -3.13 6.12
CA ARG A 79 -7.95 -1.96 6.76
C ARG A 79 -6.46 -2.21 7.01
N SER A 80 -6.12 -3.47 7.20
CA SER A 80 -4.74 -3.85 7.44
C SER A 80 -4.42 -5.17 6.76
N MET A 81 -3.14 -5.51 6.75
CA MET A 81 -2.71 -6.76 6.14
C MET A 81 -1.26 -7.07 6.51
N GLU A 82 -0.91 -8.35 6.41
CA GLU A 82 0.43 -8.79 6.74
C GLU A 82 1.35 -8.64 5.53
N VAL A 83 2.57 -8.20 5.81
CA VAL A 83 3.55 -8.02 4.76
C VAL A 83 4.74 -8.94 5.00
N PRO A 84 4.68 -10.15 4.35
CA PRO A 84 5.74 -11.13 4.50
C PRO A 84 6.96 -10.73 3.68
N ASP A 85 7.85 -11.70 3.48
CA ASP A 85 9.07 -11.46 2.72
C ASP A 85 9.69 -10.15 3.17
N LEU A 86 10.18 -10.15 4.40
CA LEU A 86 10.81 -8.96 4.96
C LEU A 86 12.26 -9.28 5.33
N ASN A 87 13.05 -8.23 5.48
CA ASN A 87 14.45 -8.38 5.82
C ASN A 87 14.62 -8.26 7.34
N PRO A 88 14.99 -9.41 7.97
CA PRO A 88 15.19 -9.44 9.41
C PRO A 88 16.50 -8.76 9.80
N PHE A 89 16.46 -8.08 10.94
CA PHE A 89 17.64 -7.39 11.44
C PHE A 89 18.09 -6.31 10.46
N THR A 90 17.10 -5.69 9.82
CA THR A 90 17.39 -4.63 8.86
C THR A 90 16.29 -3.57 8.89
N CYS A 91 16.72 -2.32 8.81
CA CYS A 91 15.79 -1.21 8.83
C CYS A 91 15.09 -1.14 7.46
N TYR A 92 13.78 -1.01 7.51
CA TYR A 92 12.99 -0.93 6.30
C TYR A 92 11.71 -0.10 6.52
N SER A 93 11.14 0.34 5.41
CA SER A 93 9.93 1.13 5.47
C SER A 93 8.79 0.42 4.72
N PHE A 94 7.61 1.00 4.82
CA PHE A 94 6.45 0.43 4.17
C PHE A 94 5.37 1.51 3.94
N ARG A 95 4.78 1.46 2.75
CA ARG A 95 3.74 2.41 2.39
C ARG A 95 2.48 1.67 1.95
N MET A 96 1.54 2.44 1.42
CA MET A 96 0.28 1.88 0.96
C MET A 96 -0.17 2.55 -0.34
N ARG A 97 -1.05 1.86 -1.05
CA ARG A 97 -1.57 2.37 -2.31
C ARG A 97 -2.94 1.76 -2.61
N GLN A 98 -3.62 2.34 -3.58
CA GLN A 98 -4.93 1.87 -3.97
C GLN A 98 -5.01 1.71 -5.49
N VAL A 99 -5.56 0.58 -5.91
CA VAL A 99 -5.69 0.29 -7.33
C VAL A 99 -7.16 0.01 -7.64
N ASN A 100 -7.68 0.73 -8.63
CA ASN A 100 -9.06 0.57 -9.04
C ASN A 100 -9.13 0.53 -10.57
N ILE A 101 -10.36 0.39 -11.07
CA ILE A 101 -10.58 0.33 -12.50
C ILE A 101 -10.05 1.62 -13.14
N VAL A 102 -9.82 2.61 -12.29
CA VAL A 102 -9.32 3.90 -12.76
C VAL A 102 -7.80 3.80 -12.97
N GLY A 103 -7.10 3.66 -11.86
CA GLY A 103 -5.65 3.55 -11.90
C GLY A 103 -5.08 3.16 -10.53
N THR A 104 -3.94 3.73 -10.21
CA THR A 104 -3.28 3.45 -8.94
C THR A 104 -3.01 4.76 -8.19
N SER A 105 -3.15 4.67 -6.87
CA SER A 105 -2.92 5.83 -6.02
C SER A 105 -1.42 6.08 -5.86
N PRO A 106 -1.08 7.33 -5.49
CA PRO A 106 0.31 7.71 -5.29
C PRO A 106 0.86 7.12 -3.98
N PRO A 107 2.19 7.32 -3.78
CA PRO A 107 2.84 6.83 -2.57
C PRO A 107 2.49 7.70 -1.37
N SER A 108 2.08 7.03 -0.30
CA SER A 108 1.71 7.73 0.92
C SER A 108 2.91 7.80 1.87
N GLN A 109 2.76 8.61 2.91
CA GLN A 109 3.82 8.77 3.88
C GLN A 109 4.28 7.40 4.40
N PRO A 110 5.63 7.26 4.49
CA PRO A 110 6.21 6.01 4.97
C PRO A 110 6.06 5.88 6.48
N SER A 111 5.99 4.63 6.93
CA SER A 111 5.84 4.35 8.35
C SER A 111 7.18 4.54 9.06
N ARG A 112 7.10 5.00 10.30
CA ARG A 112 8.30 5.22 11.10
C ARG A 112 9.24 4.03 10.97
N LYS A 113 10.52 4.33 11.14
CA LYS A 113 11.55 3.29 11.05
C LYS A 113 11.34 2.28 12.17
N ILE A 114 11.46 1.01 11.82
CA ILE A 114 11.29 -0.06 12.79
C ILE A 114 12.43 -1.07 12.63
N GLN A 115 12.39 -2.11 13.46
CA GLN A 115 13.41 -3.14 13.42
C GLN A 115 12.76 -4.52 13.41
N THR A 116 13.07 -5.27 12.36
CA THR A 116 12.53 -6.62 12.23
C THR A 116 13.24 -7.58 13.17
N LEU A 117 12.49 -8.58 13.62
CA LEU A 117 13.04 -9.58 14.53
C LEU A 117 14.05 -10.44 13.79
N GLN A 118 14.71 -11.30 14.54
CA GLN A 118 15.70 -12.19 13.96
C GLN A 118 15.02 -13.44 13.38
N SER A 119 15.59 -13.92 12.28
CA SER A 119 15.05 -15.10 11.62
C SER A 119 15.70 -16.37 12.20
N GLY A 120 15.03 -16.91 13.21
CA GLY A 120 15.52 -18.12 13.85
C GLY A 120 14.87 -18.30 15.22
N PRO A 121 15.33 -19.36 15.94
CA PRO A 121 14.80 -19.65 17.26
C PRO A 121 15.34 -18.68 18.31
N SER A 122 14.89 -18.86 19.54
CA SER A 122 15.32 -18.00 20.63
C SER A 122 15.18 -18.74 21.96
N SER A 123 15.76 -18.15 22.99
CA SER A 123 15.70 -18.74 24.32
C SER A 123 16.27 -17.76 25.35
N GLY A 124 15.57 -17.64 26.47
CA GLY A 124 16.00 -16.76 27.53
C GLY A 124 15.35 -17.14 28.87
N GLY A 1 -2.23 18.45 -22.86
CA GLY A 1 -3.10 17.31 -23.07
C GLY A 1 -2.56 16.40 -24.18
N SER A 2 -3.47 15.68 -24.81
CA SER A 2 -3.10 14.77 -25.88
C SER A 2 -4.14 14.82 -26.99
N SER A 3 -3.78 14.24 -28.12
CA SER A 3 -4.68 14.20 -29.27
C SER A 3 -5.93 13.38 -28.93
N GLY A 4 -7.08 13.95 -29.25
CA GLY A 4 -8.34 13.29 -28.98
C GLY A 4 -9.10 13.02 -30.29
N SER A 5 -9.80 11.90 -30.31
CA SER A 5 -10.56 11.51 -31.47
C SER A 5 -11.43 10.28 -31.16
N SER A 6 -12.35 10.00 -32.06
CA SER A 6 -13.25 8.86 -31.88
C SER A 6 -14.13 9.07 -30.66
N GLY A 7 -15.35 8.56 -30.75
CA GLY A 7 -16.30 8.68 -29.66
C GLY A 7 -16.43 7.36 -28.89
N THR A 8 -16.43 7.48 -27.58
CA THR A 8 -16.55 6.30 -26.72
C THR A 8 -17.93 6.28 -26.06
N ILE A 9 -18.58 5.12 -26.16
CA ILE A 9 -19.90 4.96 -25.58
C ILE A 9 -19.82 5.24 -24.08
N SER A 10 -20.82 5.97 -23.59
CA SER A 10 -20.87 6.31 -22.18
C SER A 10 -22.09 5.66 -21.53
N SER A 11 -21.82 4.85 -20.51
CA SER A 11 -22.89 4.17 -19.79
C SER A 11 -23.40 5.04 -18.65
N GLY A 12 -22.47 5.43 -17.79
CA GLY A 12 -22.81 6.26 -16.65
C GLY A 12 -21.60 7.08 -16.18
N VAL A 13 -21.73 7.66 -15.01
CA VAL A 13 -20.67 8.47 -14.44
C VAL A 13 -19.40 7.63 -14.31
N PRO A 14 -18.28 8.17 -14.87
CA PRO A 14 -17.01 7.47 -14.81
C PRO A 14 -16.40 7.55 -13.40
N PRO A 15 -15.66 6.47 -13.04
CA PRO A 15 -15.02 6.41 -11.74
C PRO A 15 -13.79 7.31 -11.69
N GLU A 16 -13.45 7.73 -10.48
CA GLU A 16 -12.30 8.60 -10.28
C GLU A 16 -11.18 7.83 -9.58
N LEU A 17 -10.11 8.55 -9.28
CA LEU A 17 -8.96 7.95 -8.61
C LEU A 17 -9.19 7.99 -7.10
N PRO A 18 -8.53 7.03 -6.40
CA PRO A 18 -8.65 6.94 -4.96
C PRO A 18 -7.85 8.05 -4.27
N GLY A 19 -7.65 7.87 -2.96
CA GLY A 19 -6.90 8.84 -2.18
C GLY A 19 -5.80 8.17 -1.37
N PRO A 20 -4.85 9.00 -0.88
CA PRO A 20 -3.74 8.49 -0.09
C PRO A 20 -4.20 8.13 1.32
N PRO A 21 -4.00 6.84 1.69
CA PRO A 21 -4.39 6.36 3.00
C PRO A 21 -3.40 6.84 4.07
N THR A 22 -3.96 7.31 5.18
CA THR A 22 -3.15 7.79 6.27
C THR A 22 -3.32 6.89 7.50
N ASN A 23 -2.86 7.40 8.63
CA ASN A 23 -2.95 6.66 9.88
C ASN A 23 -2.17 5.35 9.75
N LEU A 24 -1.15 5.39 8.91
CA LEU A 24 -0.32 4.21 8.69
C LEU A 24 0.50 3.93 9.95
N GLY A 25 0.51 2.65 10.32
CA GLY A 25 1.24 2.23 11.50
C GLY A 25 1.75 0.79 11.36
N ILE A 26 2.91 0.53 11.93
CA ILE A 26 3.51 -0.79 11.87
C ILE A 26 3.33 -1.48 13.22
N SER A 27 2.57 -2.57 13.20
CA SER A 27 2.32 -3.33 14.42
C SER A 27 2.70 -4.79 14.20
N ASN A 28 2.65 -5.54 15.28
CA ASN A 28 3.00 -6.96 15.23
C ASN A 28 4.21 -7.15 14.32
N ILE A 29 5.25 -6.38 14.59
CA ILE A 29 6.47 -6.46 13.81
C ILE A 29 7.15 -7.81 14.05
N GLY A 30 6.95 -8.72 13.11
CA GLY A 30 7.54 -10.04 13.22
C GLY A 30 8.97 -10.04 12.68
N PRO A 31 9.52 -11.28 12.52
CA PRO A 31 10.88 -11.44 12.02
C PRO A 31 10.94 -11.18 10.52
N ARG A 32 10.04 -11.84 9.79
CA ARG A 32 9.99 -11.69 8.35
C ARG A 32 8.57 -11.29 7.92
N SER A 33 7.75 -10.98 8.90
CA SER A 33 6.38 -10.57 8.64
C SER A 33 5.93 -9.54 9.67
N VAL A 34 5.10 -8.61 9.21
CA VAL A 34 4.59 -7.57 10.08
C VAL A 34 3.17 -7.20 9.64
N THR A 35 2.45 -6.57 10.57
CA THR A 35 1.09 -6.16 10.29
C THR A 35 1.03 -4.67 10.00
N LEU A 36 0.64 -4.35 8.77
CA LEU A 36 0.54 -2.97 8.35
C LEU A 36 -0.93 -2.53 8.38
N GLN A 37 -1.19 -1.53 9.22
CA GLN A 37 -2.54 -1.02 9.36
C GLN A 37 -2.68 0.33 8.62
N PHE A 38 -3.81 0.49 7.96
CA PHE A 38 -4.07 1.72 7.22
C PHE A 38 -5.58 2.00 7.16
N ARG A 39 -5.92 3.05 6.42
CA ARG A 39 -7.31 3.45 6.26
C ARG A 39 -7.52 4.11 4.91
N PRO A 40 -8.61 3.67 4.22
CA PRO A 40 -8.93 4.22 2.91
C PRO A 40 -9.54 5.62 3.04
N GLY A 41 -8.81 6.59 2.53
CA GLY A 41 -9.27 7.97 2.58
C GLY A 41 -10.45 8.20 1.64
N TYR A 42 -10.13 8.21 0.35
CA TYR A 42 -11.17 8.41 -0.67
C TYR A 42 -11.16 7.27 -1.69
N ASP A 43 -12.06 6.32 -1.46
CA ASP A 43 -12.16 5.17 -2.34
C ASP A 43 -12.16 5.65 -3.80
N GLY A 44 -13.01 6.63 -4.06
CA GLY A 44 -13.12 7.19 -5.40
C GLY A 44 -14.41 6.72 -6.08
N LYS A 45 -15.48 6.69 -5.29
CA LYS A 45 -16.78 6.27 -5.80
C LYS A 45 -16.65 4.87 -6.42
N THR A 46 -15.73 4.10 -5.86
CA THR A 46 -15.49 2.75 -6.34
C THR A 46 -14.54 2.01 -5.41
N SER A 47 -14.92 0.78 -5.07
CA SER A 47 -14.11 -0.04 -4.19
C SER A 47 -12.72 -0.26 -4.79
N ILE A 48 -11.78 -0.63 -3.93
CA ILE A 48 -10.42 -0.87 -4.37
C ILE A 48 -10.33 -2.26 -5.01
N SER A 49 -9.47 -2.36 -6.01
CA SER A 49 -9.28 -3.61 -6.71
C SER A 49 -8.13 -4.39 -6.09
N ARG A 50 -7.12 -3.64 -5.65
CA ARG A 50 -5.95 -4.25 -5.04
C ARG A 50 -5.13 -3.19 -4.30
N TRP A 51 -4.52 -3.61 -3.20
CA TRP A 51 -3.72 -2.71 -2.39
C TRP A 51 -2.25 -3.01 -2.70
N LEU A 52 -1.48 -1.94 -2.88
CA LEU A 52 -0.07 -2.08 -3.18
C LEU A 52 0.74 -1.68 -1.94
N VAL A 53 1.73 -2.50 -1.63
CA VAL A 53 2.59 -2.25 -0.48
C VAL A 53 4.05 -2.19 -0.94
N GLU A 54 4.63 -1.01 -0.81
CA GLU A 54 6.01 -0.80 -1.20
C GLU A 54 6.89 -0.60 0.03
N ALA A 55 8.19 -0.80 -0.16
CA ALA A 55 9.13 -0.63 0.92
C ALA A 55 10.52 -0.31 0.34
N GLN A 56 11.40 0.18 1.21
CA GLN A 56 12.74 0.52 0.79
C GLN A 56 13.77 -0.16 1.69
N VAL A 57 14.79 -0.73 1.05
CA VAL A 57 15.84 -1.42 1.76
C VAL A 57 16.69 -0.40 2.51
N GLY A 58 16.99 -0.73 3.76
CA GLY A 58 17.82 0.14 4.59
C GLY A 58 17.49 1.61 4.32
N VAL A 59 18.29 2.22 3.45
CA VAL A 59 18.11 3.61 3.10
C VAL A 59 16.61 3.90 2.96
N VAL A 60 16.18 4.92 3.66
CA VAL A 60 14.78 5.31 3.63
C VAL A 60 14.68 6.82 3.43
N GLY A 61 14.85 7.23 2.17
CA GLY A 61 14.78 8.64 1.83
C GLY A 61 14.99 8.85 0.32
N GLU A 62 14.68 10.07 -0.12
CA GLU A 62 14.83 10.40 -1.53
C GLU A 62 16.11 9.78 -2.08
N GLY A 63 16.13 9.65 -3.40
CA GLY A 63 17.29 9.07 -4.09
C GLY A 63 17.03 7.61 -4.45
N GLU A 64 16.43 6.89 -3.53
CA GLU A 64 16.11 5.49 -3.74
C GLU A 64 14.69 5.34 -4.28
N GLU A 65 14.49 4.25 -5.02
CA GLU A 65 13.17 3.97 -5.59
C GLU A 65 12.36 3.07 -4.66
N TRP A 66 11.05 3.15 -4.81
CA TRP A 66 10.15 2.35 -3.99
C TRP A 66 9.65 1.18 -4.85
N LEU A 67 9.98 -0.02 -4.40
CA LEU A 67 9.57 -1.22 -5.10
C LEU A 67 8.47 -1.91 -4.31
N LEU A 68 7.68 -2.71 -5.03
CA LEU A 68 6.59 -3.44 -4.41
C LEU A 68 7.15 -4.63 -3.62
N ILE A 69 6.40 -5.02 -2.60
CA ILE A 69 6.82 -6.14 -1.77
C ILE A 69 5.61 -7.04 -1.51
N HIS A 70 4.51 -6.40 -1.11
CA HIS A 70 3.29 -7.13 -0.82
C HIS A 70 2.10 -6.40 -1.43
N GLN A 71 1.02 -7.16 -1.64
CA GLN A 71 -0.18 -6.59 -2.23
C GLN A 71 -1.41 -7.33 -1.69
N LEU A 72 -2.56 -6.67 -1.82
CA LEU A 72 -3.81 -7.25 -1.37
C LEU A 72 -4.88 -7.03 -2.44
N SER A 73 -5.22 -8.13 -3.11
CA SER A 73 -6.22 -8.07 -4.15
C SER A 73 -7.57 -8.57 -3.61
N ASN A 74 -8.64 -8.00 -4.14
CA ASN A 74 -9.97 -8.37 -3.72
C ASN A 74 -10.08 -8.29 -2.19
N GLU A 75 -10.40 -7.09 -1.72
CA GLU A 75 -10.53 -6.88 -0.29
C GLU A 75 -10.58 -5.38 0.01
N PRO A 76 -11.73 -4.75 -0.37
CA PRO A 76 -11.92 -3.33 -0.15
C PRO A 76 -12.21 -3.04 1.33
N ASP A 77 -12.77 -4.04 1.99
CA ASP A 77 -13.10 -3.91 3.41
C ASP A 77 -11.83 -4.04 4.24
N ALA A 78 -10.95 -4.93 3.79
CA ALA A 78 -9.70 -5.16 4.49
C ALA A 78 -9.13 -3.81 4.94
N ARG A 79 -8.82 -3.74 6.24
CA ARG A 79 -8.26 -2.53 6.81
C ARG A 79 -6.78 -2.73 7.14
N SER A 80 -6.42 -3.99 7.33
CA SER A 80 -5.04 -4.33 7.66
C SER A 80 -4.64 -5.64 6.97
N MET A 81 -3.34 -5.84 6.83
CA MET A 81 -2.83 -7.03 6.19
C MET A 81 -1.40 -7.32 6.66
N GLU A 82 -1.00 -8.58 6.49
CA GLU A 82 0.34 -9.00 6.89
C GLU A 82 1.29 -8.91 5.70
N VAL A 83 2.49 -8.42 5.98
CA VAL A 83 3.50 -8.27 4.95
C VAL A 83 4.67 -9.22 5.25
N PRO A 84 4.59 -10.42 4.63
CA PRO A 84 5.62 -11.43 4.81
C PRO A 84 6.89 -11.06 4.03
N ASP A 85 7.77 -12.04 3.90
CA ASP A 85 9.02 -11.84 3.19
C ASP A 85 9.60 -10.49 3.57
N LEU A 86 10.18 -10.44 4.76
CA LEU A 86 10.78 -9.21 5.26
C LEU A 86 12.20 -9.52 5.76
N ASN A 87 13.05 -8.51 5.63
CA ASN A 87 14.44 -8.67 6.06
C ASN A 87 14.54 -8.30 7.54
N PRO A 88 14.87 -9.32 8.36
CA PRO A 88 15.01 -9.12 9.80
C PRO A 88 16.31 -8.39 10.12
N PHE A 89 16.32 -7.76 11.28
CA PHE A 89 17.50 -7.03 11.73
C PHE A 89 17.96 -6.03 10.66
N THR A 90 16.98 -5.38 10.05
CA THR A 90 17.26 -4.40 9.01
C THR A 90 16.20 -3.29 9.02
N CYS A 91 16.68 -2.07 8.87
CA CYS A 91 15.80 -0.92 8.86
C CYS A 91 15.07 -0.89 7.50
N TYR A 92 13.76 -1.06 7.58
CA TYR A 92 12.94 -1.05 6.37
C TYR A 92 11.67 -0.23 6.58
N SER A 93 11.10 0.21 5.47
CA SER A 93 9.89 1.00 5.51
C SER A 93 8.76 0.30 4.76
N PHE A 94 7.57 0.85 4.89
CA PHE A 94 6.40 0.27 4.23
C PHE A 94 5.31 1.33 4.02
N ARG A 95 4.80 1.38 2.80
CA ARG A 95 3.76 2.33 2.46
C ARG A 95 2.50 1.60 1.98
N MET A 96 1.58 2.37 1.43
CA MET A 96 0.34 1.81 0.92
C MET A 96 -0.09 2.49 -0.37
N ARG A 97 -0.94 1.79 -1.12
CA ARG A 97 -1.43 2.32 -2.38
C ARG A 97 -2.79 1.72 -2.71
N GLN A 98 -3.57 2.48 -3.49
CA GLN A 98 -4.89 2.04 -3.88
C GLN A 98 -4.97 1.87 -5.40
N VAL A 99 -5.72 0.86 -5.82
CA VAL A 99 -5.89 0.59 -7.24
C VAL A 99 -7.37 0.30 -7.53
N ASN A 100 -7.89 1.00 -8.51
CA ASN A 100 -9.27 0.82 -8.91
C ASN A 100 -9.37 0.72 -10.43
N ILE A 101 -10.60 0.55 -10.90
CA ILE A 101 -10.84 0.44 -12.33
C ILE A 101 -10.26 1.67 -13.04
N VAL A 102 -10.03 2.72 -12.25
CA VAL A 102 -9.49 3.95 -12.79
C VAL A 102 -7.97 3.82 -12.92
N GLY A 103 -7.30 4.00 -11.79
CA GLY A 103 -5.85 3.91 -11.77
C GLY A 103 -5.34 3.68 -10.34
N THR A 104 -4.13 4.17 -10.09
CA THR A 104 -3.52 4.03 -8.79
C THR A 104 -3.25 5.41 -8.17
N SER A 105 -3.38 5.48 -6.85
CA SER A 105 -3.16 6.72 -6.14
C SER A 105 -1.66 6.93 -5.90
N PRO A 106 -1.31 8.12 -5.35
CA PRO A 106 0.07 8.45 -5.06
C PRO A 106 0.56 7.70 -3.82
N PRO A 107 1.89 7.83 -3.57
CA PRO A 107 2.50 7.18 -2.42
C PRO A 107 2.14 7.90 -1.12
N SER A 108 1.82 7.10 -0.11
CA SER A 108 1.46 7.65 1.18
C SER A 108 2.67 7.71 2.09
N GLN A 109 2.72 8.74 2.92
CA GLN A 109 3.83 8.92 3.84
C GLN A 109 4.29 7.57 4.39
N PRO A 110 5.64 7.42 4.51
CA PRO A 110 6.22 6.19 5.02
C PRO A 110 6.03 6.09 6.54
N SER A 111 5.88 4.85 6.99
CA SER A 111 5.69 4.59 8.41
C SER A 111 7.03 4.70 9.14
N ARG A 112 6.96 5.17 10.38
CA ARG A 112 8.16 5.33 11.19
C ARG A 112 9.10 4.15 10.97
N LYS A 113 10.39 4.44 11.06
CA LYS A 113 11.41 3.42 10.87
C LYS A 113 11.32 2.41 12.02
N ILE A 114 11.02 1.18 11.65
CA ILE A 114 10.91 0.11 12.63
C ILE A 114 12.09 -0.85 12.48
N GLN A 115 12.16 -1.80 13.41
CA GLN A 115 13.24 -2.77 13.39
C GLN A 115 12.67 -4.19 13.48
N THR A 116 12.77 -4.90 12.37
CA THR A 116 12.26 -6.27 12.31
C THR A 116 13.00 -7.15 13.32
N LEU A 117 12.32 -8.20 13.74
CA LEU A 117 12.89 -9.13 14.71
C LEU A 117 14.07 -9.85 14.06
N GLN A 118 14.77 -10.62 14.89
CA GLN A 118 15.93 -11.36 14.43
C GLN A 118 15.51 -12.74 13.93
N SER A 119 16.20 -13.20 12.90
CA SER A 119 15.90 -14.50 12.32
C SER A 119 17.04 -15.48 12.63
N GLY A 120 18.24 -15.09 12.23
CA GLY A 120 19.42 -15.92 12.46
C GLY A 120 19.67 -16.85 11.27
N PRO A 121 20.56 -17.85 11.50
CA PRO A 121 20.89 -18.81 10.46
C PRO A 121 19.76 -19.82 10.25
N SER A 122 18.60 -19.28 9.90
CA SER A 122 17.43 -20.13 9.67
C SER A 122 17.02 -20.82 10.97
N SER A 123 15.73 -20.73 11.28
CA SER A 123 15.20 -21.34 12.49
C SER A 123 14.06 -22.29 12.13
N GLY A 124 14.14 -23.48 12.67
CA GLY A 124 13.12 -24.50 12.42
C GLY A 124 13.32 -25.72 13.32
N GLY A 1 -13.27 20.19 -16.39
CA GLY A 1 -12.35 21.00 -17.16
C GLY A 1 -13.00 21.54 -18.43
N SER A 2 -12.84 22.84 -18.64
CA SER A 2 -13.40 23.48 -19.82
C SER A 2 -14.93 23.32 -19.81
N SER A 3 -15.57 24.06 -20.70
CA SER A 3 -17.02 24.01 -20.81
C SER A 3 -17.42 23.20 -22.05
N GLY A 4 -18.55 22.52 -21.94
CA GLY A 4 -19.05 21.71 -23.04
C GLY A 4 -19.64 20.39 -22.52
N SER A 5 -20.33 19.70 -23.42
CA SER A 5 -20.94 18.43 -23.07
C SER A 5 -19.85 17.39 -22.80
N SER A 6 -19.96 16.75 -21.63
CA SER A 6 -18.99 15.73 -21.25
C SER A 6 -19.72 14.41 -21.00
N GLY A 7 -20.69 14.46 -20.10
CA GLY A 7 -21.46 13.27 -19.77
C GLY A 7 -22.26 12.77 -20.97
N THR A 8 -22.80 11.57 -20.83
CA THR A 8 -23.57 10.97 -21.89
C THR A 8 -24.81 10.27 -21.32
N ILE A 9 -25.92 10.41 -22.02
CA ILE A 9 -27.16 9.80 -21.59
C ILE A 9 -27.02 8.27 -21.65
N SER A 10 -27.55 7.62 -20.63
CA SER A 10 -27.48 6.18 -20.54
C SER A 10 -26.05 5.69 -20.80
N SER A 11 -25.26 5.71 -19.74
CA SER A 11 -23.88 5.28 -19.83
C SER A 11 -23.31 5.05 -18.43
N GLY A 12 -23.36 6.10 -17.62
CA GLY A 12 -22.85 6.02 -16.27
C GLY A 12 -21.65 6.96 -16.07
N VAL A 13 -21.55 7.49 -14.86
CA VAL A 13 -20.46 8.39 -14.54
C VAL A 13 -19.17 7.59 -14.34
N PRO A 14 -18.05 8.16 -14.86
CA PRO A 14 -16.75 7.51 -14.74
C PRO A 14 -16.20 7.63 -13.33
N PRO A 15 -15.44 6.59 -12.91
CA PRO A 15 -14.85 6.57 -11.58
C PRO A 15 -13.65 7.52 -11.51
N GLU A 16 -13.28 7.85 -10.28
CA GLU A 16 -12.16 8.75 -10.06
C GLU A 16 -11.04 8.02 -9.31
N LEU A 17 -9.92 8.70 -9.17
CA LEU A 17 -8.77 8.14 -8.49
C LEU A 17 -9.00 8.21 -6.97
N PRO A 18 -8.32 7.29 -6.25
CA PRO A 18 -8.44 7.24 -4.79
C PRO A 18 -7.66 8.38 -4.14
N GLY A 19 -7.39 8.21 -2.86
CA GLY A 19 -6.65 9.21 -2.11
C GLY A 19 -5.58 8.56 -1.23
N PRO A 20 -4.70 9.42 -0.66
CA PRO A 20 -3.63 8.95 0.20
C PRO A 20 -4.16 8.55 1.58
N PRO A 21 -4.03 7.23 1.87
CA PRO A 21 -4.50 6.71 3.16
C PRO A 21 -3.55 7.11 4.29
N THR A 22 -4.15 7.44 5.42
CA THR A 22 -3.37 7.84 6.59
C THR A 22 -3.52 6.80 7.70
N ASN A 23 -3.11 7.21 8.90
CA ASN A 23 -3.18 6.33 10.06
C ASN A 23 -2.27 5.12 9.84
N LEU A 24 -1.25 5.34 9.02
CA LEU A 24 -0.29 4.29 8.73
C LEU A 24 0.56 4.02 9.97
N GLY A 25 0.64 2.75 10.34
CA GLY A 25 1.40 2.35 11.51
C GLY A 25 1.85 0.89 11.39
N ILE A 26 3.02 0.62 11.94
CA ILE A 26 3.57 -0.73 11.91
C ILE A 26 3.31 -1.41 13.25
N SER A 27 2.60 -2.53 13.18
CA SER A 27 2.28 -3.29 14.37
C SER A 27 2.70 -4.75 14.20
N ASN A 28 2.68 -5.48 15.31
CA ASN A 28 3.06 -6.88 15.30
C ASN A 28 4.28 -7.06 14.39
N ILE A 29 5.32 -6.30 14.69
CA ILE A 29 6.55 -6.37 13.91
C ILE A 29 7.23 -7.72 14.15
N GLY A 30 7.03 -8.62 13.21
CA GLY A 30 7.61 -9.95 13.32
C GLY A 30 9.05 -9.96 12.78
N PRO A 31 9.60 -11.19 12.61
CA PRO A 31 10.95 -11.35 12.11
C PRO A 31 11.01 -11.08 10.61
N ARG A 32 10.09 -11.70 9.89
CA ARG A 32 10.03 -11.54 8.44
C ARG A 32 8.62 -11.15 8.01
N SER A 33 7.79 -10.84 9.00
CA SER A 33 6.42 -10.46 8.74
C SER A 33 5.95 -9.44 9.77
N VAL A 34 5.06 -8.55 9.33
CA VAL A 34 4.53 -7.53 10.21
C VAL A 34 3.11 -7.18 9.77
N THR A 35 2.40 -6.51 10.67
CA THR A 35 1.02 -6.11 10.39
C THR A 35 0.95 -4.60 10.14
N LEU A 36 0.61 -4.25 8.91
CA LEU A 36 0.51 -2.85 8.54
C LEU A 36 -0.96 -2.43 8.60
N GLN A 37 -1.19 -1.33 9.29
CA GLN A 37 -2.54 -0.81 9.45
C GLN A 37 -2.69 0.51 8.67
N PHE A 38 -3.87 0.69 8.10
CA PHE A 38 -4.16 1.89 7.34
C PHE A 38 -5.66 2.16 7.26
N ARG A 39 -6.02 3.13 6.43
CA ARG A 39 -7.42 3.47 6.26
C ARG A 39 -7.62 4.20 4.92
N PRO A 40 -8.66 3.74 4.17
CA PRO A 40 -8.98 4.33 2.88
C PRO A 40 -9.64 5.70 3.04
N GLY A 41 -8.91 6.73 2.65
CA GLY A 41 -9.42 8.09 2.76
C GLY A 41 -10.59 8.31 1.79
N TYR A 42 -10.25 8.37 0.51
CA TYR A 42 -11.26 8.57 -0.52
C TYR A 42 -11.12 7.53 -1.63
N ASP A 43 -11.77 6.41 -1.42
CA ASP A 43 -11.73 5.32 -2.39
C ASP A 43 -11.82 5.91 -3.81
N GLY A 44 -12.90 6.63 -4.04
CA GLY A 44 -13.12 7.26 -5.33
C GLY A 44 -14.35 6.66 -6.03
N LYS A 45 -15.48 6.78 -5.35
CA LYS A 45 -16.72 6.26 -5.89
C LYS A 45 -16.48 4.87 -6.49
N THR A 46 -15.57 4.14 -5.86
CA THR A 46 -15.24 2.81 -6.33
C THR A 46 -14.29 2.12 -5.34
N SER A 47 -14.50 0.83 -5.16
CA SER A 47 -13.68 0.05 -4.26
C SER A 47 -12.30 -0.19 -4.87
N ILE A 48 -11.36 -0.58 -4.02
CA ILE A 48 -10.00 -0.83 -4.47
C ILE A 48 -9.93 -2.24 -5.08
N SER A 49 -9.23 -2.32 -6.20
CA SER A 49 -9.07 -3.59 -6.89
C SER A 49 -7.91 -4.38 -6.29
N ARG A 50 -6.96 -3.64 -5.75
CA ARG A 50 -5.79 -4.25 -5.13
C ARG A 50 -4.97 -3.19 -4.38
N TRP A 51 -4.50 -3.59 -3.21
CA TRP A 51 -3.70 -2.71 -2.38
C TRP A 51 -2.23 -2.98 -2.66
N LEU A 52 -1.47 -1.90 -2.81
CA LEU A 52 -0.05 -2.02 -3.09
C LEU A 52 0.74 -1.64 -1.83
N VAL A 53 1.73 -2.47 -1.52
CA VAL A 53 2.56 -2.24 -0.34
C VAL A 53 4.03 -2.27 -0.77
N GLU A 54 4.62 -1.09 -0.80
CA GLU A 54 6.03 -0.97 -1.19
C GLU A 54 6.90 -0.82 0.06
N ALA A 55 8.20 -0.91 -0.15
CA ALA A 55 9.15 -0.79 0.93
C ALA A 55 10.56 -0.61 0.37
N GLN A 56 11.45 -0.13 1.22
CA GLN A 56 12.83 0.09 0.81
C GLN A 56 13.78 -0.71 1.70
N VAL A 57 14.89 -1.13 1.10
CA VAL A 57 15.89 -1.90 1.83
C VAL A 57 16.88 -0.94 2.50
N GLY A 58 17.05 -1.13 3.80
CA GLY A 58 17.97 -0.30 4.56
C GLY A 58 17.89 1.16 4.09
N VAL A 59 18.81 1.50 3.20
CA VAL A 59 18.86 2.86 2.67
C VAL A 59 17.47 3.26 2.18
N VAL A 60 16.78 4.02 3.02
CA VAL A 60 15.45 4.48 2.69
C VAL A 60 15.38 6.01 2.85
N GLY A 61 15.31 6.68 1.71
CA GLY A 61 15.25 8.14 1.71
C GLY A 61 14.48 8.65 0.49
N GLU A 62 15.23 8.90 -0.57
CA GLU A 62 14.64 9.39 -1.80
C GLU A 62 15.37 8.80 -3.02
N GLY A 63 16.67 8.94 -3.00
CA GLY A 63 17.50 8.43 -4.08
C GLY A 63 17.04 7.02 -4.50
N GLU A 64 16.86 6.18 -3.50
CA GLU A 64 16.43 4.81 -3.75
C GLU A 64 14.96 4.78 -4.18
N GLU A 65 14.64 3.81 -5.01
CA GLU A 65 13.28 3.66 -5.50
C GLU A 65 12.46 2.79 -4.54
N TRP A 66 11.15 2.79 -4.77
CA TRP A 66 10.25 2.01 -3.93
C TRP A 66 9.59 0.95 -4.81
N LEU A 67 9.87 -0.30 -4.48
CA LEU A 67 9.31 -1.42 -5.23
C LEU A 67 8.23 -2.10 -4.39
N LEU A 68 7.35 -2.82 -5.09
CA LEU A 68 6.26 -3.51 -4.43
C LEU A 68 6.81 -4.75 -3.72
N ILE A 69 6.25 -5.02 -2.55
CA ILE A 69 6.68 -6.16 -1.76
C ILE A 69 5.47 -7.05 -1.46
N HIS A 70 4.36 -6.39 -1.11
CA HIS A 70 3.14 -7.10 -0.80
C HIS A 70 1.94 -6.35 -1.40
N GLN A 71 0.99 -7.12 -1.89
CA GLN A 71 -0.20 -6.54 -2.49
C GLN A 71 -1.42 -7.42 -2.19
N LEU A 72 -2.50 -6.76 -1.78
CA LEU A 72 -3.74 -7.45 -1.45
C LEU A 72 -4.76 -7.21 -2.56
N SER A 73 -5.17 -8.30 -3.20
CA SER A 73 -6.14 -8.21 -4.28
C SER A 73 -7.51 -8.67 -3.78
N ASN A 74 -8.55 -8.11 -4.37
CA ASN A 74 -9.91 -8.45 -4.00
C ASN A 74 -10.03 -8.44 -2.47
N GLU A 75 -10.20 -7.24 -1.93
CA GLU A 75 -10.33 -7.08 -0.49
C GLU A 75 -10.30 -5.60 -0.12
N PRO A 76 -11.37 -4.88 -0.54
CA PRO A 76 -11.48 -3.46 -0.26
C PRO A 76 -11.84 -3.21 1.21
N ASP A 77 -12.34 -4.26 1.84
CA ASP A 77 -12.74 -4.18 3.24
C ASP A 77 -11.52 -4.41 4.12
N ALA A 78 -10.52 -5.06 3.55
CA ALA A 78 -9.29 -5.35 4.27
C ALA A 78 -8.67 -4.04 4.75
N ARG A 79 -8.74 -3.83 6.05
CA ARG A 79 -8.19 -2.63 6.65
C ARG A 79 -6.72 -2.83 7.01
N SER A 80 -6.36 -4.09 7.18
CA SER A 80 -4.99 -4.44 7.53
C SER A 80 -4.58 -5.75 6.84
N MET A 81 -3.28 -5.98 6.79
CA MET A 81 -2.76 -7.18 6.16
C MET A 81 -1.31 -7.43 6.58
N GLU A 82 -0.91 -8.69 6.46
CA GLU A 82 0.44 -9.08 6.83
C GLU A 82 1.38 -8.93 5.63
N VAL A 83 2.57 -8.41 5.90
CA VAL A 83 3.56 -8.23 4.85
C VAL A 83 4.76 -9.13 5.13
N PRO A 84 4.74 -10.34 4.50
CA PRO A 84 5.81 -11.30 4.67
C PRO A 84 7.05 -10.88 3.87
N ASP A 85 7.96 -11.83 3.71
CA ASP A 85 9.18 -11.58 2.97
C ASP A 85 9.79 -10.26 3.45
N LEU A 86 10.22 -10.25 4.70
CA LEU A 86 10.82 -9.07 5.28
C LEU A 86 12.22 -9.42 5.82
N ASN A 87 13.11 -8.45 5.73
CA ASN A 87 14.47 -8.63 6.21
C ASN A 87 14.54 -8.32 7.70
N PRO A 88 14.87 -9.37 8.49
CA PRO A 88 14.98 -9.22 9.94
C PRO A 88 16.25 -8.47 10.32
N PHE A 89 16.19 -7.78 11.45
CA PHE A 89 17.33 -7.02 11.93
C PHE A 89 17.83 -6.05 10.87
N THR A 90 16.88 -5.40 10.21
CA THR A 90 17.21 -4.44 9.16
C THR A 90 16.18 -3.31 9.12
N CYS A 91 16.67 -2.10 8.94
CA CYS A 91 15.81 -0.94 8.87
C CYS A 91 15.09 -0.94 7.52
N TYR A 92 13.77 -1.02 7.58
CA TYR A 92 12.96 -1.03 6.38
C TYR A 92 11.75 -0.12 6.51
N SER A 93 11.30 0.40 5.38
CA SER A 93 10.15 1.28 5.37
C SER A 93 9.03 0.68 4.51
N PHE A 94 7.82 1.17 4.74
CA PHE A 94 6.67 0.69 3.99
C PHE A 94 5.68 1.83 3.72
N ARG A 95 4.88 1.63 2.68
CA ARG A 95 3.90 2.63 2.30
C ARG A 95 2.59 1.95 1.87
N MET A 96 1.70 2.76 1.31
CA MET A 96 0.42 2.25 0.85
C MET A 96 0.07 2.79 -0.53
N ARG A 97 -0.90 2.15 -1.16
CA ARG A 97 -1.33 2.55 -2.49
C ARG A 97 -2.65 1.86 -2.84
N GLN A 98 -3.49 2.59 -3.57
CA GLN A 98 -4.77 2.06 -3.99
C GLN A 98 -4.81 1.91 -5.51
N VAL A 99 -5.56 0.90 -5.95
CA VAL A 99 -5.69 0.64 -7.37
C VAL A 99 -7.16 0.36 -7.70
N ASN A 100 -7.67 1.11 -8.68
CA ASN A 100 -9.04 0.96 -9.09
C ASN A 100 -9.11 0.96 -10.62
N ILE A 101 -10.33 0.86 -11.13
CA ILE A 101 -10.56 0.85 -12.56
C ILE A 101 -10.08 2.18 -13.15
N VAL A 102 -9.83 3.13 -12.26
CA VAL A 102 -9.38 4.44 -12.68
C VAL A 102 -7.88 4.39 -12.98
N GLY A 103 -7.10 4.29 -11.92
CA GLY A 103 -5.65 4.24 -12.05
C GLY A 103 -5.00 3.74 -10.76
N THR A 104 -3.83 4.28 -10.48
CA THR A 104 -3.10 3.90 -9.29
C THR A 104 -2.65 5.15 -8.51
N SER A 105 -3.28 5.36 -7.37
CA SER A 105 -2.95 6.50 -6.53
C SER A 105 -1.44 6.54 -6.26
N PRO A 106 -0.97 7.74 -5.85
CA PRO A 106 0.45 7.93 -5.55
C PRO A 106 0.80 7.28 -4.21
N PRO A 107 2.14 7.29 -3.91
CA PRO A 107 2.62 6.71 -2.66
C PRO A 107 2.31 7.64 -1.49
N SER A 108 1.94 7.01 -0.37
CA SER A 108 1.62 7.77 0.84
C SER A 108 2.85 7.86 1.74
N GLN A 109 2.77 8.76 2.71
CA GLN A 109 3.87 8.96 3.64
C GLN A 109 4.26 7.63 4.29
N PRO A 110 5.60 7.41 4.38
CA PRO A 110 6.13 6.19 4.97
C PRO A 110 5.99 6.22 6.50
N SER A 111 5.91 5.03 7.07
CA SER A 111 5.76 4.90 8.51
C SER A 111 7.13 5.06 9.18
N ARG A 112 7.10 5.29 10.49
CA ARG A 112 8.32 5.46 11.25
C ARG A 112 9.25 4.27 11.02
N LYS A 113 10.55 4.55 11.15
CA LYS A 113 11.56 3.52 10.95
C LYS A 113 11.44 2.49 12.07
N ILE A 114 11.19 1.25 11.66
CA ILE A 114 11.05 0.16 12.61
C ILE A 114 12.21 -0.82 12.43
N GLN A 115 12.34 -1.72 13.39
CA GLN A 115 13.40 -2.71 13.35
C GLN A 115 12.81 -4.12 13.50
N THR A 116 12.84 -4.85 12.39
CA THR A 116 12.31 -6.21 12.37
C THR A 116 13.04 -7.06 13.41
N LEU A 117 12.38 -8.14 13.81
CA LEU A 117 12.95 -9.05 14.79
C LEU A 117 14.16 -9.76 14.18
N GLN A 118 14.82 -10.56 15.01
CA GLN A 118 15.98 -11.30 14.56
C GLN A 118 15.57 -12.69 14.07
N SER A 119 16.31 -13.18 13.09
CA SER A 119 16.03 -14.49 12.52
C SER A 119 16.84 -15.56 13.26
N GLY A 120 16.17 -16.67 13.55
CA GLY A 120 16.80 -17.76 14.25
C GLY A 120 15.90 -19.00 14.27
N PRO A 121 16.28 -19.97 15.15
CA PRO A 121 15.50 -21.20 15.27
C PRO A 121 14.21 -20.95 16.05
N SER A 122 13.14 -21.60 15.58
CA SER A 122 11.85 -21.46 16.22
C SER A 122 11.36 -20.03 16.09
N SER A 123 10.05 -19.86 16.27
CA SER A 123 9.43 -18.54 16.18
C SER A 123 9.39 -17.90 17.56
N GLY A 124 10.29 -16.95 17.76
CA GLY A 124 10.36 -16.24 19.03
C GLY A 124 11.56 -15.28 19.06
N GLY A 1 -3.81 26.48 -22.37
CA GLY A 1 -3.20 25.20 -22.67
C GLY A 1 -3.03 25.01 -24.17
N SER A 2 -3.65 23.96 -24.68
CA SER A 2 -3.58 23.64 -26.10
C SER A 2 -4.52 22.48 -26.43
N SER A 3 -4.91 22.42 -27.70
CA SER A 3 -5.79 21.36 -28.16
C SER A 3 -5.40 20.03 -27.51
N GLY A 4 -6.35 19.47 -26.77
CA GLY A 4 -6.13 18.21 -26.09
C GLY A 4 -6.36 17.03 -27.04
N SER A 5 -7.00 16.00 -26.50
CA SER A 5 -7.30 14.82 -27.28
C SER A 5 -8.80 14.53 -27.26
N SER A 6 -9.32 14.36 -26.05
CA SER A 6 -10.74 14.09 -25.88
C SER A 6 -11.15 12.89 -26.74
N GLY A 7 -11.15 11.72 -26.11
CA GLY A 7 -11.51 10.50 -26.81
C GLY A 7 -13.02 10.38 -26.94
N THR A 8 -13.55 9.29 -26.39
CA THR A 8 -14.98 9.04 -26.44
C THR A 8 -15.61 9.26 -25.06
N ILE A 9 -16.89 9.58 -25.07
CA ILE A 9 -17.62 9.82 -23.84
C ILE A 9 -18.09 8.48 -23.25
N SER A 10 -18.39 8.51 -21.96
CA SER A 10 -18.85 7.31 -21.28
C SER A 10 -20.38 7.30 -21.22
N SER A 11 -20.92 6.10 -21.24
CA SER A 11 -22.37 5.93 -21.19
C SER A 11 -22.91 6.51 -19.87
N GLY A 12 -22.30 6.10 -18.79
CA GLY A 12 -22.71 6.56 -17.47
C GLY A 12 -21.68 7.54 -16.89
N VAL A 13 -21.41 7.37 -15.60
CA VAL A 13 -20.46 8.22 -14.91
C VAL A 13 -19.18 7.44 -14.65
N PRO A 14 -18.05 7.98 -15.18
CA PRO A 14 -16.76 7.35 -15.01
C PRO A 14 -16.23 7.54 -13.59
N PRO A 15 -15.48 6.52 -13.11
CA PRO A 15 -14.90 6.58 -11.77
C PRO A 15 -13.71 7.53 -11.72
N GLU A 16 -13.30 7.85 -10.50
CA GLU A 16 -12.17 8.75 -10.31
C GLU A 16 -11.06 8.04 -9.53
N LEU A 17 -9.95 8.74 -9.38
CA LEU A 17 -8.81 8.19 -8.66
C LEU A 17 -9.08 8.24 -7.16
N PRO A 18 -8.41 7.31 -6.43
CA PRO A 18 -8.58 7.24 -4.98
C PRO A 18 -7.82 8.36 -4.29
N GLY A 19 -7.58 8.18 -3.00
CA GLY A 19 -6.87 9.17 -2.22
C GLY A 19 -5.79 8.51 -1.35
N PRO A 20 -4.92 9.37 -0.76
CA PRO A 20 -3.85 8.88 0.09
C PRO A 20 -4.39 8.44 1.46
N PRO A 21 -4.20 7.13 1.75
CA PRO A 21 -4.65 6.57 3.01
C PRO A 21 -3.74 7.00 4.16
N THR A 22 -4.37 7.37 5.26
CA THR A 22 -3.63 7.79 6.44
C THR A 22 -3.79 6.78 7.57
N ASN A 23 -3.38 7.19 8.76
CA ASN A 23 -3.48 6.34 9.93
C ASN A 23 -2.63 5.09 9.72
N LEU A 24 -1.56 5.26 8.95
CA LEU A 24 -0.65 4.16 8.66
C LEU A 24 0.16 3.83 9.91
N GLY A 25 0.49 2.56 10.06
CA GLY A 25 1.27 2.10 11.20
C GLY A 25 1.49 0.59 11.13
N ILE A 26 2.72 0.20 11.45
CA ILE A 26 3.07 -1.20 11.44
C ILE A 26 3.33 -1.67 12.88
N SER A 27 2.51 -2.62 13.32
CA SER A 27 2.65 -3.15 14.66
C SER A 27 2.84 -4.67 14.60
N ASN A 28 3.24 -5.22 15.74
CA ASN A 28 3.46 -6.66 15.82
C ASN A 28 4.52 -7.07 14.80
N ILE A 29 5.56 -6.26 14.72
CA ILE A 29 6.65 -6.53 13.80
C ILE A 29 7.34 -7.83 14.19
N GLY A 30 7.34 -8.77 13.26
CA GLY A 30 7.97 -10.05 13.50
C GLY A 30 9.37 -10.12 12.86
N PRO A 31 9.81 -11.37 12.57
CA PRO A 31 11.11 -11.58 11.96
C PRO A 31 11.09 -11.20 10.48
N ARG A 32 10.19 -11.86 9.75
CA ARG A 32 10.06 -11.60 8.33
C ARG A 32 8.59 -11.36 7.97
N SER A 33 7.83 -10.94 8.97
CA SER A 33 6.42 -10.66 8.76
C SER A 33 5.95 -9.59 9.77
N VAL A 34 5.15 -8.66 9.26
CA VAL A 34 4.63 -7.59 10.09
C VAL A 34 3.22 -7.24 9.63
N THR A 35 2.50 -6.54 10.50
CA THR A 35 1.15 -6.13 10.20
C THR A 35 1.09 -4.64 9.84
N LEU A 36 0.56 -4.37 8.66
CA LEU A 36 0.44 -3.00 8.18
C LEU A 36 -1.00 -2.52 8.37
N GLN A 37 -1.12 -1.35 8.98
CA GLN A 37 -2.43 -0.77 9.23
C GLN A 37 -2.60 0.51 8.41
N PHE A 38 -3.86 0.84 8.15
CA PHE A 38 -4.17 2.03 7.38
C PHE A 38 -5.69 2.22 7.25
N ARG A 39 -6.07 3.25 6.51
CA ARG A 39 -7.47 3.55 6.30
C ARG A 39 -7.68 4.22 4.94
N PRO A 40 -8.72 3.73 4.21
CA PRO A 40 -9.03 4.26 2.90
C PRO A 40 -9.71 5.64 3.01
N GLY A 41 -8.97 6.65 2.62
CA GLY A 41 -9.48 8.02 2.67
C GLY A 41 -10.58 8.23 1.64
N TYR A 42 -10.17 8.28 0.38
CA TYR A 42 -11.11 8.47 -0.70
C TYR A 42 -10.98 7.37 -1.76
N ASP A 43 -11.90 6.41 -1.69
CA ASP A 43 -11.90 5.29 -2.61
C ASP A 43 -11.92 5.83 -4.04
N GLY A 44 -12.87 6.72 -4.29
CA GLY A 44 -13.01 7.30 -5.61
C GLY A 44 -14.29 6.81 -6.30
N LYS A 45 -15.31 6.58 -5.49
CA LYS A 45 -16.58 6.10 -6.01
C LYS A 45 -16.38 4.74 -6.68
N THR A 46 -15.48 3.96 -6.11
CA THR A 46 -15.18 2.64 -6.64
C THR A 46 -14.26 1.87 -5.69
N SER A 47 -14.72 0.70 -5.29
CA SER A 47 -13.95 -0.14 -4.38
C SER A 47 -12.56 -0.41 -4.96
N ILE A 48 -11.60 -0.54 -4.07
CA ILE A 48 -10.23 -0.79 -4.49
C ILE A 48 -10.14 -2.19 -5.12
N SER A 49 -9.28 -2.30 -6.12
CA SER A 49 -9.10 -3.56 -6.81
C SER A 49 -7.96 -4.35 -6.17
N ARG A 50 -6.98 -3.61 -5.66
CA ARG A 50 -5.83 -4.22 -5.02
C ARG A 50 -5.01 -3.16 -4.29
N TRP A 51 -4.52 -3.54 -3.11
CA TRP A 51 -3.71 -2.63 -2.31
C TRP A 51 -2.24 -2.94 -2.59
N LEU A 52 -1.47 -1.89 -2.76
CA LEU A 52 -0.05 -2.03 -3.02
C LEU A 52 0.74 -1.63 -1.78
N VAL A 53 1.67 -2.50 -1.39
CA VAL A 53 2.50 -2.24 -0.23
C VAL A 53 3.97 -2.27 -0.65
N GLU A 54 4.56 -1.08 -0.72
CA GLU A 54 5.95 -0.96 -1.10
C GLU A 54 6.81 -0.65 0.13
N ALA A 55 8.10 -0.94 0.00
CA ALA A 55 9.03 -0.70 1.08
C ALA A 55 10.41 -0.36 0.50
N GLN A 56 11.25 0.20 1.36
CA GLN A 56 12.60 0.58 0.94
C GLN A 56 13.64 -0.17 1.78
N VAL A 57 14.72 -0.54 1.12
CA VAL A 57 15.79 -1.26 1.78
C VAL A 57 16.79 -0.25 2.36
N GLY A 58 17.14 -0.48 3.62
CA GLY A 58 18.09 0.39 4.30
C GLY A 58 17.87 1.85 3.91
N VAL A 59 18.67 2.29 2.94
CA VAL A 59 18.57 3.66 2.46
C VAL A 59 17.10 4.01 2.22
N VAL A 60 16.53 4.68 3.21
CA VAL A 60 15.13 5.09 3.13
C VAL A 60 15.06 6.57 2.74
N GLY A 61 15.24 6.81 1.45
CA GLY A 61 15.20 8.18 0.94
C GLY A 61 16.07 8.33 -0.30
N GLU A 62 16.66 9.50 -0.43
CA GLU A 62 17.54 9.79 -1.57
C GLU A 62 16.79 9.53 -2.87
N GLY A 63 17.53 9.66 -3.97
CA GLY A 63 16.95 9.45 -5.29
C GLY A 63 16.82 7.96 -5.59
N GLU A 64 16.17 7.25 -4.68
CA GLU A 64 15.97 5.82 -4.85
C GLU A 64 14.52 5.53 -5.27
N GLU A 65 14.27 4.26 -5.57
CA GLU A 65 12.95 3.84 -5.98
C GLU A 65 12.27 3.04 -4.87
N TRP A 66 10.96 2.87 -5.01
CA TRP A 66 10.19 2.14 -4.03
C TRP A 66 9.63 0.89 -4.72
N LEU A 67 10.21 -0.25 -4.37
CA LEU A 67 9.78 -1.51 -4.95
C LEU A 67 8.64 -2.10 -4.10
N LEU A 68 7.79 -2.86 -4.76
CA LEU A 68 6.67 -3.48 -4.09
C LEU A 68 7.15 -4.71 -3.31
N ILE A 69 6.42 -5.03 -2.25
CA ILE A 69 6.77 -6.17 -1.42
C ILE A 69 5.52 -7.00 -1.16
N HIS A 70 4.46 -6.31 -0.76
CA HIS A 70 3.20 -6.97 -0.48
C HIS A 70 2.06 -6.27 -1.22
N GLN A 71 1.03 -7.04 -1.55
CA GLN A 71 -0.12 -6.50 -2.26
C GLN A 71 -1.35 -7.36 -1.99
N LEU A 72 -2.41 -6.69 -1.57
CA LEU A 72 -3.67 -7.37 -1.28
C LEU A 72 -4.66 -7.12 -2.42
N SER A 73 -4.91 -8.18 -3.18
CA SER A 73 -5.83 -8.08 -4.31
C SER A 73 -7.22 -8.56 -3.88
N ASN A 74 -8.22 -8.08 -4.59
CA ASN A 74 -9.60 -8.45 -4.30
C ASN A 74 -9.80 -8.47 -2.79
N GLU A 75 -9.95 -7.29 -2.22
CA GLU A 75 -10.15 -7.16 -0.79
C GLU A 75 -10.21 -5.68 -0.39
N PRO A 76 -11.27 -4.99 -0.89
CA PRO A 76 -11.46 -3.59 -0.60
C PRO A 76 -11.97 -3.38 0.83
N ASP A 77 -12.12 -4.50 1.53
CA ASP A 77 -12.60 -4.47 2.91
C ASP A 77 -11.51 -4.98 3.84
N ALA A 78 -10.31 -4.42 3.66
CA ALA A 78 -9.18 -4.81 4.48
C ALA A 78 -8.52 -3.55 5.05
N ARG A 79 -8.69 -3.36 6.34
CA ARG A 79 -8.12 -2.22 7.02
C ARG A 79 -6.61 -2.43 7.25
N SER A 80 -6.26 -3.69 7.47
CA SER A 80 -4.87 -4.03 7.70
C SER A 80 -4.55 -5.39 7.06
N MET A 81 -3.27 -5.70 7.00
CA MET A 81 -2.82 -6.96 6.41
C MET A 81 -1.36 -7.24 6.76
N GLU A 82 -0.99 -8.50 6.68
CA GLU A 82 0.36 -8.93 6.98
C GLU A 82 1.25 -8.75 5.76
N VAL A 83 2.47 -8.29 6.02
CA VAL A 83 3.43 -8.07 4.95
C VAL A 83 4.60 -9.04 5.12
N PRO A 84 4.48 -10.21 4.41
CA PRO A 84 5.51 -11.23 4.47
C PRO A 84 6.75 -10.81 3.65
N ASP A 85 7.59 -11.78 3.39
CA ASP A 85 8.81 -11.54 2.63
C ASP A 85 9.48 -10.26 3.14
N LEU A 86 9.93 -10.33 4.38
CA LEU A 86 10.59 -9.18 5.00
C LEU A 86 12.01 -9.57 5.41
N ASN A 87 12.92 -8.63 5.24
CA ASN A 87 14.31 -8.87 5.58
C ASN A 87 14.54 -8.51 7.04
N PRO A 88 14.84 -9.56 7.85
CA PRO A 88 15.09 -9.37 9.27
C PRO A 88 16.47 -8.73 9.52
N PHE A 89 16.53 -7.91 10.55
CA PHE A 89 17.76 -7.24 10.90
C PHE A 89 18.13 -6.20 9.85
N THR A 90 17.11 -5.53 9.33
CA THR A 90 17.31 -4.51 8.31
C THR A 90 16.25 -3.41 8.45
N CYS A 91 16.70 -2.17 8.30
CA CYS A 91 15.80 -1.03 8.40
C CYS A 91 15.02 -0.93 7.09
N TYR A 92 13.71 -1.08 7.21
CA TYR A 92 12.84 -1.00 6.04
C TYR A 92 11.59 -0.17 6.35
N SER A 93 10.93 0.26 5.28
CA SER A 93 9.73 1.06 5.43
C SER A 93 8.55 0.35 4.77
N PHE A 94 7.40 1.01 4.78
CA PHE A 94 6.19 0.45 4.20
C PHE A 94 5.21 1.56 3.82
N ARG A 95 4.77 1.52 2.57
CA ARG A 95 3.84 2.50 2.06
C ARG A 95 2.63 1.81 1.43
N MET A 96 1.47 2.44 1.61
CA MET A 96 0.25 1.89 1.06
C MET A 96 -0.10 2.54 -0.28
N ARG A 97 -0.94 1.85 -1.05
CA ARG A 97 -1.35 2.35 -2.34
C ARG A 97 -2.70 1.74 -2.75
N GLN A 98 -3.46 2.52 -3.50
CA GLN A 98 -4.76 2.06 -3.95
C GLN A 98 -4.77 1.92 -5.48
N VAL A 99 -5.55 0.95 -5.95
CA VAL A 99 -5.66 0.71 -7.38
C VAL A 99 -7.11 0.41 -7.73
N ASN A 100 -7.63 1.20 -8.67
CA ASN A 100 -9.01 1.03 -9.11
C ASN A 100 -9.06 1.03 -10.64
N ILE A 101 -10.26 0.90 -11.16
CA ILE A 101 -10.46 0.89 -12.60
C ILE A 101 -9.99 2.23 -13.19
N VAL A 102 -9.80 3.19 -12.30
CA VAL A 102 -9.36 4.51 -12.70
C VAL A 102 -7.85 4.49 -12.95
N GLY A 103 -7.11 4.36 -11.86
CA GLY A 103 -5.66 4.33 -11.95
C GLY A 103 -5.05 3.82 -10.64
N THR A 104 -3.84 4.30 -10.36
CA THR A 104 -3.14 3.92 -9.15
C THR A 104 -2.69 5.16 -8.37
N SER A 105 -3.46 5.47 -7.33
CA SER A 105 -3.16 6.62 -6.49
C SER A 105 -1.65 6.70 -6.25
N PRO A 106 -1.21 7.91 -5.78
CA PRO A 106 0.20 8.12 -5.49
C PRO A 106 0.60 7.44 -4.20
N PRO A 107 1.94 7.49 -3.91
CA PRO A 107 2.46 6.88 -2.69
C PRO A 107 2.13 7.74 -1.47
N SER A 108 1.79 7.05 -0.39
CA SER A 108 1.45 7.73 0.86
C SER A 108 2.69 7.83 1.75
N GLN A 109 2.57 8.65 2.78
CA GLN A 109 3.66 8.85 3.71
C GLN A 109 4.18 7.50 4.21
N PRO A 110 5.53 7.40 4.29
CA PRO A 110 6.16 6.17 4.75
C PRO A 110 6.04 6.02 6.26
N SER A 111 6.06 4.77 6.70
CA SER A 111 5.94 4.47 8.12
C SER A 111 7.26 4.79 8.83
N ARG A 112 7.19 4.81 10.16
CA ARG A 112 8.37 5.10 10.96
C ARG A 112 9.42 4.01 10.78
N LYS A 113 10.65 4.36 11.10
CA LYS A 113 11.75 3.42 10.98
C LYS A 113 11.60 2.31 12.02
N ILE A 114 11.35 1.11 11.52
CA ILE A 114 11.18 -0.04 12.39
C ILE A 114 12.41 -0.94 12.29
N GLN A 115 12.32 -2.08 12.97
CA GLN A 115 13.42 -3.04 12.96
C GLN A 115 12.88 -4.46 13.05
N THR A 116 13.00 -5.19 11.95
CA THR A 116 12.53 -6.55 11.89
C THR A 116 13.36 -7.45 12.82
N LEU A 117 12.69 -8.42 13.42
CA LEU A 117 13.35 -9.33 14.33
C LEU A 117 14.38 -10.15 13.56
N GLN A 118 15.11 -10.98 14.30
CA GLN A 118 16.13 -11.83 13.69
C GLN A 118 15.52 -13.14 13.19
N SER A 119 16.13 -13.68 12.16
CA SER A 119 15.65 -14.93 11.59
C SER A 119 16.31 -16.11 12.29
N GLY A 120 15.49 -17.12 12.57
CA GLY A 120 15.98 -18.31 13.24
C GLY A 120 15.70 -19.56 12.41
N PRO A 121 16.47 -20.65 12.70
CA PRO A 121 16.30 -21.90 11.99
C PRO A 121 15.04 -22.63 12.46
N SER A 122 14.99 -22.90 13.74
CA SER A 122 13.86 -23.59 14.32
C SER A 122 13.76 -25.01 13.75
N SER A 123 14.15 -25.97 14.58
CA SER A 123 14.10 -27.37 14.17
C SER A 123 14.59 -28.26 15.31
N GLY A 124 13.74 -29.22 15.67
CA GLY A 124 14.08 -30.14 16.74
C GLY A 124 12.85 -30.96 17.15
N GLY A 1 -0.31 16.83 -21.33
CA GLY A 1 -1.66 16.34 -21.57
C GLY A 1 -2.54 17.43 -22.17
N SER A 2 -3.43 17.01 -23.05
CA SER A 2 -4.33 17.93 -23.71
C SER A 2 -5.47 17.16 -24.40
N SER A 3 -5.08 16.28 -25.30
CA SER A 3 -6.05 15.47 -26.02
C SER A 3 -7.17 15.01 -25.08
N GLY A 4 -8.38 15.00 -25.61
CA GLY A 4 -9.53 14.59 -24.83
C GLY A 4 -10.80 15.29 -25.32
N SER A 5 -11.90 15.01 -24.64
CA SER A 5 -13.18 15.60 -24.99
C SER A 5 -13.63 15.09 -26.36
N SER A 6 -14.82 14.51 -26.36
CA SER A 6 -15.38 13.97 -27.60
C SER A 6 -16.91 14.04 -27.55
N GLY A 7 -17.46 13.37 -26.54
CA GLY A 7 -18.91 13.34 -26.37
C GLY A 7 -19.30 13.90 -25.01
N THR A 8 -20.27 14.81 -25.03
CA THR A 8 -20.75 15.42 -23.81
C THR A 8 -21.75 14.50 -23.11
N ILE A 9 -21.22 13.69 -22.20
CA ILE A 9 -22.05 12.76 -21.46
C ILE A 9 -22.67 11.74 -22.43
N SER A 10 -22.37 10.48 -22.18
CA SER A 10 -22.89 9.41 -23.01
C SER A 10 -23.73 8.44 -22.16
N SER A 11 -23.09 7.92 -21.12
CA SER A 11 -23.76 6.98 -20.23
C SER A 11 -22.97 6.86 -18.93
N GLY A 12 -23.69 7.06 -17.83
CA GLY A 12 -23.08 6.98 -16.51
C GLY A 12 -21.88 7.92 -16.40
N VAL A 13 -21.34 8.01 -15.19
CA VAL A 13 -20.19 8.87 -14.94
C VAL A 13 -18.96 8.01 -14.70
N PRO A 14 -17.81 8.49 -15.23
CA PRO A 14 -16.55 7.78 -15.07
C PRO A 14 -16.00 7.95 -13.65
N PRO A 15 -15.31 6.87 -13.18
CA PRO A 15 -14.72 6.89 -11.85
C PRO A 15 -13.47 7.76 -11.80
N GLU A 16 -13.10 8.17 -10.60
CA GLU A 16 -11.93 9.00 -10.40
C GLU A 16 -10.89 8.27 -9.57
N LEU A 17 -9.75 8.92 -9.39
CA LEU A 17 -8.67 8.35 -8.62
C LEU A 17 -8.98 8.48 -7.12
N PRO A 18 -8.42 7.53 -6.33
CA PRO A 18 -8.64 7.54 -4.89
C PRO A 18 -7.80 8.64 -4.22
N GLY A 19 -7.63 8.48 -2.91
CA GLY A 19 -6.87 9.45 -2.14
C GLY A 19 -5.79 8.76 -1.31
N PRO A 20 -4.86 9.58 -0.77
CA PRO A 20 -3.78 9.07 0.05
C PRO A 20 -4.29 8.68 1.44
N PRO A 21 -4.11 7.36 1.77
CA PRO A 21 -4.55 6.85 3.06
C PRO A 21 -3.60 7.29 4.16
N THR A 22 -4.17 7.52 5.34
CA THR A 22 -3.39 7.95 6.48
C THR A 22 -3.55 6.95 7.63
N ASN A 23 -3.08 7.37 8.81
CA ASN A 23 -3.15 6.52 9.98
C ASN A 23 -2.32 5.25 9.76
N LEU A 24 -1.34 5.38 8.88
CA LEU A 24 -0.45 4.27 8.56
C LEU A 24 0.41 3.94 9.79
N GLY A 25 0.48 2.66 10.09
CA GLY A 25 1.27 2.20 11.22
C GLY A 25 1.50 0.70 11.17
N ILE A 26 2.69 0.29 11.57
CA ILE A 26 3.05 -1.12 11.57
C ILE A 26 3.17 -1.60 13.01
N SER A 27 2.49 -2.71 13.30
CA SER A 27 2.52 -3.29 14.63
C SER A 27 2.83 -4.79 14.54
N ASN A 28 3.11 -5.37 15.69
CA ASN A 28 3.43 -6.78 15.77
C ASN A 28 4.52 -7.11 14.74
N ILE A 29 5.51 -6.23 14.68
CA ILE A 29 6.61 -6.42 13.75
C ILE A 29 7.26 -7.78 14.00
N GLY A 30 7.07 -8.67 13.04
CA GLY A 30 7.63 -10.01 13.15
C GLY A 30 9.06 -10.04 12.61
N PRO A 31 9.60 -11.29 12.46
CA PRO A 31 10.94 -11.47 11.97
C PRO A 31 11.01 -11.22 10.45
N ARG A 32 10.02 -11.78 9.75
CA ARG A 32 9.96 -11.63 8.31
C ARG A 32 8.54 -11.26 7.88
N SER A 33 7.72 -10.94 8.87
CA SER A 33 6.34 -10.57 8.60
C SER A 33 5.87 -9.52 9.63
N VAL A 34 5.13 -8.55 9.13
CA VAL A 34 4.61 -7.49 9.99
C VAL A 34 3.18 -7.16 9.57
N THR A 35 2.50 -6.43 10.45
CA THR A 35 1.12 -6.04 10.18
C THR A 35 1.05 -4.54 9.85
N LEU A 36 0.76 -4.26 8.60
CA LEU A 36 0.67 -2.88 8.14
C LEU A 36 -0.78 -2.42 8.24
N GLN A 37 -1.00 -1.44 9.09
CA GLN A 37 -2.34 -0.89 9.30
C GLN A 37 -2.51 0.41 8.50
N PHE A 38 -3.70 0.59 7.96
CA PHE A 38 -4.01 1.77 7.19
C PHE A 38 -5.51 2.03 7.14
N ARG A 39 -5.87 3.11 6.47
CA ARG A 39 -7.28 3.48 6.35
C ARG A 39 -7.53 4.12 4.98
N PRO A 40 -8.59 3.60 4.29
CA PRO A 40 -8.95 4.11 2.99
C PRO A 40 -9.66 5.46 3.10
N GLY A 41 -9.00 6.49 2.56
CA GLY A 41 -9.54 7.83 2.59
C GLY A 41 -10.72 7.97 1.62
N TYR A 42 -10.37 8.13 0.34
CA TYR A 42 -11.38 8.28 -0.69
C TYR A 42 -11.14 7.27 -1.82
N ASP A 43 -12.18 6.49 -2.10
CA ASP A 43 -12.10 5.49 -3.16
C ASP A 43 -12.01 6.19 -4.52
N GLY A 44 -13.03 6.98 -4.80
CA GLY A 44 -13.07 7.72 -6.06
C GLY A 44 -14.25 7.24 -6.92
N LYS A 45 -15.34 6.93 -6.25
CA LYS A 45 -16.53 6.47 -6.94
C LYS A 45 -16.37 4.99 -7.30
N THR A 46 -15.25 4.43 -6.87
CA THR A 46 -14.96 3.03 -7.13
C THR A 46 -14.03 2.47 -6.05
N SER A 47 -14.46 1.37 -5.45
CA SER A 47 -13.69 0.73 -4.40
C SER A 47 -12.29 0.41 -4.93
N ILE A 48 -11.52 -0.26 -4.08
CA ILE A 48 -10.16 -0.64 -4.43
C ILE A 48 -10.16 -2.06 -5.01
N SER A 49 -9.24 -2.29 -5.93
CA SER A 49 -9.12 -3.59 -6.56
C SER A 49 -7.95 -4.37 -5.95
N ARG A 50 -6.99 -3.62 -5.44
CA ARG A 50 -5.82 -4.22 -4.82
C ARG A 50 -4.99 -3.16 -4.10
N TRP A 51 -4.45 -3.55 -2.96
CA TRP A 51 -3.64 -2.64 -2.16
C TRP A 51 -2.17 -2.95 -2.46
N LEU A 52 -1.43 -1.90 -2.78
CA LEU A 52 -0.02 -2.05 -3.08
C LEU A 52 0.81 -1.60 -1.86
N VAL A 53 1.69 -2.48 -1.43
CA VAL A 53 2.54 -2.19 -0.29
C VAL A 53 4.00 -2.17 -0.74
N GLU A 54 4.55 -0.97 -0.80
CA GLU A 54 5.93 -0.81 -1.22
C GLU A 54 6.83 -0.59 0.01
N ALA A 55 8.13 -0.77 -0.20
CA ALA A 55 9.10 -0.61 0.86
C ALA A 55 10.49 -0.43 0.26
N GLN A 56 11.39 0.12 1.06
CA GLN A 56 12.75 0.35 0.62
C GLN A 56 13.73 -0.40 1.53
N VAL A 57 14.82 -0.85 0.93
CA VAL A 57 15.84 -1.58 1.66
C VAL A 57 16.74 -0.58 2.40
N GLY A 58 16.98 -0.88 3.67
CA GLY A 58 17.82 -0.03 4.49
C GLY A 58 17.64 1.45 4.11
N VAL A 59 18.59 1.94 3.33
CA VAL A 59 18.55 3.32 2.89
C VAL A 59 17.11 3.70 2.53
N VAL A 60 16.48 4.44 3.43
CA VAL A 60 15.11 4.87 3.22
C VAL A 60 15.11 6.22 2.49
N GLY A 61 15.35 6.15 1.19
CA GLY A 61 15.37 7.35 0.38
C GLY A 61 16.73 7.52 -0.32
N GLU A 62 17.11 8.77 -0.51
CA GLU A 62 18.37 9.08 -1.15
C GLU A 62 18.34 8.64 -2.62
N GLY A 63 17.48 9.31 -3.38
CA GLY A 63 17.34 9.00 -4.80
C GLY A 63 17.17 7.50 -5.01
N GLU A 64 16.33 6.90 -4.18
CA GLU A 64 16.06 5.48 -4.27
C GLU A 64 14.57 5.23 -4.53
N GLU A 65 14.30 4.44 -5.56
CA GLU A 65 12.94 4.12 -5.91
C GLU A 65 12.31 3.19 -4.87
N TRP A 66 11.01 3.02 -4.97
CA TRP A 66 10.27 2.17 -4.05
C TRP A 66 9.73 0.98 -4.82
N LEU A 67 10.03 -0.21 -4.31
CA LEU A 67 9.58 -1.44 -4.94
C LEU A 67 8.46 -2.06 -4.10
N LEU A 68 7.62 -2.84 -4.77
CA LEU A 68 6.50 -3.49 -4.11
C LEU A 68 7.03 -4.69 -3.32
N ILE A 69 6.27 -5.05 -2.28
CA ILE A 69 6.64 -6.17 -1.45
C ILE A 69 5.41 -7.03 -1.18
N HIS A 70 4.32 -6.37 -0.83
CA HIS A 70 3.08 -7.06 -0.54
C HIS A 70 1.93 -6.37 -1.28
N GLN A 71 1.09 -7.18 -1.89
CA GLN A 71 -0.06 -6.67 -2.64
C GLN A 71 -1.29 -7.54 -2.40
N LEU A 72 -2.31 -6.94 -1.83
CA LEU A 72 -3.54 -7.65 -1.55
C LEU A 72 -4.60 -7.25 -2.58
N SER A 73 -5.04 -8.25 -3.35
CA SER A 73 -6.04 -8.02 -4.38
C SER A 73 -7.39 -8.56 -3.91
N ASN A 74 -8.44 -7.90 -4.35
CA ASN A 74 -9.79 -8.31 -3.99
C ASN A 74 -9.95 -8.26 -2.47
N GLU A 75 -10.31 -7.08 -1.99
CA GLU A 75 -10.50 -6.88 -0.56
C GLU A 75 -10.53 -5.39 -0.23
N PRO A 76 -11.64 -4.73 -0.68
CA PRO A 76 -11.81 -3.31 -0.44
C PRO A 76 -12.21 -3.04 1.02
N ASP A 77 -12.30 -4.12 1.77
CA ASP A 77 -12.67 -4.02 3.17
C ASP A 77 -11.42 -4.15 4.04
N ALA A 78 -10.58 -5.10 3.67
CA ALA A 78 -9.34 -5.34 4.40
C ALA A 78 -8.68 -3.99 4.73
N ARG A 79 -8.67 -3.68 6.02
CA ARG A 79 -8.08 -2.43 6.47
C ARG A 79 -6.61 -2.64 6.82
N SER A 80 -6.28 -3.87 7.19
CA SER A 80 -4.92 -4.22 7.55
C SER A 80 -4.59 -5.63 7.06
N MET A 81 -3.30 -5.90 6.96
CA MET A 81 -2.83 -7.20 6.51
C MET A 81 -1.35 -7.40 6.85
N GLU A 82 -0.96 -8.66 6.84
CA GLU A 82 0.43 -9.01 7.15
C GLU A 82 1.30 -8.85 5.90
N VAL A 83 2.52 -8.39 6.13
CA VAL A 83 3.46 -8.19 5.04
C VAL A 83 4.68 -9.09 5.25
N PRO A 84 4.61 -10.30 4.63
CA PRO A 84 5.70 -11.26 4.74
C PRO A 84 6.90 -10.84 3.88
N ASP A 85 7.78 -11.78 3.66
CA ASP A 85 8.98 -11.52 2.86
C ASP A 85 9.64 -10.24 3.35
N LEU A 86 10.13 -10.29 4.58
CA LEU A 86 10.80 -9.14 5.17
C LEU A 86 12.19 -9.56 5.66
N ASN A 87 13.09 -8.59 5.65
CA ASN A 87 14.45 -8.84 6.08
C ASN A 87 14.55 -8.60 7.59
N PRO A 88 14.95 -9.67 8.32
CA PRO A 88 15.09 -9.59 9.77
C PRO A 88 16.35 -8.81 10.15
N PHE A 89 16.22 -7.99 11.18
CA PHE A 89 17.32 -7.20 11.65
C PHE A 89 17.81 -6.22 10.58
N THR A 90 16.85 -5.56 9.95
CA THR A 90 17.16 -4.61 8.90
C THR A 90 16.13 -3.47 8.89
N CYS A 91 16.65 -2.26 8.74
CA CYS A 91 15.78 -1.09 8.71
C CYS A 91 15.08 -1.04 7.36
N TYR A 92 13.76 -0.99 7.43
CA TYR A 92 12.94 -0.95 6.22
C TYR A 92 11.72 -0.05 6.42
N SER A 93 11.13 0.34 5.29
CA SER A 93 9.95 1.20 5.32
C SER A 93 8.77 0.49 4.67
N PHE A 94 7.61 1.13 4.76
CA PHE A 94 6.41 0.57 4.18
C PHE A 94 5.37 1.67 3.92
N ARG A 95 4.69 1.53 2.78
CA ARG A 95 3.67 2.49 2.40
C ARG A 95 2.41 1.78 1.94
N MET A 96 1.51 2.55 1.35
CA MET A 96 0.25 2.01 0.87
C MET A 96 -0.17 2.67 -0.45
N ARG A 97 -1.03 1.98 -1.17
CA ARG A 97 -1.52 2.50 -2.44
C ARG A 97 -2.86 1.85 -2.79
N GLN A 98 -3.66 2.61 -3.52
CA GLN A 98 -4.98 2.12 -3.94
C GLN A 98 -5.03 2.00 -5.46
N VAL A 99 -5.71 0.94 -5.90
CA VAL A 99 -5.85 0.69 -7.33
C VAL A 99 -7.33 0.47 -7.66
N ASN A 100 -7.82 1.25 -8.61
CA ASN A 100 -9.21 1.15 -9.02
C ASN A 100 -9.28 1.08 -10.55
N ILE A 101 -10.50 1.00 -11.05
CA ILE A 101 -10.71 0.93 -12.49
C ILE A 101 -10.16 2.20 -13.14
N VAL A 102 -9.88 3.19 -12.31
CA VAL A 102 -9.35 4.44 -12.79
C VAL A 102 -7.84 4.31 -13.03
N GLY A 103 -7.10 4.41 -11.94
CA GLY A 103 -5.64 4.30 -12.01
C GLY A 103 -5.06 3.88 -10.67
N THR A 104 -3.80 4.22 -10.48
CA THR A 104 -3.11 3.89 -9.23
C THR A 104 -2.64 5.17 -8.52
N SER A 105 -3.38 5.52 -7.48
CA SER A 105 -3.05 6.70 -6.70
C SER A 105 -1.54 6.76 -6.45
N PRO A 106 -1.08 7.97 -6.01
CA PRO A 106 0.33 8.17 -5.71
C PRO A 106 0.72 7.49 -4.40
N PRO A 107 2.05 7.52 -4.11
CA PRO A 107 2.57 6.92 -2.90
C PRO A 107 2.25 7.78 -1.68
N SER A 108 1.87 7.11 -0.60
CA SER A 108 1.54 7.80 0.63
C SER A 108 2.76 7.86 1.55
N GLN A 109 2.73 8.82 2.47
CA GLN A 109 3.82 9.01 3.40
C GLN A 109 4.23 7.66 4.01
N PRO A 110 5.57 7.46 4.11
CA PRO A 110 6.11 6.23 4.66
C PRO A 110 5.96 6.20 6.18
N SER A 111 5.97 4.98 6.72
CA SER A 111 5.83 4.81 8.16
C SER A 111 7.16 5.13 8.85
N ARG A 112 7.11 5.11 10.18
CA ARG A 112 8.29 5.40 10.96
C ARG A 112 9.32 4.27 10.82
N LYS A 113 10.53 4.54 11.31
CA LYS A 113 11.60 3.57 11.22
C LYS A 113 11.32 2.43 12.21
N ILE A 114 11.24 1.22 11.66
CA ILE A 114 10.98 0.05 12.47
C ILE A 114 12.16 -0.91 12.37
N GLN A 115 12.14 -1.92 13.22
CA GLN A 115 13.21 -2.91 13.24
C GLN A 115 12.61 -4.33 13.30
N THR A 116 12.93 -5.11 12.28
CA THR A 116 12.45 -6.47 12.20
C THR A 116 13.21 -7.37 13.18
N LEU A 117 12.57 -8.47 13.55
CA LEU A 117 13.18 -9.41 14.48
C LEU A 117 14.28 -10.19 13.76
N GLN A 118 14.94 -11.06 14.51
CA GLN A 118 16.00 -11.88 13.95
C GLN A 118 15.45 -13.23 13.50
N SER A 119 16.08 -13.76 12.46
CA SER A 119 15.67 -15.04 11.91
C SER A 119 16.73 -16.11 12.22
N GLY A 120 16.24 -17.29 12.58
CA GLY A 120 17.14 -18.39 12.90
C GLY A 120 16.65 -19.15 14.14
N PRO A 121 17.26 -20.35 14.36
CA PRO A 121 16.90 -21.18 15.50
C PRO A 121 17.48 -20.60 16.80
N SER A 122 16.83 -19.57 17.29
CA SER A 122 17.26 -18.91 18.51
C SER A 122 16.09 -18.17 19.16
N SER A 123 16.00 -18.31 20.48
CA SER A 123 14.94 -17.65 21.22
C SER A 123 15.47 -16.38 21.87
N GLY A 124 14.64 -15.34 21.82
CA GLY A 124 15.01 -14.06 22.39
C GLY A 124 14.57 -13.96 23.86
N GLY A 1 -17.11 9.24 -28.87
CA GLY A 1 -16.01 10.17 -28.63
C GLY A 1 -14.86 9.93 -29.61
N SER A 2 -14.87 10.70 -30.69
CA SER A 2 -13.85 10.58 -31.71
C SER A 2 -13.88 9.19 -32.33
N SER A 3 -13.28 9.09 -33.50
CA SER A 3 -13.22 7.82 -34.21
C SER A 3 -14.64 7.28 -34.42
N GLY A 4 -15.15 7.50 -35.63
CA GLY A 4 -16.49 7.04 -35.97
C GLY A 4 -17.54 7.77 -35.13
N SER A 5 -18.47 6.98 -34.60
CA SER A 5 -19.54 7.53 -33.78
C SER A 5 -20.45 6.39 -33.29
N SER A 6 -20.26 6.04 -32.03
CA SER A 6 -21.07 4.98 -31.43
C SER A 6 -21.47 5.38 -30.01
N GLY A 7 -22.56 4.78 -29.55
CA GLY A 7 -23.07 5.05 -28.22
C GLY A 7 -24.59 4.96 -28.18
N THR A 8 -25.08 4.08 -27.32
CA THR A 8 -26.51 3.88 -27.18
C THR A 8 -26.96 4.25 -25.77
N ILE A 9 -27.21 5.53 -25.56
CA ILE A 9 -27.64 6.02 -24.27
C ILE A 9 -26.54 5.76 -23.23
N SER A 10 -25.50 6.58 -23.32
CA SER A 10 -24.38 6.46 -22.41
C SER A 10 -24.52 7.48 -21.27
N SER A 11 -25.38 7.15 -20.33
CA SER A 11 -25.62 8.02 -19.18
C SER A 11 -24.97 7.43 -17.93
N GLY A 12 -23.73 7.84 -17.69
CA GLY A 12 -23.00 7.36 -16.54
C GLY A 12 -21.87 8.32 -16.17
N VAL A 13 -21.25 8.06 -15.02
CA VAL A 13 -20.16 8.89 -14.55
C VAL A 13 -18.89 8.04 -14.44
N PRO A 14 -17.78 8.61 -14.95
CA PRO A 14 -16.49 7.92 -14.91
C PRO A 14 -15.90 7.95 -13.50
N PRO A 15 -15.16 6.86 -13.17
CA PRO A 15 -14.54 6.75 -11.86
C PRO A 15 -13.31 7.66 -11.75
N GLU A 16 -12.97 8.01 -10.53
CA GLU A 16 -11.83 8.87 -10.28
C GLU A 16 -10.72 8.08 -9.58
N LEU A 17 -9.54 8.69 -9.54
CA LEU A 17 -8.39 8.07 -8.90
C LEU A 17 -8.53 8.19 -7.38
N PRO A 18 -7.89 7.22 -6.67
CA PRO A 18 -7.94 7.21 -5.22
C PRO A 18 -7.04 8.29 -4.63
N GLY A 19 -6.97 8.30 -3.30
CA GLY A 19 -6.15 9.28 -2.60
C GLY A 19 -5.19 8.60 -1.63
N PRO A 20 -4.28 9.42 -1.04
CA PRO A 20 -3.31 8.90 -0.09
C PRO A 20 -3.97 8.59 1.26
N PRO A 21 -3.89 7.29 1.65
CA PRO A 21 -4.46 6.85 2.91
C PRO A 21 -3.60 7.30 4.09
N THR A 22 -4.24 7.37 5.24
CA THR A 22 -3.56 7.78 6.45
C THR A 22 -3.74 6.72 7.56
N ASN A 23 -3.40 7.12 8.77
CA ASN A 23 -3.53 6.23 9.91
C ASN A 23 -2.61 5.03 9.70
N LEU A 24 -1.48 5.27 9.06
CA LEU A 24 -0.52 4.22 8.80
C LEU A 24 0.29 3.94 10.06
N GLY A 25 0.41 2.66 10.38
CA GLY A 25 1.15 2.25 11.56
C GLY A 25 1.86 0.92 11.32
N ILE A 26 2.87 0.66 12.14
CA ILE A 26 3.64 -0.57 12.03
C ILE A 26 3.63 -1.28 13.38
N SER A 27 2.84 -2.34 13.44
CA SER A 27 2.73 -3.12 14.66
C SER A 27 2.96 -4.60 14.36
N ASN A 28 3.04 -5.39 15.43
CA ASN A 28 3.26 -6.82 15.29
C ASN A 28 4.40 -7.06 14.30
N ILE A 29 5.52 -6.41 14.55
CA ILE A 29 6.68 -6.54 13.69
C ILE A 29 7.39 -7.87 14.00
N GLY A 30 7.14 -8.84 13.13
CA GLY A 30 7.74 -10.15 13.30
C GLY A 30 9.15 -10.19 12.69
N PRO A 31 9.61 -11.43 12.38
CA PRO A 31 10.92 -11.63 11.80
C PRO A 31 10.92 -11.23 10.32
N ARG A 32 10.04 -11.86 9.57
CA ARG A 32 9.94 -11.59 8.15
C ARG A 32 8.49 -11.25 7.78
N SER A 33 7.74 -10.83 8.78
CA SER A 33 6.35 -10.48 8.58
C SER A 33 5.91 -9.44 9.61
N VAL A 34 5.07 -8.52 9.15
CA VAL A 34 4.58 -7.45 10.02
C VAL A 34 3.19 -7.02 9.54
N THR A 35 2.42 -6.51 10.49
CA THR A 35 1.07 -6.05 10.18
C THR A 35 1.07 -4.55 9.91
N LEU A 36 0.46 -4.18 8.79
CA LEU A 36 0.38 -2.79 8.41
C LEU A 36 -1.09 -2.34 8.42
N GLN A 37 -1.36 -1.34 9.27
CA GLN A 37 -2.71 -0.82 9.39
C GLN A 37 -2.85 0.47 8.59
N PHE A 38 -4.01 0.62 7.97
CA PHE A 38 -4.29 1.80 7.17
C PHE A 38 -5.79 2.04 7.04
N ARG A 39 -6.13 3.09 6.31
CA ARG A 39 -7.53 3.44 6.12
C ARG A 39 -7.72 4.10 4.75
N PRO A 40 -8.81 3.67 4.05
CA PRO A 40 -9.11 4.20 2.73
C PRO A 40 -9.70 5.60 2.84
N GLY A 41 -8.89 6.58 2.47
CA GLY A 41 -9.31 7.97 2.51
C GLY A 41 -10.31 8.28 1.40
N TYR A 42 -9.97 7.80 0.20
CA TYR A 42 -10.82 8.01 -0.96
C TYR A 42 -10.55 6.97 -2.04
N ASP A 43 -11.39 5.94 -2.04
CA ASP A 43 -11.25 4.87 -3.01
C ASP A 43 -11.37 5.45 -4.42
N GLY A 44 -12.49 6.10 -4.67
CA GLY A 44 -12.74 6.71 -5.97
C GLY A 44 -14.09 6.26 -6.53
N LYS A 45 -15.08 6.23 -5.66
CA LYS A 45 -16.42 5.83 -6.05
C LYS A 45 -16.34 4.51 -6.83
N THR A 46 -15.32 3.73 -6.51
CA THR A 46 -15.11 2.45 -7.18
C THR A 46 -14.29 1.52 -6.30
N SER A 47 -14.32 1.79 -5.00
CA SER A 47 -13.58 0.98 -4.05
C SER A 47 -12.17 0.71 -4.58
N ILE A 48 -11.50 -0.23 -3.94
CA ILE A 48 -10.15 -0.59 -4.33
C ILE A 48 -10.16 -2.02 -4.88
N SER A 49 -9.31 -2.24 -5.87
CA SER A 49 -9.21 -3.55 -6.49
C SER A 49 -8.05 -4.34 -5.87
N ARG A 50 -7.00 -3.61 -5.52
CA ARG A 50 -5.82 -4.21 -4.92
C ARG A 50 -5.01 -3.16 -4.16
N TRP A 51 -4.55 -3.55 -2.99
CA TRP A 51 -3.76 -2.65 -2.16
C TRP A 51 -2.28 -2.96 -2.40
N LEU A 52 -1.55 -1.94 -2.79
CA LEU A 52 -0.12 -2.08 -3.06
C LEU A 52 0.66 -1.68 -1.82
N VAL A 53 1.75 -2.40 -1.59
CA VAL A 53 2.61 -2.13 -0.44
C VAL A 53 4.06 -2.13 -0.88
N GLU A 54 4.68 -0.96 -0.79
CA GLU A 54 6.07 -0.81 -1.18
C GLU A 54 6.96 -0.62 0.06
N ALA A 55 8.25 -0.69 -0.17
CA ALA A 55 9.21 -0.52 0.92
C ALA A 55 10.59 -0.25 0.34
N GLN A 56 11.47 0.30 1.18
CA GLN A 56 12.81 0.61 0.76
C GLN A 56 13.82 -0.16 1.61
N VAL A 57 14.85 -0.66 0.93
CA VAL A 57 15.89 -1.42 1.62
C VAL A 57 16.82 -0.44 2.35
N GLY A 58 17.13 -0.81 3.59
CA GLY A 58 18.00 0.02 4.41
C GLY A 58 17.75 1.51 4.15
N VAL A 59 18.60 2.08 3.32
CA VAL A 59 18.49 3.49 2.98
C VAL A 59 17.02 3.84 2.78
N VAL A 60 16.53 4.75 3.61
CA VAL A 60 15.15 5.18 3.54
C VAL A 60 15.11 6.69 3.27
N GLY A 61 15.29 7.03 2.00
CA GLY A 61 15.28 8.43 1.61
C GLY A 61 15.22 8.56 0.07
N GLU A 62 15.09 9.80 -0.37
CA GLU A 62 15.03 10.08 -1.79
C GLU A 62 16.20 9.42 -2.52
N GLY A 63 16.17 9.53 -3.84
CA GLY A 63 17.23 8.96 -4.66
C GLY A 63 16.94 7.49 -4.97
N GLU A 64 16.53 6.77 -3.94
CA GLU A 64 16.22 5.35 -4.09
C GLU A 64 14.79 5.17 -4.59
N GLU A 65 14.56 4.05 -5.25
CA GLU A 65 13.24 3.75 -5.79
C GLU A 65 12.44 2.95 -4.77
N TRP A 66 11.13 2.88 -5.01
CA TRP A 66 10.24 2.15 -4.13
C TRP A 66 9.60 1.02 -4.95
N LEU A 67 9.95 -0.21 -4.58
CA LEU A 67 9.42 -1.37 -5.25
C LEU A 67 8.33 -2.00 -4.40
N LEU A 68 7.46 -2.77 -5.05
CA LEU A 68 6.37 -3.44 -4.36
C LEU A 68 6.93 -4.60 -3.54
N ILE A 69 6.24 -4.91 -2.45
CA ILE A 69 6.65 -5.99 -1.58
C ILE A 69 5.45 -6.87 -1.27
N HIS A 70 4.33 -6.21 -0.96
CA HIS A 70 3.11 -6.93 -0.64
C HIS A 70 1.93 -6.26 -1.35
N GLN A 71 1.07 -7.11 -1.90
CA GLN A 71 -0.11 -6.62 -2.62
C GLN A 71 -1.31 -7.52 -2.34
N LEU A 72 -2.37 -6.90 -1.87
CA LEU A 72 -3.59 -7.64 -1.57
C LEU A 72 -4.65 -7.33 -2.62
N SER A 73 -5.15 -8.38 -3.25
CA SER A 73 -6.16 -8.24 -4.28
C SER A 73 -7.51 -8.74 -3.75
N ASN A 74 -8.56 -8.34 -4.46
CA ASN A 74 -9.91 -8.74 -4.09
C ASN A 74 -10.03 -8.72 -2.55
N GLU A 75 -10.29 -7.53 -2.03
CA GLU A 75 -10.44 -7.36 -0.59
C GLU A 75 -10.40 -5.88 -0.22
N PRO A 76 -11.46 -5.15 -0.65
CA PRO A 76 -11.55 -3.73 -0.38
C PRO A 76 -11.93 -3.48 1.08
N ASP A 77 -12.63 -4.46 1.66
CA ASP A 77 -13.06 -4.36 3.04
C ASP A 77 -11.83 -4.46 3.96
N ALA A 78 -10.88 -5.29 3.54
CA ALA A 78 -9.67 -5.49 4.31
C ALA A 78 -9.08 -4.13 4.68
N ARG A 79 -9.03 -3.87 5.99
CA ARG A 79 -8.50 -2.62 6.48
C ARG A 79 -7.03 -2.80 6.90
N SER A 80 -6.68 -4.05 7.16
CA SER A 80 -5.32 -4.37 7.57
C SER A 80 -4.89 -5.70 6.96
N MET A 81 -3.59 -5.95 7.01
CA MET A 81 -3.04 -7.18 6.47
C MET A 81 -1.57 -7.34 6.86
N GLU A 82 -1.09 -8.57 6.75
CA GLU A 82 0.29 -8.87 7.09
C GLU A 82 1.19 -8.68 5.87
N VAL A 83 2.41 -8.22 6.14
CA VAL A 83 3.37 -8.00 5.07
C VAL A 83 4.54 -8.97 5.23
N PRO A 84 4.43 -10.12 4.52
CA PRO A 84 5.47 -11.14 4.58
C PRO A 84 6.70 -10.72 3.77
N ASP A 85 7.53 -11.70 3.45
CA ASP A 85 8.72 -11.45 2.68
C ASP A 85 9.36 -10.13 3.15
N LEU A 86 9.89 -10.17 4.36
CA LEU A 86 10.53 -8.99 4.93
C LEU A 86 11.98 -9.33 5.30
N ASN A 87 12.82 -8.31 5.24
CA ASN A 87 14.23 -8.49 5.57
C ASN A 87 14.43 -8.31 7.06
N PRO A 88 14.86 -9.42 7.73
CA PRO A 88 15.10 -9.40 9.16
C PRO A 88 16.40 -8.66 9.49
N PHE A 89 16.46 -8.15 10.70
CA PHE A 89 17.64 -7.42 11.15
C PHE A 89 18.08 -6.40 10.11
N THR A 90 17.09 -5.71 9.55
CA THR A 90 17.36 -4.70 8.54
C THR A 90 16.34 -3.57 8.63
N CYS A 91 16.85 -2.34 8.54
CA CYS A 91 15.99 -1.17 8.61
C CYS A 91 15.22 -1.05 7.29
N TYR A 92 13.92 -1.22 7.38
CA TYR A 92 13.06 -1.14 6.21
C TYR A 92 11.82 -0.30 6.49
N SER A 93 11.23 0.20 5.42
CA SER A 93 10.02 1.02 5.54
C SER A 93 8.87 0.36 4.78
N PHE A 94 7.71 0.99 4.89
CA PHE A 94 6.52 0.47 4.22
C PHE A 94 5.50 1.59 3.98
N ARG A 95 4.95 1.60 2.78
CA ARG A 95 3.96 2.61 2.41
C ARG A 95 2.67 1.94 1.96
N MET A 96 1.77 2.75 1.42
CA MET A 96 0.49 2.26 0.95
C MET A 96 0.19 2.77 -0.46
N ARG A 97 -0.81 2.15 -1.07
CA ARG A 97 -1.21 2.53 -2.42
C ARG A 97 -2.51 1.84 -2.80
N GLN A 98 -3.34 2.56 -3.55
CA GLN A 98 -4.62 2.02 -3.98
C GLN A 98 -4.63 1.86 -5.50
N VAL A 99 -5.20 0.74 -5.94
CA VAL A 99 -5.27 0.45 -7.36
C VAL A 99 -6.73 0.12 -7.72
N ASN A 100 -7.27 0.91 -8.63
CA ASN A 100 -8.64 0.71 -9.07
C ASN A 100 -8.67 0.53 -10.59
N ILE A 101 -9.84 0.23 -11.10
CA ILE A 101 -10.01 0.03 -12.53
C ILE A 101 -9.51 1.27 -13.28
N VAL A 102 -9.40 2.36 -12.54
CA VAL A 102 -8.93 3.61 -13.12
C VAL A 102 -7.41 3.58 -13.20
N GLY A 103 -6.78 3.73 -12.04
CA GLY A 103 -5.33 3.73 -11.96
C GLY A 103 -4.86 3.50 -10.53
N THR A 104 -3.76 4.17 -10.19
CA THR A 104 -3.19 4.06 -8.86
C THR A 104 -2.91 5.44 -8.28
N SER A 105 -3.03 5.54 -6.97
CA SER A 105 -2.80 6.80 -6.28
C SER A 105 -1.30 7.00 -6.04
N PRO A 106 -0.95 8.21 -5.53
CA PRO A 106 0.44 8.54 -5.26
C PRO A 106 0.93 7.81 -4.00
N PRO A 107 2.28 7.86 -3.82
CA PRO A 107 2.90 7.22 -2.67
C PRO A 107 2.65 8.02 -1.39
N SER A 108 2.31 7.32 -0.33
CA SER A 108 2.05 7.97 0.95
C SER A 108 3.31 7.94 1.81
N GLN A 109 3.44 8.96 2.64
CA GLN A 109 4.59 9.07 3.53
C GLN A 109 4.95 7.70 4.11
N PRO A 110 6.27 7.50 4.33
CA PRO A 110 6.75 6.24 4.89
C PRO A 110 6.44 6.14 6.38
N SER A 111 6.24 4.91 6.82
CA SER A 111 5.93 4.65 8.22
C SER A 111 7.20 4.74 9.06
N ARG A 112 7.01 5.03 10.34
CA ARG A 112 8.13 5.16 11.26
C ARG A 112 9.13 4.01 11.04
N LYS A 113 10.39 4.31 11.30
CA LYS A 113 11.44 3.32 11.12
C LYS A 113 11.30 2.25 12.21
N ILE A 114 11.51 1.01 11.79
CA ILE A 114 11.42 -0.11 12.71
C ILE A 114 12.54 -1.12 12.42
N GLN A 115 12.61 -2.15 13.24
CA GLN A 115 13.63 -3.17 13.07
C GLN A 115 12.98 -4.55 13.14
N THR A 116 13.13 -5.29 12.05
CA THR A 116 12.58 -6.63 11.97
C THR A 116 13.34 -7.58 12.90
N LEU A 117 12.62 -8.57 13.39
CA LEU A 117 13.21 -9.55 14.29
C LEU A 117 14.22 -10.40 13.52
N GLN A 118 14.93 -11.23 14.26
CA GLN A 118 15.95 -12.09 13.66
C GLN A 118 15.29 -13.40 13.18
N SER A 119 15.70 -13.80 11.98
CA SER A 119 15.18 -15.03 11.40
C SER A 119 15.78 -16.24 12.09
N GLY A 120 15.09 -17.37 11.99
CA GLY A 120 15.55 -18.60 12.59
C GLY A 120 14.57 -19.75 12.32
N PRO A 121 14.97 -20.97 12.79
CA PRO A 121 14.13 -22.14 12.61
C PRO A 121 12.94 -22.12 13.56
N SER A 122 12.14 -21.07 13.44
CA SER A 122 10.96 -20.92 14.28
C SER A 122 9.77 -21.66 13.66
N SER A 123 9.22 -22.58 14.42
CA SER A 123 8.08 -23.35 13.95
C SER A 123 6.78 -22.63 14.29
N GLY A 124 6.59 -22.36 15.57
CA GLY A 124 5.40 -21.68 16.04
C GLY A 124 5.33 -20.25 15.46
N GLY A 1 -16.87 15.79 -33.13
CA GLY A 1 -17.85 15.33 -32.16
C GLY A 1 -18.09 16.40 -31.10
N SER A 2 -18.95 16.06 -30.14
CA SER A 2 -19.29 16.97 -29.06
C SER A 2 -18.89 16.36 -27.72
N SER A 3 -19.37 15.13 -27.49
CA SER A 3 -19.08 14.43 -26.26
C SER A 3 -19.44 15.31 -25.06
N GLY A 4 -20.73 15.33 -24.74
CA GLY A 4 -21.21 16.12 -23.62
C GLY A 4 -22.43 15.47 -22.98
N SER A 5 -23.58 15.66 -23.63
CA SER A 5 -24.82 15.09 -23.14
C SER A 5 -24.75 13.56 -23.16
N SER A 6 -25.71 12.95 -22.48
CA SER A 6 -25.76 11.50 -22.42
C SER A 6 -26.14 10.94 -23.80
N GLY A 7 -25.96 9.63 -23.93
CA GLY A 7 -26.26 8.95 -25.18
C GLY A 7 -27.75 8.63 -25.27
N THR A 8 -28.04 7.48 -25.88
CA THR A 8 -29.41 7.04 -26.03
C THR A 8 -29.62 5.68 -25.38
N ILE A 9 -28.66 4.79 -25.62
CA ILE A 9 -28.73 3.45 -25.05
C ILE A 9 -28.36 3.51 -23.57
N SER A 10 -27.13 3.91 -23.31
CA SER A 10 -26.65 4.02 -21.94
C SER A 10 -25.23 4.62 -21.93
N SER A 11 -24.94 5.31 -20.84
CA SER A 11 -23.64 5.95 -20.70
C SER A 11 -23.51 6.55 -19.29
N GLY A 12 -23.09 5.71 -18.35
CA GLY A 12 -22.92 6.16 -16.98
C GLY A 12 -21.75 7.13 -16.85
N VAL A 13 -21.21 7.19 -15.65
CA VAL A 13 -20.08 8.08 -15.38
C VAL A 13 -18.85 7.24 -15.04
N PRO A 14 -17.68 7.71 -15.53
CA PRO A 14 -16.43 7.02 -15.29
C PRO A 14 -15.95 7.24 -13.86
N PRO A 15 -15.26 6.20 -13.31
CA PRO A 15 -14.74 6.27 -11.96
C PRO A 15 -13.51 7.17 -11.88
N GLU A 16 -13.20 7.61 -10.67
CA GLU A 16 -12.04 8.47 -10.46
C GLU A 16 -10.97 7.72 -9.67
N LEU A 17 -9.84 8.40 -9.50
CA LEU A 17 -8.73 7.81 -8.77
C LEU A 17 -9.01 7.89 -7.27
N PRO A 18 -8.37 6.96 -6.50
CA PRO A 18 -8.54 6.92 -5.07
C PRO A 18 -7.76 8.05 -4.39
N GLY A 19 -7.63 7.93 -3.07
CA GLY A 19 -6.92 8.93 -2.30
C GLY A 19 -5.83 8.29 -1.44
N PRO A 20 -4.90 9.15 -0.93
CA PRO A 20 -3.82 8.68 -0.09
C PRO A 20 -4.32 8.33 1.31
N PRO A 21 -4.13 7.04 1.68
CA PRO A 21 -4.55 6.57 3.01
C PRO A 21 -3.61 7.07 4.09
N THR A 22 -4.17 7.25 5.28
CA THR A 22 -3.39 7.72 6.41
C THR A 22 -3.53 6.76 7.59
N ASN A 23 -3.10 7.23 8.75
CA ASN A 23 -3.17 6.42 9.95
C ASN A 23 -2.32 5.17 9.77
N LEU A 24 -1.25 5.32 9.00
CA LEU A 24 -0.35 4.21 8.73
C LEU A 24 0.50 3.96 9.98
N GLY A 25 0.59 2.68 10.34
CA GLY A 25 1.38 2.29 11.50
C GLY A 25 1.89 0.85 11.35
N ILE A 26 3.01 0.59 12.02
CA ILE A 26 3.62 -0.73 11.97
C ILE A 26 3.46 -1.40 13.34
N SER A 27 2.75 -2.51 13.32
CA SER A 27 2.52 -3.27 14.55
C SER A 27 2.86 -4.75 14.33
N ASN A 28 2.97 -5.46 15.44
CA ASN A 28 3.29 -6.88 15.38
C ASN A 28 4.39 -7.11 14.34
N ILE A 29 5.49 -6.40 14.53
CA ILE A 29 6.62 -6.51 13.62
C ILE A 29 7.29 -7.88 13.81
N GLY A 30 6.98 -8.79 12.91
CA GLY A 30 7.54 -10.13 12.98
C GLY A 30 8.94 -10.16 12.38
N PRO A 31 9.46 -11.40 12.18
CA PRO A 31 10.79 -11.58 11.62
C PRO A 31 10.80 -11.29 10.12
N ARG A 32 9.85 -11.91 9.42
CA ARG A 32 9.75 -11.72 7.98
C ARG A 32 8.31 -11.35 7.61
N SER A 33 7.53 -11.04 8.63
CA SER A 33 6.14 -10.65 8.42
C SER A 33 5.70 -9.64 9.48
N VAL A 34 4.95 -8.65 9.03
CA VAL A 34 4.47 -7.62 9.93
C VAL A 34 3.06 -7.21 9.51
N THR A 35 2.36 -6.56 10.43
CA THR A 35 1.00 -6.11 10.18
C THR A 35 0.98 -4.59 9.99
N LEU A 36 0.53 -4.18 8.81
CA LEU A 36 0.45 -2.76 8.49
C LEU A 36 -1.01 -2.32 8.51
N GLN A 37 -1.29 -1.34 9.35
CA GLN A 37 -2.65 -0.81 9.46
C GLN A 37 -2.78 0.49 8.68
N PHE A 38 -3.95 0.67 8.07
CA PHE A 38 -4.22 1.86 7.29
C PHE A 38 -5.72 2.14 7.22
N ARG A 39 -6.07 3.16 6.44
CA ARG A 39 -7.46 3.54 6.29
C ARG A 39 -7.69 4.14 4.90
N PRO A 40 -8.75 3.62 4.23
CA PRO A 40 -9.09 4.10 2.89
C PRO A 40 -9.76 5.48 2.96
N GLY A 41 -9.02 6.47 2.48
CA GLY A 41 -9.53 7.84 2.48
C GLY A 41 -10.71 7.97 1.54
N TYR A 42 -10.50 7.57 0.29
CA TYR A 42 -11.55 7.64 -0.70
C TYR A 42 -11.28 6.66 -1.85
N ASP A 43 -12.35 6.00 -2.28
CA ASP A 43 -12.24 5.03 -3.36
C ASP A 43 -12.26 5.77 -4.70
N GLY A 44 -13.36 6.46 -4.95
CA GLY A 44 -13.51 7.21 -6.19
C GLY A 44 -14.72 6.71 -6.98
N LYS A 45 -15.73 6.29 -6.25
CA LYS A 45 -16.95 5.79 -6.87
C LYS A 45 -16.82 4.28 -7.11
N THR A 46 -15.58 3.83 -7.16
CA THR A 46 -15.29 2.42 -7.38
C THR A 46 -14.34 1.90 -6.31
N SER A 47 -14.72 0.78 -5.72
CA SER A 47 -13.91 0.17 -4.67
C SER A 47 -12.50 -0.09 -5.19
N ILE A 48 -11.68 -0.65 -4.32
CA ILE A 48 -10.30 -0.96 -4.68
C ILE A 48 -10.22 -2.38 -5.26
N SER A 49 -9.31 -2.54 -6.21
CA SER A 49 -9.13 -3.84 -6.83
C SER A 49 -7.95 -4.57 -6.20
N ARG A 50 -7.02 -3.79 -5.69
CA ARG A 50 -5.84 -4.34 -5.05
C ARG A 50 -5.04 -3.24 -4.35
N TRP A 51 -4.48 -3.59 -3.20
CA TRP A 51 -3.69 -2.64 -2.44
C TRP A 51 -2.22 -2.92 -2.72
N LEU A 52 -1.44 -1.85 -2.78
CA LEU A 52 -0.02 -1.95 -3.04
C LEU A 52 0.77 -1.55 -1.78
N VAL A 53 1.74 -2.38 -1.44
CA VAL A 53 2.56 -2.11 -0.27
C VAL A 53 4.04 -2.16 -0.67
N GLU A 54 4.64 -0.98 -0.77
CA GLU A 54 6.04 -0.87 -1.14
C GLU A 54 6.90 -0.63 0.10
N ALA A 55 8.19 -0.82 -0.06
CA ALA A 55 9.13 -0.64 1.03
C ALA A 55 10.49 -0.23 0.47
N GLN A 56 11.34 0.29 1.35
CA GLN A 56 12.67 0.71 0.95
C GLN A 56 13.73 -0.06 1.73
N VAL A 57 14.79 -0.41 1.02
CA VAL A 57 15.88 -1.15 1.63
C VAL A 57 16.78 -0.18 2.41
N GLY A 58 17.03 -0.52 3.66
CA GLY A 58 17.88 0.30 4.51
C GLY A 58 17.65 1.79 4.21
N VAL A 59 18.53 2.33 3.39
CA VAL A 59 18.45 3.74 3.02
C VAL A 59 16.98 4.11 2.79
N VAL A 60 16.44 4.88 3.73
CA VAL A 60 15.06 5.30 3.64
C VAL A 60 15.01 6.82 3.39
N GLY A 61 15.24 7.18 2.13
CA GLY A 61 15.23 8.59 1.75
C GLY A 61 15.25 8.74 0.23
N GLU A 62 15.02 9.97 -0.21
CA GLU A 62 15.01 10.25 -1.64
C GLU A 62 16.21 9.60 -2.32
N GLY A 63 16.19 9.64 -3.65
CA GLY A 63 17.27 9.06 -4.42
C GLY A 63 17.00 7.58 -4.73
N GLU A 64 16.63 6.86 -3.69
CA GLU A 64 16.34 5.44 -3.83
C GLU A 64 14.95 5.25 -4.44
N GLU A 65 14.71 4.03 -4.91
CA GLU A 65 13.43 3.70 -5.52
C GLU A 65 12.58 2.89 -4.54
N TRP A 66 11.27 2.94 -4.79
CA TRP A 66 10.34 2.21 -3.94
C TRP A 66 9.74 1.07 -4.76
N LEU A 67 10.06 -0.15 -4.34
CA LEU A 67 9.56 -1.33 -5.02
C LEU A 67 8.44 -1.96 -4.20
N LEU A 68 7.62 -2.74 -4.88
CA LEU A 68 6.51 -3.41 -4.23
C LEU A 68 7.02 -4.63 -3.46
N ILE A 69 6.30 -4.98 -2.42
CA ILE A 69 6.68 -6.12 -1.60
C ILE A 69 5.42 -6.93 -1.26
N HIS A 70 4.39 -6.23 -0.83
CA HIS A 70 3.14 -6.87 -0.47
C HIS A 70 1.99 -6.19 -1.21
N GLN A 71 1.05 -7.01 -1.68
CA GLN A 71 -0.10 -6.51 -2.39
C GLN A 71 -1.31 -7.41 -2.15
N LEU A 72 -2.39 -6.78 -1.69
CA LEU A 72 -3.62 -7.51 -1.42
C LEU A 72 -4.63 -7.24 -2.54
N SER A 73 -4.93 -8.30 -3.27
CA SER A 73 -5.89 -8.19 -4.37
C SER A 73 -7.26 -8.66 -3.92
N ASN A 74 -8.28 -8.16 -4.60
CA ASN A 74 -9.66 -8.52 -4.29
C ASN A 74 -9.82 -8.57 -2.77
N GLU A 75 -10.07 -7.41 -2.18
CA GLU A 75 -10.25 -7.31 -0.75
C GLU A 75 -10.34 -5.84 -0.33
N PRO A 76 -11.44 -5.18 -0.80
CA PRO A 76 -11.66 -3.78 -0.48
C PRO A 76 -12.15 -3.62 0.97
N ASP A 77 -12.32 -4.76 1.63
CA ASP A 77 -12.79 -4.76 3.00
C ASP A 77 -11.68 -5.30 3.91
N ALA A 78 -10.48 -4.76 3.71
CA ALA A 78 -9.33 -5.18 4.50
C ALA A 78 -8.72 -3.95 5.19
N ARG A 79 -9.07 -3.81 6.46
CA ARG A 79 -8.57 -2.70 7.25
C ARG A 79 -7.05 -2.81 7.41
N SER A 80 -6.60 -4.03 7.55
CA SER A 80 -5.18 -4.29 7.73
C SER A 80 -4.79 -5.58 7.01
N MET A 81 -3.48 -5.78 6.88
CA MET A 81 -2.96 -6.97 6.22
C MET A 81 -1.50 -7.22 6.60
N GLU A 82 -1.09 -8.46 6.44
CA GLU A 82 0.27 -8.85 6.77
C GLU A 82 1.19 -8.63 5.56
N VAL A 83 2.39 -8.14 5.85
CA VAL A 83 3.36 -7.88 4.81
C VAL A 83 4.55 -8.84 4.98
N PRO A 84 4.48 -9.99 4.27
CA PRO A 84 5.54 -10.97 4.33
C PRO A 84 6.77 -10.52 3.54
N ASP A 85 7.63 -11.48 3.24
CA ASP A 85 8.83 -11.20 2.49
C ASP A 85 9.50 -9.94 3.06
N LEU A 86 9.92 -10.04 4.31
CA LEU A 86 10.57 -8.93 4.98
C LEU A 86 11.97 -9.36 5.41
N ASN A 87 12.90 -8.43 5.27
CA ASN A 87 14.29 -8.68 5.63
C ASN A 87 14.48 -8.39 7.12
N PRO A 88 14.77 -9.47 7.89
CA PRO A 88 14.97 -9.34 9.33
C PRO A 88 16.34 -8.71 9.62
N PHE A 89 16.40 -8.00 10.74
CA PHE A 89 17.62 -7.34 11.16
C PHE A 89 18.06 -6.29 10.13
N THR A 90 17.06 -5.61 9.57
CA THR A 90 17.33 -4.58 8.58
C THR A 90 16.28 -3.48 8.67
N CYS A 91 16.76 -2.25 8.60
CA CYS A 91 15.87 -1.09 8.67
C CYS A 91 15.14 -0.97 7.34
N TYR A 92 13.83 -1.17 7.41
CA TYR A 92 13.00 -1.08 6.22
C TYR A 92 11.74 -0.25 6.49
N SER A 93 11.14 0.23 5.40
CA SER A 93 9.94 1.03 5.50
C SER A 93 8.78 0.34 4.78
N PHE A 94 7.60 0.94 4.90
CA PHE A 94 6.42 0.41 4.27
C PHE A 94 5.40 1.51 3.98
N ARG A 95 4.74 1.38 2.84
CA ARG A 95 3.74 2.35 2.44
C ARG A 95 2.45 1.65 2.00
N MET A 96 1.55 2.44 1.44
CA MET A 96 0.29 1.89 0.96
C MET A 96 -0.13 2.54 -0.36
N ARG A 97 -1.02 1.85 -1.07
CA ARG A 97 -1.50 2.34 -2.35
C ARG A 97 -2.82 1.66 -2.71
N GLN A 98 -3.59 2.35 -3.55
CA GLN A 98 -4.88 1.83 -3.97
C GLN A 98 -4.90 1.66 -5.50
N VAL A 99 -5.42 0.52 -5.93
CA VAL A 99 -5.52 0.23 -7.34
C VAL A 99 -6.96 -0.08 -7.71
N ASN A 100 -7.49 0.72 -8.64
CA ASN A 100 -8.86 0.55 -9.08
C ASN A 100 -8.90 0.57 -10.61
N ILE A 101 -10.11 0.42 -11.14
CA ILE A 101 -10.30 0.42 -12.58
C ILE A 101 -9.83 1.77 -13.15
N VAL A 102 -9.68 2.72 -12.25
CA VAL A 102 -9.23 4.05 -12.63
C VAL A 102 -7.72 4.05 -12.84
N GLY A 103 -7.01 3.80 -11.74
CA GLY A 103 -5.56 3.76 -11.78
C GLY A 103 -4.98 3.39 -10.42
N THR A 104 -3.78 3.88 -10.16
CA THR A 104 -3.11 3.60 -8.91
C THR A 104 -2.76 4.92 -8.18
N SER A 105 -3.40 5.10 -7.04
CA SER A 105 -3.17 6.30 -6.25
C SER A 105 -1.67 6.50 -6.02
N PRO A 106 -1.32 7.72 -5.54
CA PRO A 106 0.08 8.05 -5.27
C PRO A 106 0.55 7.39 -3.99
N PRO A 107 1.88 7.52 -3.73
CA PRO A 107 2.47 6.95 -2.53
C PRO A 107 2.11 7.75 -1.28
N SER A 108 1.76 7.03 -0.23
CA SER A 108 1.39 7.66 1.02
C SER A 108 2.61 7.77 1.94
N GLN A 109 2.47 8.61 2.95
CA GLN A 109 3.55 8.82 3.91
C GLN A 109 4.08 7.48 4.41
N PRO A 110 5.43 7.35 4.40
CA PRO A 110 6.07 6.13 4.86
C PRO A 110 6.04 6.03 6.39
N SER A 111 6.05 4.80 6.86
CA SER A 111 6.03 4.55 8.30
C SER A 111 7.42 4.75 8.90
N ARG A 112 7.43 4.99 10.20
CA ARG A 112 8.69 5.22 10.90
C ARG A 112 9.63 4.02 10.71
N LYS A 113 10.92 4.28 10.88
CA LYS A 113 11.92 3.24 10.73
C LYS A 113 11.71 2.18 11.82
N ILE A 114 11.34 0.99 11.37
CA ILE A 114 11.11 -0.11 12.29
C ILE A 114 12.27 -1.12 12.17
N GLN A 115 12.33 -2.02 13.14
CA GLN A 115 13.37 -3.04 13.15
C GLN A 115 12.74 -4.43 13.17
N THR A 116 12.99 -5.16 12.10
CA THR A 116 12.46 -6.52 11.98
C THR A 116 13.20 -7.47 12.92
N LEU A 117 12.50 -8.50 13.35
CA LEU A 117 13.07 -9.48 14.25
C LEU A 117 14.19 -10.24 13.53
N GLN A 118 14.87 -11.09 14.28
CA GLN A 118 15.95 -11.86 13.73
C GLN A 118 15.44 -13.21 13.20
N SER A 119 16.10 -13.68 12.15
CA SER A 119 15.72 -14.95 11.54
C SER A 119 16.67 -16.06 12.00
N GLY A 120 16.10 -17.24 12.14
CA GLY A 120 16.88 -18.39 12.57
C GLY A 120 16.37 -18.94 13.91
N PRO A 121 16.77 -20.19 14.22
CA PRO A 121 16.37 -20.83 15.46
C PRO A 121 17.13 -20.24 16.65
N SER A 122 17.01 -18.94 16.81
CA SER A 122 17.69 -18.25 17.90
C SER A 122 17.61 -19.09 19.18
N SER A 123 18.69 -19.06 19.93
CA SER A 123 18.76 -19.82 21.17
C SER A 123 19.49 -18.99 22.24
N GLY A 124 18.75 -18.09 22.86
CA GLY A 124 19.31 -17.24 23.89
C GLY A 124 20.03 -18.07 24.96
N GLY A 1 -41.94 17.74 -25.49
CA GLY A 1 -40.70 17.94 -24.75
C GLY A 1 -40.24 19.39 -24.84
N SER A 2 -39.13 19.66 -24.17
CA SER A 2 -38.57 21.00 -24.16
C SER A 2 -37.44 21.10 -25.20
N SER A 3 -37.09 22.34 -25.52
CA SER A 3 -36.04 22.59 -26.49
C SER A 3 -34.83 21.71 -26.19
N GLY A 4 -34.58 20.77 -27.09
CA GLY A 4 -33.46 19.86 -26.93
C GLY A 4 -33.65 18.96 -25.71
N SER A 5 -33.68 17.66 -25.97
CA SER A 5 -33.85 16.70 -24.90
C SER A 5 -33.33 15.32 -25.35
N SER A 6 -32.02 15.16 -25.22
CA SER A 6 -31.39 13.91 -25.60
C SER A 6 -30.26 13.57 -24.62
N GLY A 7 -30.04 12.27 -24.45
CA GLY A 7 -29.00 11.80 -23.55
C GLY A 7 -29.44 10.51 -22.84
N THR A 8 -28.86 9.41 -23.30
CA THR A 8 -29.16 8.11 -22.72
C THR A 8 -28.03 7.66 -21.80
N ILE A 9 -28.41 6.85 -20.82
CA ILE A 9 -27.44 6.34 -19.86
C ILE A 9 -26.97 4.96 -20.31
N SER A 10 -25.75 4.94 -20.84
CA SER A 10 -25.16 3.70 -21.32
C SER A 10 -24.54 2.93 -20.16
N SER A 11 -24.21 3.68 -19.10
CA SER A 11 -23.61 3.08 -17.93
C SER A 11 -23.93 3.92 -16.69
N GLY A 12 -23.51 5.18 -16.74
CA GLY A 12 -23.75 6.10 -15.65
C GLY A 12 -22.63 7.14 -15.55
N VAL A 13 -21.92 7.10 -14.43
CA VAL A 13 -20.82 8.02 -14.21
C VAL A 13 -19.52 7.24 -14.09
N PRO A 14 -18.44 7.82 -14.70
CA PRO A 14 -17.14 7.19 -14.67
C PRO A 14 -16.48 7.32 -13.29
N PRO A 15 -15.69 6.28 -12.92
CA PRO A 15 -15.01 6.27 -11.65
C PRO A 15 -13.81 7.23 -11.65
N GLU A 16 -13.33 7.53 -10.46
CA GLU A 16 -12.20 8.43 -10.32
C GLU A 16 -11.07 7.74 -9.56
N LEU A 17 -9.99 8.48 -9.36
CA LEU A 17 -8.83 7.95 -8.65
C LEU A 17 -9.07 8.06 -7.15
N PRO A 18 -8.41 7.14 -6.39
CA PRO A 18 -8.54 7.13 -4.95
C PRO A 18 -7.74 8.27 -4.31
N GLY A 19 -7.50 8.14 -3.02
CA GLY A 19 -6.75 9.14 -2.29
C GLY A 19 -5.66 8.50 -1.44
N PRO A 20 -4.77 9.37 -0.89
CA PRO A 20 -3.67 8.90 -0.07
C PRO A 20 -4.17 8.50 1.33
N PRO A 21 -4.01 7.18 1.64
CA PRO A 21 -4.44 6.66 2.93
C PRO A 21 -3.48 7.08 4.04
N THR A 22 -4.05 7.36 5.20
CA THR A 22 -3.26 7.77 6.34
C THR A 22 -3.47 6.81 7.52
N ASN A 23 -3.04 7.25 8.69
CA ASN A 23 -3.18 6.45 9.88
C ASN A 23 -2.34 5.17 9.75
N LEU A 24 -1.30 5.28 8.93
CA LEU A 24 -0.42 4.15 8.69
C LEU A 24 0.40 3.88 9.96
N GLY A 25 0.51 2.60 10.29
CA GLY A 25 1.26 2.19 11.47
C GLY A 25 1.91 0.83 11.26
N ILE A 26 2.87 0.52 12.14
CA ILE A 26 3.58 -0.74 12.06
C ILE A 26 3.51 -1.43 13.42
N SER A 27 2.68 -2.46 13.48
CA SER A 27 2.52 -3.22 14.72
C SER A 27 2.86 -4.70 14.48
N ASN A 28 2.89 -5.44 15.56
CA ASN A 28 3.21 -6.85 15.50
C ASN A 28 4.36 -7.07 14.50
N ILE A 29 5.44 -6.35 14.75
CA ILE A 29 6.61 -6.45 13.90
C ILE A 29 7.30 -7.80 14.12
N GLY A 30 7.04 -8.71 13.20
CA GLY A 30 7.62 -10.04 13.28
C GLY A 30 9.05 -10.06 12.74
N PRO A 31 9.59 -11.29 12.55
CA PRO A 31 10.94 -11.45 12.04
C PRO A 31 10.99 -11.17 10.53
N ARG A 32 10.01 -11.71 9.83
CA ARG A 32 9.93 -11.51 8.39
C ARG A 32 8.50 -11.18 7.98
N SER A 33 7.68 -10.87 8.97
CA SER A 33 6.29 -10.53 8.73
C SER A 33 5.81 -9.52 9.76
N VAL A 34 5.04 -8.55 9.29
CA VAL A 34 4.50 -7.52 10.17
C VAL A 34 3.09 -7.15 9.71
N THR A 35 2.38 -6.47 10.60
CA THR A 35 1.02 -6.04 10.30
C THR A 35 0.98 -4.54 10.02
N LEU A 36 0.62 -4.20 8.80
CA LEU A 36 0.53 -2.81 8.39
C LEU A 36 -0.94 -2.38 8.39
N GLN A 37 -1.24 -1.42 9.26
CA GLN A 37 -2.60 -0.91 9.37
C GLN A 37 -2.72 0.41 8.61
N PHE A 38 -3.88 0.59 7.98
CA PHE A 38 -4.14 1.80 7.23
C PHE A 38 -5.63 2.08 7.14
N ARG A 39 -5.96 3.18 6.48
CA ARG A 39 -7.35 3.57 6.32
C ARG A 39 -7.57 4.22 4.95
N PRO A 40 -8.63 3.75 4.25
CA PRO A 40 -8.95 4.28 2.93
C PRO A 40 -9.59 5.66 3.04
N GLY A 41 -8.82 6.67 2.68
CA GLY A 41 -9.29 8.04 2.72
C GLY A 41 -10.41 8.27 1.70
N TYR A 42 -10.04 8.13 0.43
CA TYR A 42 -10.99 8.31 -0.65
C TYR A 42 -10.85 7.21 -1.71
N ASP A 43 -11.76 6.25 -1.64
CA ASP A 43 -11.75 5.14 -2.57
C ASP A 43 -11.81 5.69 -4.00
N GLY A 44 -12.78 6.56 -4.22
CA GLY A 44 -12.96 7.16 -5.54
C GLY A 44 -14.24 6.63 -6.20
N LYS A 45 -15.30 6.55 -5.41
CA LYS A 45 -16.57 6.08 -5.91
C LYS A 45 -16.39 4.69 -6.54
N THR A 46 -15.45 3.94 -5.96
CA THR A 46 -15.16 2.61 -6.46
C THR A 46 -14.22 1.88 -5.49
N SER A 47 -14.66 0.69 -5.09
CA SER A 47 -13.87 -0.11 -4.17
C SER A 47 -12.49 -0.41 -4.78
N ILE A 48 -11.51 -0.53 -3.91
CA ILE A 48 -10.15 -0.81 -4.34
C ILE A 48 -10.09 -2.21 -4.95
N SER A 49 -9.31 -2.32 -6.01
CA SER A 49 -9.15 -3.60 -6.69
C SER A 49 -7.97 -4.37 -6.11
N ARG A 50 -7.00 -3.62 -5.61
CA ARG A 50 -5.82 -4.21 -5.02
C ARG A 50 -5.01 -3.15 -4.27
N TRP A 51 -4.45 -3.56 -3.14
CA TRP A 51 -3.65 -2.67 -2.32
C TRP A 51 -2.19 -2.93 -2.62
N LEU A 52 -1.44 -1.85 -2.79
CA LEU A 52 -0.02 -1.95 -3.08
C LEU A 52 0.78 -1.56 -1.84
N VAL A 53 1.74 -2.41 -1.50
CA VAL A 53 2.58 -2.16 -0.34
C VAL A 53 4.05 -2.21 -0.76
N GLU A 54 4.64 -1.02 -0.85
CA GLU A 54 6.04 -0.91 -1.25
C GLU A 54 6.92 -0.75 -0.01
N ALA A 55 8.22 -0.92 -0.23
CA ALA A 55 9.18 -0.79 0.86
C ALA A 55 10.58 -0.60 0.27
N GLN A 56 11.44 0.02 1.06
CA GLN A 56 12.81 0.26 0.63
C GLN A 56 13.78 -0.49 1.54
N VAL A 57 14.73 -1.18 0.90
CA VAL A 57 15.72 -1.93 1.63
C VAL A 57 16.71 -0.97 2.28
N GLY A 58 16.99 -1.23 3.55
CA GLY A 58 17.92 -0.39 4.30
C GLY A 58 17.77 1.08 3.91
N VAL A 59 18.61 1.50 2.99
CA VAL A 59 18.58 2.88 2.52
C VAL A 59 17.15 3.24 2.10
N VAL A 60 16.45 3.90 3.00
CA VAL A 60 15.08 4.31 2.71
C VAL A 60 14.94 5.81 2.96
N GLY A 61 15.37 6.57 1.98
CA GLY A 61 15.30 8.03 2.07
C GLY A 61 15.21 8.67 0.68
N GLU A 62 14.88 9.95 0.67
CA GLU A 62 14.76 10.68 -0.57
C GLU A 62 16.03 10.52 -1.41
N GLY A 63 15.89 9.82 -2.52
CA GLY A 63 17.01 9.59 -3.42
C GLY A 63 16.88 8.23 -4.11
N GLU A 64 16.41 7.25 -3.35
CA GLU A 64 16.23 5.91 -3.88
C GLU A 64 14.81 5.72 -4.39
N GLU A 65 14.55 4.53 -4.93
CA GLU A 65 13.24 4.22 -5.46
C GLU A 65 12.49 3.28 -4.50
N TRP A 66 11.21 3.10 -4.79
CA TRP A 66 10.38 2.24 -3.96
C TRP A 66 9.85 1.11 -4.84
N LEU A 67 9.95 -0.11 -4.32
CA LEU A 67 9.47 -1.28 -5.05
C LEU A 67 8.38 -1.97 -4.25
N LEU A 68 7.52 -2.68 -4.96
CA LEU A 68 6.42 -3.39 -4.33
C LEU A 68 6.96 -4.65 -3.64
N ILE A 69 6.30 -5.03 -2.57
CA ILE A 69 6.70 -6.21 -1.81
C ILE A 69 5.46 -7.05 -1.50
N HIS A 70 4.41 -6.36 -1.05
CA HIS A 70 3.17 -7.03 -0.70
C HIS A 70 2.00 -6.31 -1.37
N GLN A 71 1.06 -7.11 -1.87
CA GLN A 71 -0.11 -6.57 -2.53
C GLN A 71 -1.34 -7.45 -2.27
N LEU A 72 -2.40 -6.80 -1.82
CA LEU A 72 -3.63 -7.52 -1.51
C LEU A 72 -4.64 -7.27 -2.64
N SER A 73 -5.00 -8.34 -3.32
CA SER A 73 -5.95 -8.26 -4.41
C SER A 73 -7.34 -8.67 -3.94
N ASN A 74 -8.35 -8.17 -4.63
CA ASN A 74 -9.73 -8.48 -4.27
C ASN A 74 -9.88 -8.49 -2.75
N GLU A 75 -10.08 -7.30 -2.21
CA GLU A 75 -10.24 -7.16 -0.77
C GLU A 75 -10.21 -5.68 -0.37
N PRO A 76 -11.26 -4.95 -0.83
CA PRO A 76 -11.38 -3.53 -0.53
C PRO A 76 -11.80 -3.31 0.91
N ASP A 77 -12.39 -4.34 1.49
CA ASP A 77 -12.84 -4.27 2.87
C ASP A 77 -11.66 -4.41 3.81
N ALA A 78 -10.72 -5.27 3.41
CA ALA A 78 -9.53 -5.49 4.21
C ALA A 78 -8.98 -4.15 4.72
N ARG A 79 -8.99 -4.01 6.02
CA ARG A 79 -8.50 -2.78 6.64
C ARG A 79 -7.02 -2.92 7.00
N SER A 80 -6.62 -4.16 7.24
CA SER A 80 -5.24 -4.44 7.60
C SER A 80 -4.79 -5.76 6.97
N MET A 81 -3.49 -5.96 6.91
CA MET A 81 -2.92 -7.16 6.34
C MET A 81 -1.45 -7.31 6.73
N GLU A 82 -0.96 -8.54 6.58
CA GLU A 82 0.43 -8.84 6.92
C GLU A 82 1.33 -8.62 5.71
N VAL A 83 2.54 -8.18 5.98
CA VAL A 83 3.51 -7.91 4.93
C VAL A 83 4.71 -8.85 5.10
N PRO A 84 4.65 -10.00 4.39
CA PRO A 84 5.71 -10.99 4.44
C PRO A 84 6.93 -10.51 3.66
N ASP A 85 7.81 -11.47 3.36
CA ASP A 85 9.02 -11.17 2.62
C ASP A 85 9.69 -9.92 3.22
N LEU A 86 10.05 -10.04 4.49
CA LEU A 86 10.69 -8.93 5.17
C LEU A 86 12.07 -9.38 5.65
N ASN A 87 13.01 -8.44 5.59
CA ASN A 87 14.38 -8.72 6.01
C ASN A 87 14.50 -8.46 7.51
N PRO A 88 14.91 -9.52 8.25
CA PRO A 88 15.08 -9.42 9.68
C PRO A 88 16.35 -8.65 10.03
N PHE A 89 16.35 -8.05 11.21
CA PHE A 89 17.49 -7.29 11.68
C PHE A 89 17.96 -6.30 10.60
N THR A 90 16.99 -5.65 9.97
CA THR A 90 17.29 -4.68 8.94
C THR A 90 16.25 -3.57 8.93
N CYS A 91 16.73 -2.34 8.77
CA CYS A 91 15.86 -1.18 8.74
C CYS A 91 15.12 -1.17 7.39
N TYR A 92 13.79 -1.22 7.49
CA TYR A 92 12.96 -1.21 6.31
C TYR A 92 11.73 -0.34 6.50
N SER A 93 11.18 0.12 5.39
CA SER A 93 10.00 0.96 5.43
C SER A 93 8.84 0.30 4.68
N PHE A 94 7.66 0.89 4.80
CA PHE A 94 6.49 0.36 4.16
C PHE A 94 5.46 1.47 3.90
N ARG A 95 4.77 1.34 2.77
CA ARG A 95 3.75 2.32 2.40
C ARG A 95 2.47 1.62 1.96
N MET A 96 1.54 2.41 1.46
CA MET A 96 0.27 1.88 1.00
C MET A 96 -0.18 2.57 -0.29
N ARG A 97 -1.07 1.90 -1.01
CA ARG A 97 -1.58 2.45 -2.26
C ARG A 97 -2.95 1.84 -2.57
N GLN A 98 -3.66 2.50 -3.48
CA GLN A 98 -4.98 2.05 -3.88
C GLN A 98 -5.07 1.92 -5.41
N VAL A 99 -5.51 0.75 -5.85
CA VAL A 99 -5.64 0.50 -7.27
C VAL A 99 -7.11 0.21 -7.60
N ASN A 100 -7.62 0.94 -8.59
CA ASN A 100 -9.00 0.78 -9.00
C ASN A 100 -9.07 0.71 -10.53
N ILE A 101 -10.27 0.52 -11.03
CA ILE A 101 -10.48 0.44 -12.47
C ILE A 101 -9.87 1.68 -13.14
N VAL A 102 -9.94 2.79 -12.43
CA VAL A 102 -9.40 4.04 -12.95
C VAL A 102 -7.87 3.92 -13.07
N GLY A 103 -7.21 3.98 -11.92
CA GLY A 103 -5.76 3.88 -11.90
C GLY A 103 -5.27 3.56 -10.49
N THR A 104 -4.03 3.95 -10.22
CA THR A 104 -3.43 3.71 -8.92
C THR A 104 -3.08 5.04 -8.24
N SER A 105 -3.51 5.15 -6.99
CA SER A 105 -3.25 6.37 -6.23
C SER A 105 -1.74 6.55 -6.04
N PRO A 106 -1.37 7.78 -5.59
CA PRO A 106 0.03 8.10 -5.36
C PRO A 106 0.55 7.43 -4.08
N PRO A 107 1.88 7.57 -3.86
CA PRO A 107 2.50 6.99 -2.69
C PRO A 107 2.18 7.81 -1.43
N SER A 108 1.85 7.09 -0.37
CA SER A 108 1.52 7.73 0.89
C SER A 108 2.76 7.82 1.78
N GLN A 109 2.64 8.61 2.84
CA GLN A 109 3.74 8.79 3.77
C GLN A 109 4.21 7.43 4.31
N PRO A 110 5.55 7.26 4.31
CA PRO A 110 6.14 6.02 4.80
C PRO A 110 6.08 5.93 6.33
N SER A 111 6.06 4.71 6.82
CA SER A 111 6.00 4.48 8.25
C SER A 111 7.39 4.67 8.87
N ARG A 112 7.39 5.19 10.09
CA ARG A 112 8.63 5.43 10.80
C ARG A 112 9.56 4.22 10.66
N LYS A 113 10.85 4.49 10.82
CA LYS A 113 11.85 3.45 10.71
C LYS A 113 11.63 2.41 11.82
N ILE A 114 11.30 1.20 11.41
CA ILE A 114 11.05 0.13 12.35
C ILE A 114 12.23 -0.85 12.33
N GLN A 115 12.20 -1.79 13.26
CA GLN A 115 13.26 -2.78 13.37
C GLN A 115 12.67 -4.19 13.48
N THR A 116 12.81 -4.95 12.41
CA THR A 116 12.29 -6.31 12.38
C THR A 116 13.04 -7.19 13.39
N LEU A 117 12.48 -8.35 13.63
CA LEU A 117 13.08 -9.30 14.56
C LEU A 117 14.18 -10.09 13.85
N GLN A 118 14.86 -10.93 14.61
CA GLN A 118 15.92 -11.75 14.07
C GLN A 118 15.39 -13.11 13.65
N SER A 119 15.99 -13.65 12.60
CA SER A 119 15.58 -14.95 12.08
C SER A 119 16.59 -16.02 12.50
N GLY A 120 16.33 -16.62 13.65
CA GLY A 120 17.21 -17.66 14.17
C GLY A 120 16.41 -18.74 14.90
N PRO A 121 17.15 -19.76 15.41
CA PRO A 121 16.53 -20.86 16.12
C PRO A 121 16.10 -20.42 17.53
N SER A 122 15.31 -21.27 18.16
CA SER A 122 14.83 -20.99 19.51
C SER A 122 15.15 -22.16 20.44
N SER A 123 16.25 -22.02 21.15
CA SER A 123 16.67 -23.06 22.08
C SER A 123 16.67 -22.52 23.51
N GLY A 124 15.92 -23.20 24.36
CA GLY A 124 15.82 -22.80 25.75
C GLY A 124 14.96 -23.79 26.55
N GLY A 1 -2.83 13.02 -23.04
CA GLY A 1 -3.85 12.66 -24.01
C GLY A 1 -4.97 13.69 -24.03
N SER A 2 -6.16 13.22 -24.41
CA SER A 2 -7.32 14.09 -24.47
C SER A 2 -8.60 13.24 -24.56
N SER A 3 -9.59 13.66 -23.79
CA SER A 3 -10.86 12.95 -23.78
C SER A 3 -11.96 13.86 -23.19
N GLY A 4 -12.93 14.17 -24.04
CA GLY A 4 -14.03 15.02 -23.63
C GLY A 4 -15.32 14.21 -23.45
N SER A 5 -16.39 14.73 -24.03
CA SER A 5 -17.68 14.07 -23.95
C SER A 5 -18.40 14.15 -25.31
N SER A 6 -18.40 13.02 -25.99
CA SER A 6 -19.05 12.95 -27.30
C SER A 6 -18.98 11.52 -27.84
N GLY A 7 -19.85 11.25 -28.79
CA GLY A 7 -19.90 9.92 -29.40
C GLY A 7 -21.06 9.10 -28.83
N THR A 8 -20.76 7.85 -28.51
CA THR A 8 -21.76 6.96 -27.96
C THR A 8 -22.27 7.49 -26.62
N ILE A 9 -23.24 6.76 -26.07
CA ILE A 9 -23.82 7.15 -24.80
C ILE A 9 -23.09 6.44 -23.66
N SER A 10 -22.97 7.13 -22.54
CA SER A 10 -22.29 6.57 -21.38
C SER A 10 -23.30 6.32 -20.26
N SER A 11 -23.91 7.42 -19.80
CA SER A 11 -24.89 7.33 -18.74
C SER A 11 -24.19 7.07 -17.40
N GLY A 12 -23.63 5.88 -17.27
CA GLY A 12 -22.94 5.51 -16.06
C GLY A 12 -21.74 6.44 -15.80
N VAL A 13 -21.75 7.05 -14.63
CA VAL A 13 -20.69 7.96 -14.25
C VAL A 13 -19.38 7.17 -14.09
N PRO A 14 -18.30 7.73 -14.67
CA PRO A 14 -16.99 7.10 -14.60
C PRO A 14 -16.37 7.27 -13.21
N PRO A 15 -15.59 6.23 -12.80
CA PRO A 15 -14.93 6.26 -11.50
C PRO A 15 -13.74 7.21 -11.51
N GLU A 16 -13.33 7.62 -10.32
CA GLU A 16 -12.21 8.52 -10.18
C GLU A 16 -11.06 7.83 -9.42
N LEU A 17 -9.97 8.56 -9.28
CA LEU A 17 -8.80 8.04 -8.59
C LEU A 17 -9.05 8.11 -7.08
N PRO A 18 -8.40 7.15 -6.35
CA PRO A 18 -8.54 7.11 -4.90
C PRO A 18 -7.72 8.22 -4.23
N GLY A 19 -7.55 8.07 -2.93
CA GLY A 19 -6.79 9.05 -2.17
C GLY A 19 -5.72 8.36 -1.31
N PRO A 20 -4.81 9.20 -0.74
CA PRO A 20 -3.75 8.69 0.11
C PRO A 20 -4.28 8.29 1.47
N PRO A 21 -4.11 6.98 1.80
CA PRO A 21 -4.57 6.46 3.08
C PRO A 21 -3.64 6.89 4.22
N THR A 22 -4.25 7.31 5.31
CA THR A 22 -3.50 7.76 6.47
C THR A 22 -3.64 6.75 7.61
N ASN A 23 -3.22 7.19 8.79
CA ASN A 23 -3.29 6.34 9.97
C ASN A 23 -2.42 5.09 9.74
N LEU A 24 -1.36 5.28 8.96
CA LEU A 24 -0.45 4.19 8.67
C LEU A 24 0.40 3.88 9.90
N GLY A 25 0.46 2.60 10.24
CA GLY A 25 1.23 2.17 11.39
C GLY A 25 1.76 0.74 11.19
N ILE A 26 2.94 0.51 11.76
CA ILE A 26 3.56 -0.80 11.64
C ILE A 26 3.62 -1.45 13.03
N SER A 27 2.78 -2.44 13.22
CA SER A 27 2.72 -3.16 14.49
C SER A 27 3.02 -4.64 14.26
N ASN A 28 3.16 -5.34 15.38
CA ASN A 28 3.44 -6.77 15.33
C ASN A 28 4.59 -7.02 14.33
N ILE A 29 5.68 -6.32 14.56
CA ILE A 29 6.84 -6.45 13.69
C ILE A 29 7.55 -7.76 14.00
N GLY A 30 7.31 -8.76 13.15
CA GLY A 30 7.91 -10.06 13.33
C GLY A 30 9.33 -10.09 12.74
N PRO A 31 9.81 -11.33 12.47
CA PRO A 31 11.14 -11.51 11.91
C PRO A 31 11.16 -11.15 10.42
N ARG A 32 10.20 -11.72 9.70
CA ARG A 32 10.10 -11.47 8.27
C ARG A 32 8.66 -11.13 7.89
N SER A 33 7.86 -10.88 8.91
CA SER A 33 6.46 -10.53 8.71
C SER A 33 6.02 -9.48 9.72
N VAL A 34 5.12 -8.62 9.28
CA VAL A 34 4.61 -7.55 10.13
C VAL A 34 3.19 -7.19 9.69
N THR A 35 2.47 -6.55 10.60
CA THR A 35 1.11 -6.15 10.32
C THR A 35 1.06 -4.67 9.93
N LEU A 36 0.32 -4.39 8.87
CA LEU A 36 0.19 -3.03 8.39
C LEU A 36 -1.26 -2.57 8.52
N GLN A 37 -1.44 -1.39 9.08
CA GLN A 37 -2.77 -0.84 9.28
C GLN A 37 -2.91 0.49 8.54
N PHE A 38 -4.08 0.68 7.94
CA PHE A 38 -4.35 1.91 7.20
C PHE A 38 -5.86 2.18 7.13
N ARG A 39 -6.20 3.17 6.32
CA ARG A 39 -7.60 3.54 6.15
C ARG A 39 -7.81 4.18 4.78
N PRO A 40 -8.89 3.72 4.09
CA PRO A 40 -9.22 4.24 2.78
C PRO A 40 -9.84 5.64 2.87
N GLY A 41 -9.04 6.63 2.51
CA GLY A 41 -9.49 8.01 2.56
C GLY A 41 -10.69 8.23 1.63
N TYR A 42 -10.43 8.07 0.34
CA TYR A 42 -11.47 8.25 -0.66
C TYR A 42 -11.31 7.23 -1.79
N ASP A 43 -11.99 6.10 -1.63
CA ASP A 43 -11.93 5.06 -2.63
C ASP A 43 -11.97 5.68 -4.03
N GLY A 44 -13.07 6.37 -4.30
CA GLY A 44 -13.24 7.01 -5.59
C GLY A 44 -14.50 6.51 -6.29
N LYS A 45 -15.54 6.28 -5.50
CA LYS A 45 -16.80 5.79 -6.03
C LYS A 45 -16.57 4.47 -6.75
N THR A 46 -15.67 3.67 -6.19
CA THR A 46 -15.35 2.38 -6.78
C THR A 46 -14.44 1.59 -5.83
N SER A 47 -14.95 0.44 -5.41
CA SER A 47 -14.21 -0.42 -4.50
C SER A 47 -12.78 -0.59 -5.00
N ILE A 48 -11.86 -0.72 -4.05
CA ILE A 48 -10.45 -0.89 -4.38
C ILE A 48 -10.25 -2.22 -5.10
N SER A 49 -9.35 -2.21 -6.06
CA SER A 49 -9.05 -3.41 -6.83
C SER A 49 -7.93 -4.20 -6.16
N ARG A 50 -6.95 -3.47 -5.65
CA ARG A 50 -5.82 -4.08 -4.98
C ARG A 50 -4.96 -3.02 -4.30
N TRP A 51 -4.46 -3.37 -3.13
CA TRP A 51 -3.62 -2.46 -2.36
C TRP A 51 -2.16 -2.80 -2.65
N LEU A 52 -1.36 -1.77 -2.83
CA LEU A 52 0.06 -1.95 -3.11
C LEU A 52 0.87 -1.55 -1.88
N VAL A 53 1.75 -2.44 -1.46
CA VAL A 53 2.59 -2.20 -0.30
C VAL A 53 4.06 -2.29 -0.72
N GLU A 54 4.69 -1.13 -0.80
CA GLU A 54 6.10 -1.06 -1.18
C GLU A 54 6.97 -0.86 0.06
N ALA A 55 8.28 -0.95 -0.16
CA ALA A 55 9.22 -0.78 0.93
C ALA A 55 10.61 -0.49 0.33
N GLN A 56 11.45 0.11 1.17
CA GLN A 56 12.80 0.45 0.74
C GLN A 56 13.83 -0.32 1.58
N VAL A 57 15.03 -0.44 1.03
CA VAL A 57 16.09 -1.14 1.71
C VAL A 57 16.97 -0.13 2.44
N GLY A 58 17.18 -0.39 3.72
CA GLY A 58 18.00 0.48 4.55
C GLY A 58 17.81 1.95 4.15
N VAL A 59 18.70 2.42 3.30
CA VAL A 59 18.64 3.79 2.84
C VAL A 59 17.18 4.17 2.55
N VAL A 60 16.58 4.84 3.52
CA VAL A 60 15.19 5.26 3.38
C VAL A 60 15.15 6.73 2.95
N GLY A 61 15.25 6.92 1.64
CA GLY A 61 15.22 8.27 1.09
C GLY A 61 14.13 8.39 0.02
N GLU A 62 13.99 9.61 -0.49
CA GLU A 62 13.00 9.87 -1.52
C GLU A 62 13.63 9.72 -2.91
N GLY A 63 14.95 9.86 -2.96
CA GLY A 63 15.67 9.73 -4.21
C GLY A 63 15.53 8.33 -4.79
N GLU A 64 15.60 7.35 -3.90
CA GLU A 64 15.48 5.96 -4.31
C GLU A 64 14.01 5.58 -4.51
N GLU A 65 13.76 4.87 -5.60
CA GLU A 65 12.41 4.45 -5.92
C GLU A 65 11.86 3.52 -4.83
N TRP A 66 10.65 3.04 -5.05
CA TRP A 66 10.00 2.15 -4.10
C TRP A 66 9.56 0.89 -4.84
N LEU A 67 9.94 -0.25 -4.30
CA LEU A 67 9.59 -1.52 -4.91
C LEU A 67 8.45 -2.16 -4.11
N LEU A 68 7.63 -2.92 -4.82
CA LEU A 68 6.50 -3.59 -4.19
C LEU A 68 7.01 -4.82 -3.42
N ILE A 69 6.28 -5.16 -2.37
CA ILE A 69 6.65 -6.30 -1.54
C ILE A 69 5.39 -7.10 -1.22
N HIS A 70 4.34 -6.39 -0.83
CA HIS A 70 3.08 -7.02 -0.50
C HIS A 70 1.93 -6.32 -1.23
N GLN A 71 1.01 -7.13 -1.71
CA GLN A 71 -0.14 -6.60 -2.43
C GLN A 71 -1.37 -7.47 -2.19
N LEU A 72 -2.42 -6.85 -1.70
CA LEU A 72 -3.66 -7.55 -1.42
C LEU A 72 -4.68 -7.23 -2.51
N SER A 73 -5.07 -8.27 -3.24
CA SER A 73 -6.03 -8.10 -4.31
C SER A 73 -7.41 -8.62 -3.87
N ASN A 74 -8.44 -8.07 -4.49
CA ASN A 74 -9.80 -8.47 -4.17
C ASN A 74 -9.99 -8.45 -2.65
N GLU A 75 -10.27 -7.27 -2.13
CA GLU A 75 -10.48 -7.10 -0.70
C GLU A 75 -10.49 -5.62 -0.34
N PRO A 76 -11.60 -4.94 -0.76
CA PRO A 76 -11.74 -3.52 -0.48
C PRO A 76 -12.12 -3.28 0.98
N ASP A 77 -12.69 -4.30 1.59
CA ASP A 77 -13.09 -4.22 2.98
C ASP A 77 -11.86 -4.32 3.87
N ALA A 78 -10.93 -5.16 3.45
CA ALA A 78 -9.70 -5.36 4.20
C ALA A 78 -9.18 -4.00 4.68
N ARG A 79 -8.87 -3.95 5.97
CA ARG A 79 -8.37 -2.72 6.57
C ARG A 79 -6.91 -2.90 7.01
N SER A 80 -6.55 -4.16 7.24
CA SER A 80 -5.20 -4.48 7.66
C SER A 80 -4.76 -5.80 7.03
N MET A 81 -3.45 -5.92 6.85
CA MET A 81 -2.89 -7.12 6.26
C MET A 81 -1.42 -7.29 6.67
N GLU A 82 -0.95 -8.53 6.57
CA GLU A 82 0.42 -8.85 6.93
C GLU A 82 1.34 -8.66 5.71
N VAL A 83 2.56 -8.24 6.00
CA VAL A 83 3.54 -8.02 4.94
C VAL A 83 4.74 -8.94 5.17
N PRO A 84 4.69 -10.13 4.53
CA PRO A 84 5.76 -11.11 4.65
C PRO A 84 6.97 -10.68 3.83
N ASP A 85 7.87 -11.64 3.62
CA ASP A 85 9.07 -11.38 2.85
C ASP A 85 9.67 -10.04 3.30
N LEU A 86 10.15 -10.03 4.54
CA LEU A 86 10.75 -8.83 5.09
C LEU A 86 12.21 -9.11 5.46
N ASN A 87 13.02 -8.06 5.39
CA ASN A 87 14.44 -8.18 5.69
C ASN A 87 14.64 -8.00 7.20
N PRO A 88 15.07 -9.11 7.85
CA PRO A 88 15.31 -9.09 9.29
C PRO A 88 16.60 -8.34 9.62
N PHE A 89 16.65 -7.82 10.84
CA PHE A 89 17.81 -7.08 11.29
C PHE A 89 18.24 -6.03 10.26
N THR A 90 17.23 -5.39 9.66
CA THR A 90 17.47 -4.38 8.66
C THR A 90 16.40 -3.29 8.74
N CYS A 91 16.86 -2.05 8.66
CA CYS A 91 15.94 -0.91 8.71
C CYS A 91 15.22 -0.81 7.36
N TYR A 92 13.92 -1.03 7.41
CA TYR A 92 13.11 -0.97 6.20
C TYR A 92 11.86 -0.12 6.43
N SER A 93 11.29 0.34 5.33
CA SER A 93 10.09 1.17 5.39
C SER A 93 8.95 0.48 4.64
N PHE A 94 7.76 1.06 4.79
CA PHE A 94 6.58 0.51 4.13
C PHE A 94 5.56 1.61 3.85
N ARG A 95 4.89 1.48 2.71
CA ARG A 95 3.88 2.46 2.31
C ARG A 95 2.61 1.74 1.87
N MET A 96 1.69 2.53 1.33
CA MET A 96 0.42 1.99 0.87
C MET A 96 0.02 2.61 -0.47
N ARG A 97 -0.88 1.92 -1.16
CA ARG A 97 -1.35 2.40 -2.46
C ARG A 97 -2.75 1.84 -2.74
N GLN A 98 -3.52 2.63 -3.47
CA GLN A 98 -4.87 2.23 -3.83
C GLN A 98 -5.01 2.10 -5.34
N VAL A 99 -5.51 0.96 -5.77
CA VAL A 99 -5.69 0.70 -7.18
C VAL A 99 -7.17 0.41 -7.46
N ASN A 100 -7.71 1.10 -8.46
CA ASN A 100 -9.10 0.93 -8.82
C ASN A 100 -9.21 0.82 -10.35
N ILE A 101 -10.44 0.66 -10.82
CA ILE A 101 -10.70 0.54 -12.24
C ILE A 101 -10.16 1.79 -12.95
N VAL A 102 -9.93 2.83 -12.16
CA VAL A 102 -9.43 4.08 -12.70
C VAL A 102 -7.91 3.99 -12.87
N GLY A 103 -7.20 4.14 -11.76
CA GLY A 103 -5.75 4.07 -11.77
C GLY A 103 -5.21 3.78 -10.38
N THR A 104 -4.02 4.31 -10.12
CA THR A 104 -3.37 4.11 -8.84
C THR A 104 -2.99 5.46 -8.22
N SER A 105 -3.34 5.62 -6.96
CA SER A 105 -3.04 6.84 -6.24
C SER A 105 -1.54 6.95 -5.99
N PRO A 106 -1.13 8.14 -5.48
CA PRO A 106 0.28 8.38 -5.18
C PRO A 106 0.72 7.65 -3.92
N PRO A 107 2.05 7.72 -3.64
CA PRO A 107 2.59 7.07 -2.47
C PRO A 107 2.26 7.84 -1.20
N SER A 108 1.90 7.10 -0.16
CA SER A 108 1.54 7.70 1.12
C SER A 108 2.77 7.74 2.02
N GLN A 109 2.73 8.66 2.98
CA GLN A 109 3.83 8.81 3.92
C GLN A 109 4.31 7.44 4.39
N PRO A 110 5.66 7.30 4.44
CA PRO A 110 6.27 6.05 4.87
C PRO A 110 6.16 5.88 6.39
N SER A 111 6.11 4.62 6.82
CA SER A 111 6.01 4.32 8.23
C SER A 111 7.36 4.49 8.90
N ARG A 112 7.32 5.04 10.11
CA ARG A 112 8.53 5.27 10.88
C ARG A 112 9.50 4.10 10.69
N LYS A 113 10.77 4.40 10.88
CA LYS A 113 11.82 3.39 10.74
C LYS A 113 11.69 2.37 11.88
N ILE A 114 11.37 1.14 11.49
CA ILE A 114 11.22 0.08 12.46
C ILE A 114 12.38 -0.92 12.32
N GLN A 115 12.38 -1.91 13.19
CA GLN A 115 13.42 -2.93 13.17
C GLN A 115 12.80 -4.32 13.15
N THR A 116 13.22 -5.11 12.17
CA THR A 116 12.72 -6.47 12.04
C THR A 116 13.51 -7.43 12.94
N LEU A 117 12.79 -8.42 13.45
CA LEU A 117 13.40 -9.41 14.32
C LEU A 117 14.38 -10.26 13.51
N GLN A 118 15.11 -11.12 14.22
CA GLN A 118 16.07 -11.99 13.59
C GLN A 118 15.36 -13.20 12.96
N SER A 119 15.89 -13.63 11.82
CA SER A 119 15.32 -14.77 11.12
C SER A 119 15.78 -16.07 11.78
N GLY A 120 15.02 -17.13 11.50
CA GLY A 120 15.34 -18.43 12.06
C GLY A 120 14.65 -18.63 13.42
N PRO A 121 15.13 -19.67 14.15
CA PRO A 121 14.57 -19.99 15.46
C PRO A 121 15.04 -18.97 16.51
N SER A 122 14.51 -19.13 17.71
CA SER A 122 14.86 -18.24 18.80
C SER A 122 14.43 -18.86 20.14
N SER A 123 14.98 -18.30 21.21
CA SER A 123 14.66 -18.79 22.55
C SER A 123 13.96 -17.69 23.34
N GLY A 124 12.89 -18.08 24.01
CA GLY A 124 12.12 -17.15 24.82
C GLY A 124 10.63 -17.24 24.49
N GLY A 1 4.59 8.05 -16.83
CA GLY A 1 4.74 8.22 -18.27
C GLY A 1 3.57 9.03 -18.85
N SER A 2 3.10 8.58 -20.00
CA SER A 2 2.00 9.25 -20.66
C SER A 2 0.67 8.75 -20.09
N SER A 3 -0.34 9.60 -20.22
CA SER A 3 -1.67 9.26 -19.73
C SER A 3 -2.72 10.13 -20.42
N GLY A 4 -3.95 9.62 -20.45
CA GLY A 4 -5.04 10.33 -21.07
C GLY A 4 -6.35 10.11 -20.30
N SER A 5 -7.38 10.82 -20.73
CA SER A 5 -8.67 10.71 -20.09
C SER A 5 -9.76 11.29 -21.01
N SER A 6 -10.83 10.52 -21.15
CA SER A 6 -11.93 10.95 -22.00
C SER A 6 -13.24 10.31 -21.51
N GLY A 7 -13.96 11.07 -20.69
CA GLY A 7 -15.22 10.59 -20.15
C GLY A 7 -16.34 11.61 -20.38
N THR A 8 -17.46 11.11 -20.86
CA THR A 8 -18.60 11.96 -21.13
C THR A 8 -19.81 11.49 -20.33
N ILE A 9 -20.69 12.44 -20.03
CA ILE A 9 -21.89 12.15 -19.27
C ILE A 9 -23.05 11.90 -20.23
N SER A 10 -23.62 10.70 -20.14
CA SER A 10 -24.73 10.34 -21.00
C SER A 10 -25.30 8.99 -20.56
N SER A 11 -24.43 8.00 -20.51
CA SER A 11 -24.83 6.66 -20.11
C SER A 11 -23.68 5.96 -19.39
N GLY A 12 -23.85 5.81 -18.08
CA GLY A 12 -22.83 5.16 -17.26
C GLY A 12 -21.78 6.16 -16.80
N VAL A 13 -21.63 6.26 -15.48
CA VAL A 13 -20.67 7.18 -14.89
C VAL A 13 -19.35 6.44 -14.66
N PRO A 14 -18.25 7.04 -15.21
CA PRO A 14 -16.93 6.45 -15.06
C PRO A 14 -16.39 6.66 -13.65
N PRO A 15 -15.58 5.66 -13.19
CA PRO A 15 -14.99 5.72 -11.87
C PRO A 15 -13.84 6.73 -11.83
N GLU A 16 -13.42 7.05 -10.62
CA GLU A 16 -12.33 7.98 -10.43
C GLU A 16 -11.19 7.34 -9.64
N LEU A 17 -10.18 8.13 -9.34
CA LEU A 17 -9.03 7.65 -8.59
C LEU A 17 -9.33 7.74 -7.09
N PRO A 18 -8.69 6.81 -6.33
CA PRO A 18 -8.89 6.77 -4.88
C PRO A 18 -8.13 7.91 -4.21
N GLY A 19 -7.94 7.76 -2.90
CA GLY A 19 -7.24 8.76 -2.11
C GLY A 19 -6.11 8.13 -1.30
N PRO A 20 -5.21 9.01 -0.79
CA PRO A 20 -4.08 8.55 0.01
C PRO A 20 -4.54 8.17 1.42
N PRO A 21 -4.35 6.86 1.76
CA PRO A 21 -4.73 6.36 3.06
C PRO A 21 -3.75 6.82 4.14
N THR A 22 -4.31 7.26 5.25
CA THR A 22 -3.50 7.73 6.37
C THR A 22 -3.61 6.77 7.55
N ASN A 23 -3.14 7.24 8.70
CA ASN A 23 -3.18 6.44 9.91
C ASN A 23 -2.32 5.19 9.71
N LEU A 24 -1.22 5.37 8.99
CA LEU A 24 -0.30 4.27 8.72
C LEU A 24 0.54 4.00 9.97
N GLY A 25 0.62 2.72 10.32
CA GLY A 25 1.39 2.32 11.48
C GLY A 25 1.88 0.88 11.34
N ILE A 26 3.05 0.62 11.91
CA ILE A 26 3.64 -0.70 11.86
C ILE A 26 3.40 -1.42 13.18
N SER A 27 2.64 -2.50 13.11
CA SER A 27 2.34 -3.28 14.30
C SER A 27 2.67 -4.75 14.06
N ASN A 28 2.68 -5.51 15.14
CA ASN A 28 2.98 -6.93 15.06
C ASN A 28 4.15 -7.15 14.09
N ILE A 29 5.23 -6.43 14.35
CA ILE A 29 6.42 -6.53 13.53
C ILE A 29 7.08 -7.89 13.75
N GLY A 30 6.82 -8.80 12.82
CA GLY A 30 7.38 -10.14 12.91
C GLY A 30 8.81 -10.17 12.36
N PRO A 31 9.31 -11.42 12.12
CA PRO A 31 10.65 -11.59 11.60
C PRO A 31 10.70 -11.25 10.11
N ARG A 32 9.84 -11.91 9.34
CA ARG A 32 9.79 -11.67 7.91
C ARG A 32 8.37 -11.25 7.50
N SER A 33 7.49 -11.22 8.48
CA SER A 33 6.12 -10.84 8.23
C SER A 33 5.64 -9.86 9.30
N VAL A 34 5.06 -8.75 8.84
CA VAL A 34 4.57 -7.74 9.75
C VAL A 34 3.16 -7.31 9.32
N THR A 35 2.50 -6.57 10.20
CA THR A 35 1.16 -6.10 9.92
C THR A 35 1.14 -4.57 9.80
N LEU A 36 0.50 -4.11 8.73
CA LEU A 36 0.41 -2.67 8.49
C LEU A 36 -1.06 -2.24 8.60
N GLN A 37 -1.28 -1.24 9.44
CA GLN A 37 -2.62 -0.73 9.65
C GLN A 37 -2.79 0.62 8.93
N PHE A 38 -4.01 0.84 8.46
CA PHE A 38 -4.31 2.08 7.75
C PHE A 38 -5.82 2.27 7.61
N ARG A 39 -6.19 3.25 6.80
CA ARG A 39 -7.60 3.55 6.57
C ARG A 39 -7.80 4.06 5.14
N PRO A 40 -8.82 3.47 4.45
CA PRO A 40 -9.13 3.87 3.09
C PRO A 40 -9.85 5.22 3.07
N GLY A 41 -9.08 6.25 2.74
CA GLY A 41 -9.63 7.60 2.67
C GLY A 41 -10.78 7.67 1.66
N TYR A 42 -10.40 7.72 0.39
CA TYR A 42 -11.38 7.78 -0.68
C TYR A 42 -11.18 6.65 -1.70
N ASP A 43 -12.09 5.70 -1.67
CA ASP A 43 -12.02 4.57 -2.58
C ASP A 43 -12.06 5.08 -4.02
N GLY A 44 -12.91 6.06 -4.23
CA GLY A 44 -13.06 6.65 -5.56
C GLY A 44 -14.37 6.18 -6.22
N LYS A 45 -15.38 6.01 -5.39
CA LYS A 45 -16.68 5.57 -5.86
C LYS A 45 -16.53 4.21 -6.56
N THR A 46 -15.57 3.44 -6.08
CA THR A 46 -15.31 2.12 -6.63
C THR A 46 -14.42 1.31 -5.71
N SER A 47 -14.87 0.10 -5.40
CA SER A 47 -14.13 -0.79 -4.53
C SER A 47 -12.69 -0.94 -5.04
N ILE A 48 -11.78 -1.14 -4.10
CA ILE A 48 -10.38 -1.31 -4.44
C ILE A 48 -10.16 -2.71 -5.03
N SER A 49 -9.38 -2.75 -6.10
CA SER A 49 -9.09 -4.01 -6.76
C SER A 49 -7.94 -4.72 -6.05
N ARG A 50 -6.95 -3.92 -5.65
CA ARG A 50 -5.79 -4.46 -4.97
C ARG A 50 -4.98 -3.33 -4.33
N TRP A 51 -4.46 -3.61 -3.14
CA TRP A 51 -3.67 -2.63 -2.42
C TRP A 51 -2.19 -2.94 -2.67
N LEU A 52 -1.42 -1.87 -2.79
CA LEU A 52 0.01 -2.01 -3.04
C LEU A 52 0.78 -1.60 -1.79
N VAL A 53 1.79 -2.40 -1.47
CA VAL A 53 2.61 -2.14 -0.30
C VAL A 53 4.09 -2.17 -0.70
N GLU A 54 4.67 -0.99 -0.79
CA GLU A 54 6.07 -0.87 -1.15
C GLU A 54 6.93 -0.61 0.08
N ALA A 55 8.21 -0.90 -0.05
CA ALA A 55 9.15 -0.72 1.04
C ALA A 55 10.52 -0.36 0.48
N GLN A 56 11.37 0.15 1.36
CA GLN A 56 12.72 0.53 0.97
C GLN A 56 13.75 -0.20 1.82
N VAL A 57 14.80 -0.65 1.14
CA VAL A 57 15.87 -1.37 1.83
C VAL A 57 16.76 -0.38 2.57
N GLY A 58 16.92 -0.64 3.86
CA GLY A 58 17.74 0.23 4.70
C GLY A 58 17.59 1.69 4.29
N VAL A 59 18.51 2.14 3.46
CA VAL A 59 18.49 3.51 2.99
C VAL A 59 17.05 3.93 2.70
N VAL A 60 16.48 4.68 3.62
CA VAL A 60 15.11 5.14 3.49
C VAL A 60 15.12 6.61 3.07
N GLY A 61 15.34 6.83 1.78
CA GLY A 61 15.38 8.18 1.25
C GLY A 61 14.65 8.26 -0.10
N GLU A 62 15.07 9.22 -0.91
CA GLU A 62 14.48 9.41 -2.22
C GLU A 62 15.37 8.79 -3.30
N GLY A 63 16.66 9.08 -3.20
CA GLY A 63 17.62 8.56 -4.15
C GLY A 63 17.26 7.12 -4.56
N GLU A 64 16.98 6.31 -3.55
CA GLU A 64 16.63 4.92 -3.78
C GLU A 64 15.19 4.82 -4.28
N GLU A 65 14.95 3.79 -5.07
CA GLU A 65 13.62 3.55 -5.61
C GLU A 65 12.75 2.80 -4.59
N TRP A 66 11.46 2.79 -4.87
CA TRP A 66 10.51 2.12 -3.99
C TRP A 66 9.87 0.96 -4.77
N LEU A 67 10.26 -0.24 -4.40
CA LEU A 67 9.74 -1.43 -5.05
C LEU A 67 8.62 -2.03 -4.20
N LEU A 68 7.73 -2.77 -4.86
CA LEU A 68 6.62 -3.40 -4.18
C LEU A 68 7.13 -4.61 -3.39
N ILE A 69 6.39 -4.94 -2.34
CA ILE A 69 6.75 -6.08 -1.51
C ILE A 69 5.51 -6.91 -1.21
N HIS A 70 4.46 -6.20 -0.79
CA HIS A 70 3.20 -6.85 -0.46
C HIS A 70 2.07 -6.19 -1.24
N GLN A 71 1.07 -7.00 -1.59
CA GLN A 71 -0.07 -6.49 -2.32
C GLN A 71 -1.29 -7.40 -2.10
N LEU A 72 -2.36 -6.79 -1.60
CA LEU A 72 -3.59 -7.53 -1.34
C LEU A 72 -4.60 -7.24 -2.44
N SER A 73 -4.93 -8.28 -3.20
CA SER A 73 -5.87 -8.15 -4.30
C SER A 73 -7.24 -8.70 -3.86
N ASN A 74 -8.27 -7.92 -4.17
CA ASN A 74 -9.62 -8.33 -3.82
C ASN A 74 -9.79 -8.28 -2.30
N GLU A 75 -10.07 -7.08 -1.80
CA GLU A 75 -10.25 -6.88 -0.37
C GLU A 75 -10.50 -5.40 -0.07
N PRO A 76 -11.72 -4.93 -0.47
CA PRO A 76 -12.09 -3.54 -0.25
C PRO A 76 -12.44 -3.30 1.23
N ASP A 77 -12.33 -4.37 2.01
CA ASP A 77 -12.63 -4.29 3.43
C ASP A 77 -11.44 -4.82 4.23
N ALA A 78 -10.25 -4.50 3.75
CA ALA A 78 -9.03 -4.94 4.41
C ALA A 78 -8.33 -3.74 5.04
N ARG A 79 -8.82 -3.34 6.19
CA ARG A 79 -8.27 -2.20 6.90
C ARG A 79 -6.76 -2.41 7.13
N SER A 80 -6.39 -3.67 7.24
CA SER A 80 -4.99 -4.02 7.47
C SER A 80 -4.65 -5.30 6.72
N MET A 81 -3.37 -5.66 6.75
CA MET A 81 -2.91 -6.86 6.09
C MET A 81 -1.48 -7.20 6.50
N GLU A 82 -1.11 -8.45 6.29
CA GLU A 82 0.23 -8.91 6.63
C GLU A 82 1.19 -8.67 5.47
N VAL A 83 2.39 -8.23 5.81
CA VAL A 83 3.41 -7.95 4.82
C VAL A 83 4.56 -8.95 4.98
N PRO A 84 4.47 -10.05 4.18
CA PRO A 84 5.50 -11.09 4.22
C PRO A 84 6.76 -10.62 3.51
N ASP A 85 7.63 -11.59 3.24
CA ASP A 85 8.89 -11.30 2.56
C ASP A 85 9.47 -10.00 3.12
N LEU A 86 9.96 -10.09 4.35
CA LEU A 86 10.56 -8.93 4.99
C LEU A 86 12.00 -9.25 5.40
N ASN A 87 12.82 -8.22 5.41
CA ASN A 87 14.22 -8.38 5.78
C ASN A 87 14.36 -8.27 7.29
N PRO A 88 14.83 -9.40 7.90
CA PRO A 88 15.02 -9.45 9.34
C PRO A 88 16.26 -8.66 9.76
N PHE A 89 16.20 -8.15 10.99
CA PHE A 89 17.31 -7.38 11.52
C PHE A 89 17.80 -6.34 10.50
N THR A 90 16.85 -5.68 9.87
CA THR A 90 17.16 -4.66 8.88
C THR A 90 16.11 -3.55 8.90
N CYS A 91 16.60 -2.32 8.76
CA CYS A 91 15.72 -1.17 8.76
C CYS A 91 15.02 -1.10 7.39
N TYR A 92 13.70 -1.04 7.45
CA TYR A 92 12.91 -0.96 6.23
C TYR A 92 11.68 -0.08 6.43
N SER A 93 11.07 0.30 5.32
CA SER A 93 9.88 1.14 5.36
C SER A 93 8.70 0.41 4.70
N PHE A 94 7.54 1.03 4.81
CA PHE A 94 6.34 0.46 4.23
C PHE A 94 5.28 1.54 3.96
N ARG A 95 4.73 1.49 2.77
CA ARG A 95 3.72 2.45 2.37
C ARG A 95 2.42 1.74 1.97
N MET A 96 1.52 2.49 1.36
CA MET A 96 0.25 1.94 0.93
C MET A 96 -0.19 2.57 -0.40
N ARG A 97 -1.05 1.84 -1.09
CA ARG A 97 -1.56 2.31 -2.38
C ARG A 97 -2.87 1.60 -2.72
N GLN A 98 -3.67 2.28 -3.53
CA GLN A 98 -4.96 1.73 -3.94
C GLN A 98 -5.00 1.55 -5.45
N VAL A 99 -5.61 0.45 -5.88
CA VAL A 99 -5.73 0.15 -7.30
C VAL A 99 -7.19 -0.14 -7.64
N ASN A 100 -7.69 0.57 -8.62
CA ASN A 100 -9.07 0.40 -9.06
C ASN A 100 -9.12 0.34 -10.58
N ILE A 101 -10.33 0.19 -11.10
CA ILE A 101 -10.53 0.11 -12.54
C ILE A 101 -10.04 1.42 -13.18
N VAL A 102 -9.82 2.41 -12.34
CA VAL A 102 -9.36 3.70 -12.81
C VAL A 102 -7.85 3.66 -12.98
N GLY A 103 -7.14 3.85 -11.87
CA GLY A 103 -5.69 3.84 -11.90
C GLY A 103 -5.12 3.56 -10.50
N THR A 104 -3.81 3.78 -10.37
CA THR A 104 -3.14 3.56 -9.11
C THR A 104 -2.76 4.90 -8.47
N SER A 105 -3.36 5.17 -7.33
CA SER A 105 -3.08 6.40 -6.60
C SER A 105 -1.60 6.50 -6.29
N PRO A 106 -1.18 7.71 -5.83
CA PRO A 106 0.21 7.94 -5.48
C PRO A 106 0.56 7.28 -4.15
N PRO A 107 1.88 7.34 -3.80
CA PRO A 107 2.35 6.75 -2.57
C PRO A 107 1.96 7.62 -1.37
N SER A 108 1.58 6.94 -0.29
CA SER A 108 1.18 7.62 0.92
C SER A 108 2.38 7.75 1.87
N GLN A 109 2.24 8.67 2.82
CA GLN A 109 3.29 8.90 3.79
C GLN A 109 3.83 7.57 4.31
N PRO A 110 5.18 7.43 4.27
CA PRO A 110 5.83 6.22 4.74
C PRO A 110 5.84 6.15 6.27
N SER A 111 5.87 4.93 6.78
CA SER A 111 5.89 4.72 8.22
C SER A 111 7.32 4.83 8.75
N ARG A 112 7.42 5.17 10.03
CA ARG A 112 8.71 5.32 10.67
C ARG A 112 9.54 4.04 10.48
N LYS A 113 10.85 4.20 10.63
CA LYS A 113 11.75 3.07 10.48
C LYS A 113 11.55 2.09 11.64
N ILE A 114 11.30 0.84 11.27
CA ILE A 114 11.08 -0.19 12.26
C ILE A 114 12.18 -1.26 12.13
N GLN A 115 12.28 -2.08 13.17
CA GLN A 115 13.28 -3.14 13.20
C GLN A 115 12.60 -4.51 13.24
N THR A 116 12.77 -5.26 12.16
CA THR A 116 12.19 -6.59 12.08
C THR A 116 12.93 -7.56 12.99
N LEU A 117 12.22 -8.59 13.42
CA LEU A 117 12.81 -9.60 14.29
C LEU A 117 13.92 -10.33 13.54
N GLN A 118 14.54 -11.26 14.23
CA GLN A 118 15.62 -12.04 13.65
C GLN A 118 15.09 -12.92 12.51
N SER A 119 16.02 -13.52 11.78
CA SER A 119 15.65 -14.39 10.67
C SER A 119 15.27 -15.76 11.20
N GLY A 120 14.14 -16.26 10.68
CA GLY A 120 13.65 -17.57 11.08
C GLY A 120 13.19 -17.55 12.55
N PRO A 121 12.67 -18.72 13.00
CA PRO A 121 12.20 -18.85 14.37
C PRO A 121 13.37 -18.96 15.34
N SER A 122 13.39 -18.07 16.31
CA SER A 122 14.44 -18.06 17.31
C SER A 122 13.91 -18.59 18.64
N SER A 123 12.84 -17.96 19.10
CA SER A 123 12.23 -18.36 20.36
C SER A 123 13.23 -18.22 21.51
N GLY A 124 12.70 -18.18 22.72
CA GLY A 124 13.53 -18.04 23.90
C GLY A 124 13.24 -16.73 24.63
N GLY A 1 -8.35 11.89 -20.74
CA GLY A 1 -7.39 11.89 -19.65
C GLY A 1 -7.62 13.09 -18.72
N SER A 2 -6.75 14.08 -18.86
CA SER A 2 -6.85 15.27 -18.04
C SER A 2 -7.66 16.34 -18.77
N SER A 3 -8.92 16.47 -18.38
CA SER A 3 -9.81 17.44 -18.99
C SER A 3 -9.82 17.26 -20.51
N GLY A 4 -10.74 17.97 -21.15
CA GLY A 4 -10.87 17.89 -22.59
C GLY A 4 -11.95 18.85 -23.10
N SER A 5 -12.80 18.32 -23.97
CA SER A 5 -13.88 19.11 -24.54
C SER A 5 -15.00 18.20 -25.01
N SER A 6 -16.10 18.24 -24.29
CA SER A 6 -17.26 17.42 -24.62
C SER A 6 -18.54 18.25 -24.48
N GLY A 7 -19.65 17.66 -24.93
CA GLY A 7 -20.93 18.32 -24.87
C GLY A 7 -21.66 17.99 -23.56
N THR A 8 -22.95 18.26 -23.55
CA THR A 8 -23.77 17.99 -22.37
C THR A 8 -24.34 16.58 -22.43
N ILE A 9 -23.46 15.60 -22.29
CA ILE A 9 -23.86 14.21 -22.32
C ILE A 9 -23.50 13.55 -20.99
N SER A 10 -24.10 12.38 -20.76
CA SER A 10 -23.85 11.64 -19.54
C SER A 10 -24.28 10.19 -19.72
N SER A 11 -23.29 9.31 -19.88
CA SER A 11 -23.55 7.90 -20.06
C SER A 11 -22.46 7.07 -19.38
N GLY A 12 -22.83 6.44 -18.27
CA GLY A 12 -21.89 5.62 -17.53
C GLY A 12 -20.76 6.47 -16.97
N VAL A 13 -21.10 7.27 -15.97
CA VAL A 13 -20.12 8.14 -15.33
C VAL A 13 -18.86 7.32 -15.02
N PRO A 14 -17.70 7.83 -15.51
CA PRO A 14 -16.43 7.17 -15.29
C PRO A 14 -15.94 7.38 -13.85
N PRO A 15 -15.23 6.35 -13.33
CA PRO A 15 -14.70 6.41 -11.97
C PRO A 15 -13.50 7.33 -11.90
N GLU A 16 -13.14 7.70 -10.67
CA GLU A 16 -12.00 8.57 -10.45
C GLU A 16 -10.90 7.84 -9.68
N LEU A 17 -9.79 8.54 -9.50
CA LEU A 17 -8.67 7.96 -8.79
C LEU A 17 -8.96 8.00 -7.28
N PRO A 18 -8.30 7.05 -6.55
CA PRO A 18 -8.48 6.97 -5.12
C PRO A 18 -7.72 8.09 -4.40
N GLY A 19 -7.65 7.97 -3.08
CA GLY A 19 -6.97 8.96 -2.27
C GLY A 19 -5.87 8.32 -1.42
N PRO A 20 -4.96 9.18 -0.90
CA PRO A 20 -3.88 8.71 -0.06
C PRO A 20 -4.38 8.34 1.34
N PRO A 21 -4.17 7.04 1.70
CA PRO A 21 -4.59 6.55 3.01
C PRO A 21 -3.65 7.06 4.11
N THR A 22 -4.25 7.37 5.25
CA THR A 22 -3.50 7.87 6.38
C THR A 22 -3.63 6.90 7.57
N ASN A 23 -3.17 7.37 8.72
CA ASN A 23 -3.24 6.57 9.93
C ASN A 23 -2.44 5.28 9.73
N LEU A 24 -1.35 5.40 9.00
CA LEU A 24 -0.50 4.25 8.73
C LEU A 24 0.32 3.92 9.98
N GLY A 25 0.59 2.63 10.14
CA GLY A 25 1.35 2.18 11.29
C GLY A 25 1.54 0.65 11.24
N ILE A 26 2.76 0.23 11.53
CA ILE A 26 3.08 -1.19 11.52
C ILE A 26 3.19 -1.69 12.97
N SER A 27 2.51 -2.79 13.23
CA SER A 27 2.52 -3.39 14.55
C SER A 27 2.79 -4.89 14.45
N ASN A 28 3.11 -5.47 15.60
CA ASN A 28 3.39 -6.90 15.66
C ASN A 28 4.48 -7.24 14.63
N ILE A 29 5.52 -6.43 14.63
CA ILE A 29 6.63 -6.63 13.72
C ILE A 29 7.31 -7.96 14.05
N GLY A 30 7.20 -8.90 13.11
CA GLY A 30 7.79 -10.21 13.28
C GLY A 30 9.23 -10.24 12.72
N PRO A 31 9.71 -11.49 12.47
CA PRO A 31 11.05 -11.66 11.92
C PRO A 31 11.09 -11.31 10.43
N ARG A 32 10.18 -11.91 9.68
CA ARG A 32 10.11 -11.66 8.26
C ARG A 32 8.67 -11.31 7.85
N SER A 33 7.86 -11.03 8.86
CA SER A 33 6.47 -10.69 8.62
C SER A 33 6.01 -9.65 9.66
N VAL A 34 5.18 -8.73 9.19
CA VAL A 34 4.66 -7.69 10.06
C VAL A 34 3.23 -7.33 9.63
N THR A 35 2.59 -6.51 10.44
CA THR A 35 1.23 -6.09 10.15
C THR A 35 1.20 -4.59 9.82
N LEU A 36 0.69 -4.29 8.64
CA LEU A 36 0.60 -2.91 8.19
C LEU A 36 -0.85 -2.43 8.34
N GLN A 37 -1.01 -1.33 9.06
CA GLN A 37 -2.33 -0.76 9.28
C GLN A 37 -2.49 0.52 8.45
N PHE A 38 -3.75 0.84 8.18
CA PHE A 38 -4.06 2.03 7.40
C PHE A 38 -5.57 2.24 7.32
N ARG A 39 -5.95 3.19 6.48
CA ARG A 39 -7.37 3.52 6.29
C ARG A 39 -7.59 4.15 4.92
N PRO A 40 -8.64 3.65 4.22
CA PRO A 40 -8.98 4.16 2.90
C PRO A 40 -9.65 5.54 3.01
N GLY A 41 -8.94 6.54 2.52
CA GLY A 41 -9.45 7.91 2.55
C GLY A 41 -10.56 8.09 1.52
N TYR A 42 -10.16 8.14 0.26
CA TYR A 42 -11.11 8.30 -0.83
C TYR A 42 -10.93 7.22 -1.89
N ASP A 43 -11.78 6.21 -1.81
CA ASP A 43 -11.73 5.11 -2.75
C ASP A 43 -11.76 5.66 -4.18
N GLY A 44 -12.75 6.51 -4.43
CA GLY A 44 -12.90 7.12 -5.73
C GLY A 44 -14.14 6.58 -6.44
N LYS A 45 -15.26 6.62 -5.73
CA LYS A 45 -16.51 6.13 -6.27
C LYS A 45 -16.30 4.75 -6.90
N THR A 46 -15.43 3.97 -6.26
CA THR A 46 -15.13 2.64 -6.74
C THR A 46 -14.25 1.89 -5.73
N SER A 47 -14.58 0.62 -5.53
CA SER A 47 -13.84 -0.21 -4.60
C SER A 47 -12.43 -0.47 -5.14
N ILE A 48 -11.51 -0.65 -4.20
CA ILE A 48 -10.12 -0.91 -4.57
C ILE A 48 -10.00 -2.32 -5.14
N SER A 49 -9.23 -2.42 -6.21
CA SER A 49 -9.01 -3.71 -6.86
C SER A 49 -7.88 -4.47 -6.16
N ARG A 50 -6.93 -3.70 -5.63
CA ARG A 50 -5.80 -4.30 -4.94
C ARG A 50 -4.98 -3.21 -4.24
N TRP A 51 -4.52 -3.54 -3.05
CA TRP A 51 -3.73 -2.60 -2.27
C TRP A 51 -2.25 -2.94 -2.47
N LEU A 52 -1.49 -1.90 -2.80
CA LEU A 52 -0.07 -2.07 -3.03
C LEU A 52 0.71 -1.65 -1.78
N VAL A 53 1.72 -2.44 -1.45
CA VAL A 53 2.54 -2.16 -0.28
C VAL A 53 4.01 -2.16 -0.69
N GLU A 54 4.58 -0.97 -0.77
CA GLU A 54 5.97 -0.82 -1.15
C GLU A 54 6.84 -0.64 0.09
N ALA A 55 8.15 -0.65 -0.13
CA ALA A 55 9.09 -0.48 0.97
C ALA A 55 10.48 -0.18 0.39
N GLN A 56 11.34 0.34 1.25
CA GLN A 56 12.69 0.67 0.85
C GLN A 56 13.70 -0.08 1.71
N VAL A 57 14.80 -0.46 1.07
CA VAL A 57 15.85 -1.19 1.76
C VAL A 57 16.70 -0.22 2.58
N GLY A 58 16.88 -0.55 3.85
CA GLY A 58 17.67 0.29 4.74
C GLY A 58 17.45 1.77 4.42
N VAL A 59 18.36 2.32 3.64
CA VAL A 59 18.28 3.72 3.26
C VAL A 59 16.82 4.08 2.98
N VAL A 60 16.30 4.98 3.80
CA VAL A 60 14.92 5.42 3.66
C VAL A 60 14.90 6.92 3.34
N GLY A 61 15.20 7.24 2.10
CA GLY A 61 15.23 8.62 1.67
C GLY A 61 15.34 8.73 0.14
N GLU A 62 15.17 9.94 -0.35
CA GLU A 62 15.25 10.18 -1.78
C GLU A 62 16.47 9.47 -2.37
N GLY A 63 16.51 9.43 -3.70
CA GLY A 63 17.60 8.78 -4.40
C GLY A 63 17.28 7.32 -4.68
N GLU A 64 16.78 6.64 -3.66
CA GLU A 64 16.43 5.23 -3.79
C GLU A 64 15.01 5.09 -4.33
N GLU A 65 14.76 3.96 -4.98
CA GLU A 65 13.46 3.68 -5.55
C GLU A 65 12.62 2.84 -4.58
N TRP A 66 11.32 2.88 -4.79
CA TRP A 66 10.40 2.13 -3.95
C TRP A 66 9.83 0.98 -4.78
N LEU A 67 10.07 -0.23 -4.32
CA LEU A 67 9.58 -1.41 -5.00
C LEU A 67 8.46 -2.05 -4.19
N LEU A 68 7.64 -2.83 -4.87
CA LEU A 68 6.53 -3.50 -4.22
C LEU A 68 7.06 -4.68 -3.40
N ILE A 69 6.36 -4.98 -2.32
CA ILE A 69 6.74 -6.08 -1.46
C ILE A 69 5.51 -6.93 -1.13
N HIS A 70 4.41 -6.24 -0.84
CA HIS A 70 3.17 -6.91 -0.50
C HIS A 70 2.01 -6.24 -1.24
N GLN A 71 1.06 -7.06 -1.64
CA GLN A 71 -0.10 -6.55 -2.36
C GLN A 71 -1.34 -7.39 -2.02
N LEU A 72 -2.41 -6.70 -1.65
CA LEU A 72 -3.65 -7.36 -1.30
C LEU A 72 -4.64 -7.21 -2.45
N SER A 73 -4.85 -8.30 -3.17
CA SER A 73 -5.77 -8.30 -4.28
C SER A 73 -7.14 -8.82 -3.83
N ASN A 74 -8.18 -8.27 -4.45
CA ASN A 74 -9.54 -8.66 -4.13
C ASN A 74 -9.73 -8.61 -2.61
N GLU A 75 -10.00 -7.41 -2.12
CA GLU A 75 -10.20 -7.21 -0.69
C GLU A 75 -10.24 -5.71 -0.37
N PRO A 76 -11.30 -5.03 -0.87
CA PRO A 76 -11.46 -3.60 -0.65
C PRO A 76 -11.94 -3.34 0.78
N ASP A 77 -12.09 -4.41 1.54
CA ASP A 77 -12.54 -4.31 2.91
C ASP A 77 -11.47 -4.89 3.84
N ALA A 78 -10.26 -4.39 3.70
CA ALA A 78 -9.15 -4.85 4.51
C ALA A 78 -8.47 -3.65 5.18
N ARG A 79 -8.82 -3.46 6.44
CA ARG A 79 -8.26 -2.35 7.20
C ARG A 79 -6.75 -2.55 7.38
N SER A 80 -6.36 -3.80 7.55
CA SER A 80 -4.96 -4.13 7.74
C SER A 80 -4.64 -5.46 7.05
N MET A 81 -3.35 -5.77 6.98
CA MET A 81 -2.91 -6.99 6.35
C MET A 81 -1.45 -7.30 6.73
N GLU A 82 -1.10 -8.58 6.60
CA GLU A 82 0.25 -9.01 6.93
C GLU A 82 1.16 -8.82 5.71
N VAL A 83 2.37 -8.35 6.00
CA VAL A 83 3.35 -8.12 4.96
C VAL A 83 4.52 -9.08 5.12
N PRO A 84 4.43 -10.23 4.40
CA PRO A 84 5.46 -11.25 4.47
C PRO A 84 6.71 -10.81 3.69
N ASP A 85 7.58 -11.78 3.43
CA ASP A 85 8.81 -11.51 2.71
C ASP A 85 9.39 -10.17 3.17
N LEU A 86 9.97 -10.19 4.35
CA LEU A 86 10.57 -8.99 4.91
C LEU A 86 12.01 -9.28 5.31
N ASN A 87 12.82 -8.23 5.31
CA ASN A 87 14.23 -8.35 5.67
C ASN A 87 14.37 -8.22 7.18
N PRO A 88 14.79 -9.35 7.82
CA PRO A 88 14.98 -9.37 9.26
C PRO A 88 16.26 -8.62 9.65
N PHE A 89 16.25 -8.10 10.88
CA PHE A 89 17.39 -7.37 11.39
C PHE A 89 17.88 -6.34 10.37
N THR A 90 16.92 -5.68 9.75
CA THR A 90 17.23 -4.65 8.76
C THR A 90 16.17 -3.54 8.79
N CYS A 91 16.65 -2.32 8.66
CA CYS A 91 15.76 -1.17 8.66
C CYS A 91 15.04 -1.12 7.31
N TYR A 92 13.73 -0.95 7.40
CA TYR A 92 12.91 -0.88 6.20
C TYR A 92 11.66 -0.03 6.43
N SER A 93 11.04 0.38 5.33
CA SER A 93 9.85 1.19 5.40
C SER A 93 8.67 0.46 4.73
N PHE A 94 7.51 1.09 4.82
CA PHE A 94 6.31 0.51 4.24
C PHE A 94 5.26 1.59 3.96
N ARG A 95 4.66 1.51 2.79
CA ARG A 95 3.64 2.47 2.40
C ARG A 95 2.39 1.74 1.90
N MET A 96 1.42 2.53 1.45
CA MET A 96 0.17 1.97 0.95
C MET A 96 -0.22 2.62 -0.38
N ARG A 97 -1.08 1.93 -1.10
CA ARG A 97 -1.55 2.42 -2.38
C ARG A 97 -2.90 1.80 -2.74
N GLN A 98 -3.64 2.49 -3.60
CA GLN A 98 -4.94 2.02 -4.02
C GLN A 98 -4.99 1.89 -5.55
N VAL A 99 -5.47 0.73 -6.00
CA VAL A 99 -5.58 0.47 -7.42
C VAL A 99 -7.04 0.19 -7.77
N ASN A 100 -7.55 0.96 -8.71
CA ASN A 100 -8.92 0.80 -9.16
C ASN A 100 -8.97 0.79 -10.68
N ILE A 101 -10.19 0.67 -11.21
CA ILE A 101 -10.38 0.64 -12.65
C ILE A 101 -9.88 1.96 -13.25
N VAL A 102 -9.66 2.93 -12.36
CA VAL A 102 -9.18 4.23 -12.79
C VAL A 102 -7.67 4.18 -12.99
N GLY A 103 -6.95 4.08 -11.88
CA GLY A 103 -5.51 4.03 -11.91
C GLY A 103 -4.94 3.58 -10.57
N THR A 104 -3.75 4.07 -10.27
CA THR A 104 -3.09 3.72 -9.02
C THR A 104 -2.70 4.99 -8.26
N SER A 105 -3.38 5.20 -7.14
CA SER A 105 -3.12 6.37 -6.31
C SER A 105 -1.63 6.49 -6.03
N PRO A 106 -1.22 7.70 -5.59
CA PRO A 106 0.18 7.96 -5.28
C PRO A 106 0.58 7.31 -3.95
N PRO A 107 1.90 7.38 -3.65
CA PRO A 107 2.41 6.80 -2.41
C PRO A 107 2.04 7.68 -1.21
N SER A 108 1.64 7.00 -0.14
CA SER A 108 1.27 7.69 1.08
C SER A 108 2.46 7.78 2.03
N GLN A 109 2.39 8.73 2.94
CA GLN A 109 3.46 8.92 3.91
C GLN A 109 3.99 7.57 4.40
N PRO A 110 5.34 7.46 4.40
CA PRO A 110 5.99 6.24 4.83
C PRO A 110 5.95 6.10 6.36
N SER A 111 6.02 4.85 6.81
CA SER A 111 5.98 4.57 8.24
C SER A 111 7.33 4.89 8.86
N ARG A 112 7.33 4.99 10.19
CA ARG A 112 8.55 5.28 10.92
C ARG A 112 9.55 4.13 10.78
N LYS A 113 10.80 4.44 11.08
CA LYS A 113 11.86 3.44 10.99
C LYS A 113 11.60 2.34 12.03
N ILE A 114 11.37 1.14 11.53
CA ILE A 114 11.12 0.01 12.40
C ILE A 114 12.28 -0.98 12.31
N GLN A 115 12.17 -2.05 13.07
CA GLN A 115 13.21 -3.07 13.09
C GLN A 115 12.59 -4.46 13.11
N THR A 116 13.00 -5.28 12.16
CA THR A 116 12.50 -6.64 12.06
C THR A 116 13.30 -7.58 12.97
N LEU A 117 12.63 -8.60 13.44
CA LEU A 117 13.27 -9.58 14.32
C LEU A 117 14.23 -10.44 13.50
N GLN A 118 14.94 -11.31 14.20
CA GLN A 118 15.89 -12.20 13.55
C GLN A 118 15.19 -13.44 13.01
N SER A 119 15.64 -13.86 11.84
CA SER A 119 15.06 -15.04 11.20
C SER A 119 15.55 -16.30 11.89
N GLY A 120 16.85 -16.56 11.76
CA GLY A 120 17.45 -17.73 12.37
C GLY A 120 17.14 -18.99 11.56
N PRO A 121 17.81 -20.10 11.95
CA PRO A 121 17.61 -21.38 11.28
C PRO A 121 16.27 -22.00 11.66
N SER A 122 15.82 -22.92 10.82
CA SER A 122 14.56 -23.59 11.07
C SER A 122 14.75 -25.11 10.97
N SER A 123 14.94 -25.72 12.12
CA SER A 123 15.14 -27.17 12.19
C SER A 123 13.81 -27.88 11.99
N GLY A 124 13.75 -28.68 10.94
CA GLY A 124 12.54 -29.43 10.63
C GLY A 124 12.69 -30.19 9.31
N GLY A 1 -2.89 3.18 -36.26
CA GLY A 1 -4.33 3.43 -36.26
C GLY A 1 -4.64 4.85 -35.78
N SER A 2 -5.80 5.33 -36.18
CA SER A 2 -6.23 6.67 -35.79
C SER A 2 -7.14 6.60 -34.57
N SER A 3 -7.40 7.77 -33.99
CA SER A 3 -8.25 7.85 -32.82
C SER A 3 -9.04 9.15 -32.84
N GLY A 4 -10.14 9.15 -32.12
CA GLY A 4 -11.00 10.34 -32.05
C GLY A 4 -11.83 10.33 -30.76
N SER A 5 -13.14 10.35 -30.94
CA SER A 5 -14.05 10.35 -29.82
C SER A 5 -14.41 8.91 -29.43
N SER A 6 -15.04 8.78 -28.28
CA SER A 6 -15.44 7.47 -27.78
C SER A 6 -16.74 7.59 -26.98
N GLY A 7 -17.75 6.86 -27.44
CA GLY A 7 -19.03 6.87 -26.79
C GLY A 7 -19.17 5.70 -25.80
N THR A 8 -20.03 4.76 -26.16
CA THR A 8 -20.26 3.59 -25.33
C THR A 8 -20.25 3.98 -23.85
N ILE A 9 -21.44 4.34 -23.37
CA ILE A 9 -21.58 4.74 -21.99
C ILE A 9 -21.83 3.49 -21.13
N SER A 10 -20.92 3.27 -20.18
CA SER A 10 -21.02 2.14 -19.29
C SER A 10 -20.75 2.56 -17.85
N SER A 11 -21.54 2.02 -16.94
CA SER A 11 -21.40 2.34 -15.53
C SER A 11 -21.76 3.81 -15.28
N GLY A 12 -22.82 4.00 -14.52
CA GLY A 12 -23.28 5.34 -14.20
C GLY A 12 -22.11 6.25 -13.82
N VAL A 13 -21.80 7.17 -14.73
CA VAL A 13 -20.71 8.10 -14.50
C VAL A 13 -19.40 7.32 -14.35
N PRO A 14 -18.31 7.91 -14.89
CA PRO A 14 -16.99 7.29 -14.82
C PRO A 14 -16.40 7.40 -13.41
N PRO A 15 -15.61 6.36 -13.04
CA PRO A 15 -14.99 6.33 -11.72
C PRO A 15 -13.81 7.31 -11.65
N GLU A 16 -13.40 7.60 -10.44
CA GLU A 16 -12.29 8.52 -10.21
C GLU A 16 -11.18 7.82 -9.41
N LEU A 17 -10.07 8.54 -9.26
CA LEU A 17 -8.94 8.01 -8.51
C LEU A 17 -9.24 8.09 -7.01
N PRO A 18 -8.62 7.16 -6.25
CA PRO A 18 -8.81 7.12 -4.81
C PRO A 18 -8.02 8.24 -4.12
N GLY A 19 -7.82 8.07 -2.83
CA GLY A 19 -7.08 9.06 -2.05
C GLY A 19 -5.98 8.39 -1.23
N PRO A 20 -5.07 9.24 -0.69
CA PRO A 20 -3.96 8.75 0.12
C PRO A 20 -4.45 8.32 1.52
N PRO A 21 -4.22 7.03 1.84
CA PRO A 21 -4.63 6.49 3.12
C PRO A 21 -3.69 6.97 4.24
N THR A 22 -4.28 7.23 5.39
CA THR A 22 -3.52 7.68 6.54
C THR A 22 -3.64 6.69 7.70
N ASN A 23 -3.23 7.15 8.87
CA ASN A 23 -3.29 6.32 10.06
C ASN A 23 -2.34 5.13 9.89
N LEU A 24 -1.42 5.28 8.95
CA LEU A 24 -0.45 4.23 8.68
C LEU A 24 0.43 4.02 9.91
N GLY A 25 0.48 2.78 10.37
CA GLY A 25 1.28 2.44 11.53
C GLY A 25 1.81 1.01 11.44
N ILE A 26 2.95 0.79 12.06
CA ILE A 26 3.57 -0.52 12.05
C ILE A 26 3.45 -1.15 13.45
N SER A 27 2.66 -2.22 13.51
CA SER A 27 2.45 -2.92 14.76
C SER A 27 2.69 -4.41 14.58
N ASN A 28 2.69 -5.12 15.69
CA ASN A 28 2.91 -6.56 15.67
C ASN A 28 4.09 -6.87 14.74
N ILE A 29 5.15 -6.10 14.91
CA ILE A 29 6.34 -6.28 14.10
C ILE A 29 6.89 -7.70 14.31
N GLY A 30 6.88 -8.47 13.23
CA GLY A 30 7.37 -9.84 13.30
C GLY A 30 8.78 -9.94 12.72
N PRO A 31 9.22 -11.20 12.48
CA PRO A 31 10.54 -11.45 11.93
C PRO A 31 10.58 -11.11 10.44
N ARG A 32 9.87 -11.92 9.66
CA ARG A 32 9.81 -11.72 8.23
C ARG A 32 8.38 -11.37 7.79
N SER A 33 7.56 -11.05 8.78
CA SER A 33 6.18 -10.69 8.51
C SER A 33 5.65 -9.76 9.61
N VAL A 34 5.06 -8.67 9.18
CA VAL A 34 4.51 -7.70 10.11
C VAL A 34 3.08 -7.35 9.71
N THR A 35 2.45 -6.49 10.50
CA THR A 35 1.09 -6.07 10.23
C THR A 35 1.04 -4.56 9.99
N LEU A 36 0.75 -4.22 8.75
CA LEU A 36 0.66 -2.81 8.37
C LEU A 36 -0.79 -2.35 8.47
N GLN A 37 -1.02 -1.40 9.36
CA GLN A 37 -2.35 -0.87 9.56
C GLN A 37 -2.54 0.42 8.75
N PHE A 38 -3.78 0.63 8.34
CA PHE A 38 -4.10 1.82 7.55
C PHE A 38 -5.62 2.02 7.47
N ARG A 39 -6.01 2.96 6.62
CA ARG A 39 -7.42 3.26 6.44
C ARG A 39 -7.67 3.83 5.04
N PRO A 40 -8.70 3.26 4.36
CA PRO A 40 -9.05 3.71 3.02
C PRO A 40 -9.77 5.05 3.06
N GLY A 41 -9.05 6.10 2.69
CA GLY A 41 -9.61 7.44 2.68
C GLY A 41 -10.76 7.54 1.67
N TYR A 42 -10.41 7.97 0.47
CA TYR A 42 -11.40 8.11 -0.59
C TYR A 42 -11.25 7.01 -1.63
N ASP A 43 -12.17 6.06 -1.57
CA ASP A 43 -12.16 4.95 -2.51
C ASP A 43 -12.14 5.49 -3.94
N GLY A 44 -12.96 6.50 -4.16
CA GLY A 44 -13.04 7.12 -5.48
C GLY A 44 -14.35 6.74 -6.17
N LYS A 45 -15.38 6.54 -5.37
CA LYS A 45 -16.68 6.17 -5.90
C LYS A 45 -16.58 4.81 -6.59
N THR A 46 -15.63 4.01 -6.12
CA THR A 46 -15.43 2.69 -6.69
C THR A 46 -14.54 1.84 -5.77
N SER A 47 -15.04 0.66 -5.44
CA SER A 47 -14.31 -0.24 -4.57
C SER A 47 -12.85 -0.37 -5.05
N ILE A 48 -12.03 -0.93 -4.18
CA ILE A 48 -10.63 -1.12 -4.50
C ILE A 48 -10.46 -2.45 -5.25
N SER A 49 -9.52 -2.44 -6.19
CA SER A 49 -9.25 -3.63 -6.98
C SER A 49 -8.09 -4.42 -6.36
N ARG A 50 -7.08 -3.68 -5.91
CA ARG A 50 -5.92 -4.29 -5.30
C ARG A 50 -5.11 -3.25 -4.53
N TRP A 51 -4.55 -3.68 -3.41
CA TRP A 51 -3.76 -2.80 -2.58
C TRP A 51 -2.27 -3.06 -2.90
N LEU A 52 -1.52 -1.98 -2.95
CA LEU A 52 -0.10 -2.08 -3.24
C LEU A 52 0.70 -1.70 -1.98
N VAL A 53 1.64 -2.56 -1.64
CA VAL A 53 2.47 -2.33 -0.47
C VAL A 53 3.94 -2.28 -0.90
N GLU A 54 4.48 -1.07 -0.93
CA GLU A 54 5.87 -0.88 -1.32
C GLU A 54 6.75 -0.67 -0.08
N ALA A 55 8.04 -0.87 -0.27
CA ALA A 55 8.99 -0.70 0.81
C ALA A 55 10.40 -0.58 0.25
N GLN A 56 11.30 -0.10 1.08
CA GLN A 56 12.69 0.06 0.67
C GLN A 56 13.61 -0.75 1.58
N VAL A 57 14.82 -0.98 1.09
CA VAL A 57 15.80 -1.75 1.84
C VAL A 57 16.76 -0.77 2.55
N GLY A 58 16.97 -1.02 3.82
CA GLY A 58 17.85 -0.18 4.62
C GLY A 58 17.71 1.29 4.22
N VAL A 59 18.59 1.72 3.34
CA VAL A 59 18.58 3.10 2.88
C VAL A 59 17.13 3.52 2.60
N VAL A 60 16.70 4.52 3.35
CA VAL A 60 15.34 5.03 3.20
C VAL A 60 15.40 6.50 2.78
N GLY A 61 15.61 6.71 1.49
CA GLY A 61 15.69 8.06 0.95
C GLY A 61 15.20 8.10 -0.49
N GLU A 62 14.80 9.29 -0.93
CA GLU A 62 14.31 9.48 -2.27
C GLU A 62 15.37 9.05 -3.29
N GLY A 63 16.62 9.28 -2.93
CA GLY A 63 17.73 8.92 -3.79
C GLY A 63 17.50 7.56 -4.43
N GLU A 64 16.89 6.67 -3.65
CA GLU A 64 16.62 5.33 -4.12
C GLU A 64 15.16 5.20 -4.58
N GLU A 65 14.87 4.09 -5.24
CA GLU A 65 13.52 3.85 -5.73
C GLU A 65 12.75 2.99 -4.73
N TRP A 66 11.45 2.89 -4.98
CA TRP A 66 10.58 2.10 -4.12
C TRP A 66 9.99 0.96 -4.96
N LEU A 67 10.24 -0.25 -4.52
CA LEU A 67 9.74 -1.43 -5.21
C LEU A 67 8.63 -2.07 -4.39
N LEU A 68 7.72 -2.74 -5.08
CA LEU A 68 6.62 -3.41 -4.42
C LEU A 68 7.12 -4.70 -3.78
N ILE A 69 6.45 -5.10 -2.71
CA ILE A 69 6.82 -6.31 -1.99
C ILE A 69 5.55 -7.12 -1.69
N HIS A 70 4.56 -6.43 -1.15
CA HIS A 70 3.30 -7.07 -0.82
C HIS A 70 2.15 -6.37 -1.53
N GLN A 71 1.07 -7.12 -1.75
CA GLN A 71 -0.09 -6.56 -2.42
C GLN A 71 -1.31 -7.46 -2.17
N LEU A 72 -2.36 -6.83 -1.66
CA LEU A 72 -3.59 -7.54 -1.36
C LEU A 72 -4.62 -7.24 -2.46
N SER A 73 -5.22 -8.29 -2.97
CA SER A 73 -6.22 -8.16 -4.01
C SER A 73 -7.33 -7.22 -3.54
N ASN A 74 -8.43 -7.24 -4.29
CA ASN A 74 -9.57 -6.40 -3.96
C ASN A 74 -9.68 -6.26 -2.44
N GLU A 75 -10.37 -7.22 -1.84
CA GLU A 75 -10.55 -7.22 -0.40
C GLU A 75 -10.75 -5.78 0.11
N PRO A 76 -11.93 -5.20 -0.25
CA PRO A 76 -12.25 -3.85 0.17
C PRO A 76 -12.65 -3.79 1.63
N ASP A 77 -12.65 -4.98 2.25
CA ASP A 77 -13.01 -5.08 3.65
C ASP A 77 -11.77 -5.45 4.46
N ALA A 78 -10.63 -4.95 4.01
CA ALA A 78 -9.36 -5.22 4.67
C ALA A 78 -8.71 -3.89 5.08
N ARG A 79 -8.73 -3.64 6.38
CA ARG A 79 -8.15 -2.41 6.91
C ARG A 79 -6.65 -2.61 7.16
N SER A 80 -6.27 -3.86 7.38
CA SER A 80 -4.89 -4.19 7.64
C SER A 80 -4.54 -5.53 6.99
N MET A 81 -3.25 -5.74 6.79
CA MET A 81 -2.78 -6.97 6.18
C MET A 81 -1.33 -7.27 6.59
N GLU A 82 -0.96 -8.53 6.49
CA GLU A 82 0.38 -8.96 6.85
C GLU A 82 1.32 -8.79 5.65
N VAL A 83 2.52 -8.30 5.93
CA VAL A 83 3.51 -8.09 4.90
C VAL A 83 4.69 -9.03 5.13
N PRO A 84 4.62 -10.21 4.46
CA PRO A 84 5.68 -11.20 4.58
C PRO A 84 6.92 -10.79 3.79
N ASP A 85 7.81 -11.75 3.60
CA ASP A 85 9.04 -11.50 2.87
C ASP A 85 9.64 -10.17 3.34
N LEU A 86 10.08 -10.17 4.58
CA LEU A 86 10.67 -8.97 5.16
C LEU A 86 12.09 -9.30 5.64
N ASN A 87 12.92 -8.27 5.67
CA ASN A 87 14.30 -8.43 6.11
C ASN A 87 14.36 -8.32 7.63
N PRO A 88 14.76 -9.44 8.28
CA PRO A 88 14.87 -9.48 9.72
C PRO A 88 16.12 -8.73 10.20
N PHE A 89 15.96 -8.05 11.32
CA PHE A 89 17.07 -7.29 11.89
C PHE A 89 17.61 -6.27 10.88
N THR A 90 16.69 -5.62 10.20
CA THR A 90 17.06 -4.62 9.21
C THR A 90 16.01 -3.51 9.15
N CYS A 91 16.51 -2.28 8.98
CA CYS A 91 15.62 -1.13 8.91
C CYS A 91 14.95 -1.14 7.54
N TYR A 92 13.62 -1.03 7.57
CA TYR A 92 12.84 -1.02 6.35
C TYR A 92 11.61 -0.13 6.49
N SER A 93 11.19 0.44 5.37
CA SER A 93 10.03 1.32 5.37
C SER A 93 8.95 0.74 4.44
N PHE A 94 7.71 1.04 4.79
CA PHE A 94 6.58 0.56 4.02
C PHE A 94 5.57 1.68 3.76
N ARG A 95 4.78 1.50 2.72
CA ARG A 95 3.77 2.48 2.36
C ARG A 95 2.48 1.79 1.91
N MET A 96 1.59 2.58 1.33
CA MET A 96 0.32 2.05 0.86
C MET A 96 -0.04 2.62 -0.51
N ARG A 97 -0.92 1.92 -1.20
CA ARG A 97 -1.36 2.35 -2.52
C ARG A 97 -2.70 1.70 -2.87
N GLN A 98 -3.53 2.46 -3.57
CA GLN A 98 -4.84 1.98 -3.97
C GLN A 98 -4.91 1.87 -5.49
N VAL A 99 -5.67 0.88 -5.94
CA VAL A 99 -5.83 0.65 -7.36
C VAL A 99 -7.30 0.37 -7.66
N ASN A 100 -7.83 1.08 -8.65
CA ASN A 100 -9.21 0.91 -9.05
C ASN A 100 -9.31 0.84 -10.58
N ILE A 101 -10.53 0.70 -11.06
CA ILE A 101 -10.77 0.63 -12.49
C ILE A 101 -10.24 1.90 -13.16
N VAL A 102 -9.98 2.90 -12.33
CA VAL A 102 -9.47 4.17 -12.83
C VAL A 102 -7.95 4.05 -13.04
N GLY A 103 -7.22 4.23 -11.95
CA GLY A 103 -5.77 4.16 -12.00
C GLY A 103 -5.19 3.71 -10.65
N THR A 104 -3.92 4.02 -10.45
CA THR A 104 -3.24 3.65 -9.22
C THR A 104 -2.78 4.90 -8.47
N SER A 105 -3.54 5.27 -7.46
CA SER A 105 -3.22 6.44 -6.66
C SER A 105 -1.71 6.47 -6.36
N PRO A 106 -1.24 7.67 -5.94
CA PRO A 106 0.16 7.86 -5.63
C PRO A 106 0.52 7.20 -4.30
N PRO A 107 1.84 7.20 -3.98
CA PRO A 107 2.33 6.61 -2.74
C PRO A 107 2.01 7.51 -1.55
N SER A 108 1.67 6.86 -0.44
CA SER A 108 1.34 7.59 0.78
C SER A 108 2.58 7.72 1.66
N GLN A 109 2.46 8.54 2.70
CA GLN A 109 3.55 8.75 3.62
C GLN A 109 4.04 7.41 4.19
N PRO A 110 5.39 7.25 4.21
CA PRO A 110 5.99 6.03 4.72
C PRO A 110 5.93 6.00 6.25
N SER A 111 5.92 4.78 6.78
CA SER A 111 5.86 4.59 8.22
C SER A 111 7.25 4.78 8.83
N ARG A 112 7.27 5.08 10.11
CA ARG A 112 8.53 5.29 10.81
C ARG A 112 9.43 4.07 10.67
N LYS A 113 10.72 4.30 10.81
CA LYS A 113 11.70 3.22 10.70
C LYS A 113 11.53 2.26 11.87
N ILE A 114 11.25 1.01 11.54
CA ILE A 114 11.06 0.00 12.56
C ILE A 114 12.20 -1.03 12.46
N GLN A 115 12.22 -1.93 13.41
CA GLN A 115 13.24 -2.97 13.45
C GLN A 115 12.59 -4.36 13.57
N THR A 116 12.66 -5.10 12.47
CA THR A 116 12.08 -6.43 12.43
C THR A 116 12.83 -7.36 13.39
N LEU A 117 12.20 -8.48 13.70
CA LEU A 117 12.79 -9.45 14.60
C LEU A 117 13.93 -10.18 13.87
N GLN A 118 14.61 -11.03 14.62
CA GLN A 118 15.72 -11.80 14.07
C GLN A 118 15.22 -13.11 13.49
N SER A 119 15.96 -13.62 12.53
CA SER A 119 15.60 -14.88 11.88
C SER A 119 16.68 -15.93 12.14
N GLY A 120 16.42 -16.79 13.11
CA GLY A 120 17.35 -17.83 13.47
C GLY A 120 16.65 -18.96 14.25
N PRO A 121 17.42 -20.05 14.50
CA PRO A 121 16.89 -21.18 15.24
C PRO A 121 16.78 -20.87 16.73
N SER A 122 15.80 -21.51 17.36
CA SER A 122 15.58 -21.30 18.79
C SER A 122 15.00 -19.92 19.03
N SER A 123 13.85 -19.90 19.70
CA SER A 123 13.18 -18.64 20.00
C SER A 123 12.51 -18.74 21.38
N GLY A 124 12.98 -17.88 22.28
CA GLY A 124 12.43 -17.85 23.63
C GLY A 124 13.41 -18.49 24.62
N GLY A 1 -29.43 18.86 -30.38
CA GLY A 1 -29.97 17.65 -29.77
C GLY A 1 -31.50 17.72 -29.73
N SER A 2 -32.10 17.66 -30.91
CA SER A 2 -33.54 17.71 -31.02
C SER A 2 -34.06 19.09 -30.63
N SER A 3 -33.86 19.43 -29.36
CA SER A 3 -34.29 20.72 -28.86
C SER A 3 -33.09 21.50 -28.33
N GLY A 4 -33.31 22.80 -28.13
CA GLY A 4 -32.26 23.66 -27.62
C GLY A 4 -31.63 23.07 -26.35
N SER A 5 -30.33 22.84 -26.43
CA SER A 5 -29.60 22.28 -25.32
C SER A 5 -28.11 22.64 -25.42
N SER A 6 -27.61 23.26 -24.36
CA SER A 6 -26.21 23.67 -24.33
C SER A 6 -25.43 22.76 -23.38
N GLY A 7 -24.74 21.80 -23.97
CA GLY A 7 -23.95 20.86 -23.19
C GLY A 7 -24.39 19.42 -23.46
N THR A 8 -23.80 18.51 -22.70
CA THR A 8 -24.13 17.09 -22.83
C THR A 8 -23.92 16.37 -21.50
N ILE A 9 -24.74 15.36 -21.28
CA ILE A 9 -24.64 14.58 -20.06
C ILE A 9 -24.24 13.15 -20.40
N SER A 10 -25.12 12.46 -21.12
CA SER A 10 -24.87 11.10 -21.52
C SER A 10 -24.71 10.20 -20.29
N SER A 11 -25.72 9.39 -20.04
CA SER A 11 -25.72 8.50 -18.90
C SER A 11 -24.38 7.75 -18.84
N GLY A 12 -23.89 7.57 -17.62
CA GLY A 12 -22.63 6.88 -17.41
C GLY A 12 -21.57 7.83 -16.86
N VAL A 13 -21.20 7.61 -15.61
CA VAL A 13 -20.19 8.43 -14.96
C VAL A 13 -18.92 7.61 -14.75
N PRO A 14 -17.79 8.15 -15.26
CA PRO A 14 -16.50 7.49 -15.13
C PRO A 14 -15.96 7.60 -13.71
N PRO A 15 -15.22 6.55 -13.29
CA PRO A 15 -14.64 6.52 -11.96
C PRO A 15 -13.44 7.46 -11.86
N GLU A 16 -12.96 7.64 -10.64
CA GLU A 16 -11.81 8.50 -10.40
C GLU A 16 -10.73 7.75 -9.62
N LEU A 17 -9.61 8.44 -9.40
CA LEU A 17 -8.50 7.85 -8.67
C LEU A 17 -8.83 7.87 -7.18
N PRO A 18 -8.21 6.89 -6.44
CA PRO A 18 -8.43 6.79 -5.02
C PRO A 18 -7.66 7.88 -4.27
N GLY A 19 -7.66 7.75 -2.95
CA GLY A 19 -6.98 8.72 -2.10
C GLY A 19 -5.94 8.03 -1.21
N PRO A 20 -5.02 8.86 -0.66
CA PRO A 20 -3.98 8.35 0.22
C PRO A 20 -4.54 8.00 1.60
N PRO A 21 -4.25 6.74 2.04
CA PRO A 21 -4.72 6.27 3.33
C PRO A 21 -3.91 6.89 4.46
N THR A 22 -4.60 7.12 5.58
CA THR A 22 -3.95 7.70 6.74
C THR A 22 -3.92 6.69 7.89
N ASN A 23 -3.43 7.17 9.03
CA ASN A 23 -3.33 6.32 10.21
C ASN A 23 -2.41 5.14 9.91
N LEU A 24 -1.38 5.41 9.12
CA LEU A 24 -0.42 4.39 8.75
C LEU A 24 0.45 4.06 9.96
N GLY A 25 0.60 2.76 10.20
CA GLY A 25 1.40 2.29 11.32
C GLY A 25 1.57 0.77 11.27
N ILE A 26 2.78 0.34 11.60
CA ILE A 26 3.09 -1.08 11.60
C ILE A 26 3.25 -1.57 13.03
N SER A 27 2.55 -2.65 13.34
CA SER A 27 2.61 -3.23 14.68
C SER A 27 2.90 -4.72 14.60
N ASN A 28 3.15 -5.31 15.76
CA ASN A 28 3.44 -6.73 15.83
C ASN A 28 4.51 -7.08 14.78
N ILE A 29 5.50 -6.21 14.69
CA ILE A 29 6.58 -6.42 13.74
C ILE A 29 7.23 -7.79 13.99
N GLY A 30 7.05 -8.68 13.03
CA GLY A 30 7.61 -10.01 13.14
C GLY A 30 9.02 -10.07 12.56
N PRO A 31 9.51 -11.32 12.35
CA PRO A 31 10.85 -11.52 11.82
C PRO A 31 10.88 -11.23 10.32
N ARG A 32 9.95 -11.83 9.60
CA ARG A 32 9.87 -11.65 8.17
C ARG A 32 8.43 -11.28 7.76
N SER A 33 7.65 -10.91 8.75
CA SER A 33 6.27 -10.53 8.52
C SER A 33 5.81 -9.51 9.56
N VAL A 34 5.08 -8.52 9.10
CA VAL A 34 4.58 -7.48 9.98
C VAL A 34 3.13 -7.13 9.60
N THR A 35 2.51 -6.33 10.43
CA THR A 35 1.14 -5.91 10.20
C THR A 35 1.08 -4.42 9.85
N LEU A 36 0.74 -4.16 8.60
CA LEU A 36 0.64 -2.78 8.13
C LEU A 36 -0.82 -2.33 8.20
N GLN A 37 -1.06 -1.37 9.08
CA GLN A 37 -2.40 -0.83 9.27
C GLN A 37 -2.57 0.46 8.47
N PHE A 38 -3.82 0.76 8.15
CA PHE A 38 -4.13 1.97 7.39
C PHE A 38 -5.64 2.18 7.30
N ARG A 39 -6.02 3.21 6.56
CA ARG A 39 -7.42 3.54 6.37
C ARG A 39 -7.65 4.12 4.99
N PRO A 40 -8.66 3.54 4.28
CA PRO A 40 -9.01 4.00 2.94
C PRO A 40 -9.75 5.34 2.99
N GLY A 41 -9.02 6.39 2.67
CA GLY A 41 -9.60 7.73 2.67
C GLY A 41 -10.73 7.84 1.64
N TYR A 42 -10.32 7.82 0.38
CA TYR A 42 -11.29 7.92 -0.71
C TYR A 42 -11.00 6.88 -1.79
N ASP A 43 -11.91 5.92 -1.91
CA ASP A 43 -11.76 4.87 -2.91
C ASP A 43 -11.88 5.47 -4.31
N GLY A 44 -12.88 6.34 -4.46
CA GLY A 44 -13.10 6.98 -5.74
C GLY A 44 -14.45 6.56 -6.33
N LYS A 45 -15.32 6.07 -5.46
CA LYS A 45 -16.64 5.63 -5.87
C LYS A 45 -16.50 4.40 -6.78
N THR A 46 -15.40 3.68 -6.56
CA THR A 46 -15.14 2.48 -7.34
C THR A 46 -14.32 1.48 -6.52
N SER A 47 -14.43 1.61 -5.20
CA SER A 47 -13.70 0.74 -4.30
C SER A 47 -12.27 0.55 -4.81
N ILE A 48 -11.60 -0.45 -4.23
CA ILE A 48 -10.23 -0.75 -4.61
C ILE A 48 -10.18 -2.12 -5.30
N SER A 49 -9.25 -2.24 -6.23
CA SER A 49 -9.09 -3.46 -6.98
C SER A 49 -7.91 -4.27 -6.42
N ARG A 50 -7.01 -3.55 -5.78
CA ARG A 50 -5.84 -4.17 -5.19
C ARG A 50 -5.07 -3.17 -4.32
N TRP A 51 -4.51 -3.68 -3.24
CA TRP A 51 -3.76 -2.85 -2.32
C TRP A 51 -2.27 -3.17 -2.50
N LEU A 52 -1.52 -2.15 -2.89
CA LEU A 52 -0.10 -2.30 -3.09
C LEU A 52 0.66 -1.81 -1.85
N VAL A 53 1.74 -2.51 -1.54
CA VAL A 53 2.55 -2.17 -0.39
C VAL A 53 4.03 -2.17 -0.80
N GLU A 54 4.60 -0.96 -0.84
CA GLU A 54 5.99 -0.82 -1.21
C GLU A 54 6.85 -0.59 0.04
N ALA A 55 8.15 -0.71 -0.14
CA ALA A 55 9.09 -0.52 0.96
C ALA A 55 10.48 -0.24 0.39
N GLN A 56 11.34 0.28 1.26
CA GLN A 56 12.70 0.60 0.87
C GLN A 56 13.70 -0.22 1.68
N VAL A 57 14.81 -0.54 1.05
CA VAL A 57 15.86 -1.31 1.71
C VAL A 57 16.78 -0.37 2.47
N GLY A 58 17.07 -0.74 3.71
CA GLY A 58 17.93 0.07 4.55
C GLY A 58 17.73 1.57 4.29
N VAL A 59 18.61 2.12 3.48
CA VAL A 59 18.53 3.54 3.14
C VAL A 59 17.08 3.90 2.83
N VAL A 60 16.54 4.81 3.63
CA VAL A 60 15.18 5.26 3.45
C VAL A 60 15.16 6.77 3.18
N GLY A 61 15.12 7.12 1.91
CA GLY A 61 15.10 8.51 1.52
C GLY A 61 15.04 8.65 -0.01
N GLU A 62 14.86 9.89 -0.45
CA GLU A 62 14.77 10.18 -1.87
C GLU A 62 15.98 9.57 -2.60
N GLY A 63 15.94 9.67 -3.92
CA GLY A 63 17.02 9.15 -4.74
C GLY A 63 16.81 7.66 -5.03
N GLU A 64 16.48 6.92 -3.98
CA GLU A 64 16.25 5.49 -4.11
C GLU A 64 14.83 5.23 -4.64
N GLU A 65 14.67 4.07 -5.25
CA GLU A 65 13.38 3.68 -5.80
C GLU A 65 12.57 2.90 -4.76
N TRP A 66 11.27 2.82 -5.01
CA TRP A 66 10.38 2.10 -4.11
C TRP A 66 9.77 0.94 -4.87
N LEU A 67 10.10 -0.26 -4.42
CA LEU A 67 9.59 -1.47 -5.04
C LEU A 67 8.49 -2.07 -4.17
N LEU A 68 7.63 -2.84 -4.81
CA LEU A 68 6.53 -3.48 -4.11
C LEU A 68 7.07 -4.64 -3.28
N ILE A 69 6.29 -5.00 -2.26
CA ILE A 69 6.68 -6.09 -1.37
C ILE A 69 5.45 -6.96 -1.08
N HIS A 70 4.36 -6.29 -0.76
CA HIS A 70 3.12 -6.98 -0.45
C HIS A 70 1.96 -6.34 -1.23
N GLN A 71 1.16 -7.19 -1.83
CA GLN A 71 0.02 -6.72 -2.60
C GLN A 71 -1.21 -7.57 -2.31
N LEU A 72 -2.29 -6.89 -1.93
CA LEU A 72 -3.53 -7.56 -1.61
C LEU A 72 -4.55 -7.32 -2.73
N SER A 73 -5.18 -8.39 -3.17
CA SER A 73 -6.17 -8.31 -4.23
C SER A 73 -7.26 -7.31 -3.84
N ASN A 74 -8.35 -7.35 -4.59
CA ASN A 74 -9.47 -6.46 -4.34
C ASN A 74 -9.60 -6.24 -2.83
N GLU A 75 -10.28 -7.17 -2.18
CA GLU A 75 -10.48 -7.08 -0.74
C GLU A 75 -10.69 -5.63 -0.32
N PRO A 76 -11.86 -5.07 -0.75
CA PRO A 76 -12.18 -3.69 -0.43
C PRO A 76 -12.64 -3.57 1.03
N ASP A 77 -12.64 -4.70 1.71
CA ASP A 77 -13.03 -4.73 3.11
C ASP A 77 -11.85 -5.15 3.97
N ALA A 78 -10.72 -4.51 3.72
CA ALA A 78 -9.50 -4.80 4.45
C ALA A 78 -8.83 -3.49 4.87
N ARG A 79 -8.68 -3.33 6.18
CA ARG A 79 -8.06 -2.13 6.72
C ARG A 79 -6.59 -2.40 7.03
N SER A 80 -6.30 -3.66 7.32
CA SER A 80 -4.93 -4.05 7.64
C SER A 80 -4.64 -5.44 7.07
N MET A 81 -3.36 -5.75 6.98
CA MET A 81 -2.94 -7.04 6.45
C MET A 81 -1.47 -7.33 6.81
N GLU A 82 -1.12 -8.61 6.76
CA GLU A 82 0.24 -9.02 7.08
C GLU A 82 1.13 -8.87 5.85
N VAL A 83 2.34 -8.38 6.09
CA VAL A 83 3.29 -8.19 5.02
C VAL A 83 4.48 -9.13 5.23
N PRO A 84 4.39 -10.31 4.56
CA PRO A 84 5.46 -11.30 4.65
C PRO A 84 6.67 -10.89 3.83
N ASP A 85 7.55 -11.86 3.60
CA ASP A 85 8.76 -11.61 2.84
C ASP A 85 9.37 -10.28 3.28
N LEU A 86 9.94 -10.29 4.48
CA LEU A 86 10.55 -9.09 5.02
C LEU A 86 12.00 -9.41 5.44
N ASN A 87 12.82 -8.37 5.41
CA ASN A 87 14.22 -8.53 5.78
C ASN A 87 14.37 -8.32 7.29
N PRO A 88 14.75 -9.43 7.98
CA PRO A 88 14.92 -9.38 9.43
C PRO A 88 16.23 -8.67 9.79
N PHE A 89 16.20 -7.99 10.94
CA PHE A 89 17.36 -7.27 11.40
C PHE A 89 17.85 -6.27 10.35
N THR A 90 16.89 -5.64 9.71
CA THR A 90 17.19 -4.66 8.68
C THR A 90 16.18 -3.52 8.71
N CYS A 91 16.70 -2.30 8.56
CA CYS A 91 15.85 -1.12 8.57
C CYS A 91 15.09 -1.06 7.24
N TYR A 92 13.77 -1.03 7.35
CA TYR A 92 12.92 -0.97 6.17
C TYR A 92 11.69 -0.10 6.44
N SER A 93 11.09 0.35 5.34
CA SER A 93 9.91 1.19 5.44
C SER A 93 8.73 0.50 4.73
N PHE A 94 7.58 1.17 4.80
CA PHE A 94 6.38 0.63 4.18
C PHE A 94 5.37 1.75 3.89
N ARG A 95 4.75 1.66 2.72
CA ARG A 95 3.78 2.65 2.32
C ARG A 95 2.48 1.98 1.89
N MET A 96 1.60 2.77 1.28
CA MET A 96 0.32 2.25 0.82
C MET A 96 0.01 2.73 -0.59
N ARG A 97 -0.95 2.07 -1.22
CA ARG A 97 -1.35 2.41 -2.57
C ARG A 97 -2.65 1.70 -2.94
N GLN A 98 -3.53 2.44 -3.59
CA GLN A 98 -4.81 1.89 -4.01
C GLN A 98 -4.89 1.83 -5.54
N VAL A 99 -5.37 0.70 -6.04
CA VAL A 99 -5.50 0.50 -7.46
C VAL A 99 -6.96 0.22 -7.80
N ASN A 100 -7.47 0.98 -8.77
CA ASN A 100 -8.85 0.82 -9.19
C ASN A 100 -8.91 0.82 -10.72
N ILE A 101 -10.13 0.69 -11.24
CA ILE A 101 -10.34 0.68 -12.67
C ILE A 101 -9.78 1.97 -13.28
N VAL A 102 -9.56 2.95 -12.41
CA VAL A 102 -9.04 4.24 -12.83
C VAL A 102 -7.52 4.13 -12.98
N GLY A 103 -6.84 4.11 -11.84
CA GLY A 103 -5.39 4.01 -11.83
C GLY A 103 -4.87 3.69 -10.43
N THR A 104 -3.68 4.20 -10.14
CA THR A 104 -3.06 3.97 -8.85
C THR A 104 -2.68 5.30 -8.21
N SER A 105 -3.20 5.52 -7.01
CA SER A 105 -2.90 6.74 -6.28
C SER A 105 -1.42 6.83 -5.97
N PRO A 106 -1.00 8.02 -5.47
CA PRO A 106 0.40 8.25 -5.13
C PRO A 106 0.76 7.54 -3.82
N PRO A 107 2.08 7.58 -3.50
CA PRO A 107 2.58 6.95 -2.28
C PRO A 107 2.20 7.77 -1.05
N SER A 108 1.80 7.06 -0.01
CA SER A 108 1.42 7.72 1.23
C SER A 108 2.61 7.76 2.19
N GLN A 109 2.56 8.72 3.10
CA GLN A 109 3.63 8.88 4.07
C GLN A 109 4.14 7.51 4.54
N PRO A 110 5.49 7.38 4.55
CA PRO A 110 6.12 6.14 4.96
C PRO A 110 6.06 5.97 6.48
N SER A 111 6.14 4.73 6.91
CA SER A 111 6.09 4.42 8.34
C SER A 111 7.43 4.78 8.99
N ARG A 112 7.41 4.82 10.31
CA ARG A 112 8.61 5.15 11.07
C ARG A 112 9.65 4.03 10.92
N LYS A 113 10.89 4.39 11.21
CA LYS A 113 11.98 3.44 11.12
C LYS A 113 11.77 2.32 12.14
N ILE A 114 11.49 1.13 11.63
CA ILE A 114 11.26 -0.02 12.48
C ILE A 114 12.45 -0.98 12.36
N GLN A 115 12.37 -2.06 13.12
CA GLN A 115 13.43 -3.06 13.12
C GLN A 115 12.84 -4.46 13.18
N THR A 116 12.96 -5.17 12.06
CA THR A 116 12.45 -6.53 11.98
C THR A 116 13.21 -7.44 12.94
N LEU A 117 12.53 -8.50 13.36
CA LEU A 117 13.12 -9.46 14.28
C LEU A 117 14.16 -10.30 13.53
N GLN A 118 14.81 -11.18 14.26
CA GLN A 118 15.82 -12.04 13.68
C GLN A 118 15.17 -13.30 13.10
N SER A 119 15.86 -13.89 12.14
CA SER A 119 15.37 -15.09 11.49
C SER A 119 16.09 -16.33 12.04
N GLY A 120 17.40 -16.37 11.80
CA GLY A 120 18.21 -17.48 12.26
C GLY A 120 18.01 -17.71 13.76
N PRO A 121 18.32 -18.97 14.19
CA PRO A 121 18.18 -19.33 15.58
C PRO A 121 19.31 -18.73 16.43
N SER A 122 19.01 -17.60 17.04
CA SER A 122 19.99 -16.92 17.88
C SER A 122 19.28 -16.01 18.88
N SER A 123 19.81 -16.01 20.09
CA SER A 123 19.24 -15.19 21.15
C SER A 123 19.86 -13.78 21.12
N GLY A 124 19.04 -12.81 21.49
CA GLY A 124 19.49 -11.42 21.50
C GLY A 124 19.37 -10.80 20.12
N GLY A 1 -40.71 8.13 -43.05
CA GLY A 1 -40.27 7.94 -41.68
C GLY A 1 -38.75 7.75 -41.61
N SER A 2 -38.10 8.67 -40.93
CA SER A 2 -36.65 8.61 -40.78
C SER A 2 -36.21 9.46 -39.59
N SER A 3 -35.46 8.85 -38.70
CA SER A 3 -34.97 9.54 -37.52
C SER A 3 -33.46 9.82 -37.66
N GLY A 4 -33.04 10.90 -37.03
CA GLY A 4 -31.64 11.28 -37.08
C GLY A 4 -31.01 11.24 -35.68
N SER A 5 -29.75 10.81 -35.65
CA SER A 5 -29.02 10.72 -34.39
C SER A 5 -27.90 11.75 -34.37
N SER A 6 -27.53 12.14 -33.15
CA SER A 6 -26.47 13.12 -32.97
C SER A 6 -25.38 12.55 -32.06
N GLY A 7 -24.39 11.95 -32.69
CA GLY A 7 -23.29 11.35 -31.96
C GLY A 7 -23.78 10.26 -31.01
N THR A 8 -22.88 9.33 -30.71
CA THR A 8 -23.21 8.23 -29.81
C THR A 8 -23.07 8.67 -28.36
N ILE A 9 -24.18 8.56 -27.64
CA ILE A 9 -24.20 8.93 -26.23
C ILE A 9 -24.35 7.68 -25.37
N SER A 10 -23.57 7.62 -24.31
CA SER A 10 -23.62 6.49 -23.40
C SER A 10 -23.82 6.98 -21.96
N SER A 11 -24.85 6.45 -21.33
CA SER A 11 -25.17 6.81 -19.97
C SER A 11 -24.14 6.20 -19.01
N GLY A 12 -23.94 6.88 -17.89
CA GLY A 12 -23.00 6.43 -16.90
C GLY A 12 -21.87 7.44 -16.69
N VAL A 13 -21.13 7.25 -15.61
CA VAL A 13 -20.02 8.14 -15.30
C VAL A 13 -18.76 7.31 -15.02
N PRO A 14 -17.61 7.83 -15.54
CA PRO A 14 -16.34 7.15 -15.36
C PRO A 14 -15.83 7.32 -13.92
N PRO A 15 -15.11 6.27 -13.44
CA PRO A 15 -14.55 6.29 -12.10
C PRO A 15 -13.34 7.20 -12.02
N GLU A 16 -12.96 7.53 -10.80
CA GLU A 16 -11.81 8.39 -10.58
C GLU A 16 -10.73 7.65 -9.78
N LEU A 17 -9.60 8.32 -9.60
CA LEU A 17 -8.49 7.74 -8.86
C LEU A 17 -8.79 7.81 -7.36
N PRO A 18 -8.18 6.85 -6.62
CA PRO A 18 -8.38 6.79 -5.18
C PRO A 18 -7.61 7.90 -4.46
N GLY A 19 -7.58 7.82 -3.14
CA GLY A 19 -6.87 8.80 -2.34
C GLY A 19 -5.84 8.13 -1.43
N PRO A 20 -4.90 8.96 -0.93
CA PRO A 20 -3.86 8.46 -0.05
C PRO A 20 -4.41 8.17 1.35
N PRO A 21 -4.28 6.89 1.76
CA PRO A 21 -4.75 6.46 3.07
C PRO A 21 -3.82 6.94 4.17
N THR A 22 -4.41 7.24 5.33
CA THR A 22 -3.64 7.71 6.47
C THR A 22 -3.76 6.72 7.63
N ASN A 23 -3.35 7.18 8.79
CA ASN A 23 -3.40 6.35 10.00
C ASN A 23 -2.49 5.14 9.81
N LEU A 24 -1.43 5.34 9.04
CA LEU A 24 -0.48 4.28 8.76
C LEU A 24 0.38 4.04 10.02
N GLY A 25 0.58 2.77 10.32
CA GLY A 25 1.37 2.39 11.48
C GLY A 25 1.86 0.95 11.36
N ILE A 26 3.08 0.74 11.83
CA ILE A 26 3.68 -0.59 11.78
C ILE A 26 3.64 -1.21 13.18
N SER A 27 2.80 -2.21 13.33
CA SER A 27 2.65 -2.89 14.60
C SER A 27 2.82 -4.40 14.40
N ASN A 28 2.95 -5.10 15.52
CA ASN A 28 3.11 -6.54 15.49
C ASN A 28 4.24 -6.90 14.51
N ILE A 29 5.36 -6.23 14.68
CA ILE A 29 6.51 -6.47 13.82
C ILE A 29 7.14 -7.81 14.19
N GLY A 30 6.99 -8.76 13.27
CA GLY A 30 7.54 -10.10 13.49
C GLY A 30 8.94 -10.21 12.87
N PRO A 31 9.30 -11.48 12.52
CA PRO A 31 10.61 -11.73 11.93
C PRO A 31 10.64 -11.29 10.46
N ARG A 32 9.89 -12.00 9.64
CA ARG A 32 9.83 -11.68 8.22
C ARG A 32 8.41 -11.29 7.83
N SER A 33 7.63 -10.93 8.83
CA SER A 33 6.25 -10.53 8.61
C SER A 33 5.83 -9.49 9.64
N VAL A 34 4.97 -8.58 9.20
CA VAL A 34 4.48 -7.52 10.07
C VAL A 34 3.08 -7.10 9.62
N THR A 35 2.34 -6.54 10.56
CA THR A 35 0.99 -6.08 10.28
C THR A 35 0.97 -4.58 9.97
N LEU A 36 0.38 -4.25 8.83
CA LEU A 36 0.29 -2.86 8.41
C LEU A 36 -1.14 -2.37 8.56
N GLN A 37 -1.30 -1.33 9.36
CA GLN A 37 -2.61 -0.76 9.61
C GLN A 37 -2.76 0.57 8.85
N PHE A 38 -3.98 0.80 8.38
CA PHE A 38 -4.27 2.02 7.64
C PHE A 38 -5.78 2.24 7.51
N ARG A 39 -6.13 3.24 6.71
CA ARG A 39 -7.53 3.57 6.50
C ARG A 39 -7.73 4.13 5.09
N PRO A 40 -8.73 3.54 4.38
CA PRO A 40 -9.05 3.98 3.03
C PRO A 40 -9.77 5.32 3.04
N GLY A 41 -9.09 6.34 2.53
CA GLY A 41 -9.66 7.67 2.47
C GLY A 41 -10.77 7.74 1.43
N TYR A 42 -10.35 7.92 0.18
CA TYR A 42 -11.30 8.00 -0.92
C TYR A 42 -11.07 6.88 -1.93
N ASP A 43 -12.00 5.94 -1.94
CA ASP A 43 -11.92 4.81 -2.85
C ASP A 43 -11.83 5.34 -4.29
N GLY A 44 -12.78 6.18 -4.64
CA GLY A 44 -12.82 6.76 -5.98
C GLY A 44 -14.07 6.32 -6.72
N LYS A 45 -15.17 6.22 -5.98
CA LYS A 45 -16.43 5.81 -6.56
C LYS A 45 -16.27 4.46 -7.25
N THR A 46 -15.38 3.65 -6.68
CA THR A 46 -15.11 2.33 -7.23
C THR A 46 -14.18 1.54 -6.31
N SER A 47 -14.74 0.49 -5.73
CA SER A 47 -13.96 -0.36 -4.83
C SER A 47 -12.56 -0.56 -5.38
N ILE A 48 -11.65 -0.93 -4.47
CA ILE A 48 -10.27 -1.16 -4.86
C ILE A 48 -10.13 -2.58 -5.43
N SER A 49 -9.23 -2.70 -6.39
CA SER A 49 -9.00 -3.99 -7.02
C SER A 49 -7.87 -4.73 -6.31
N ARG A 50 -6.92 -3.96 -5.80
CA ARG A 50 -5.79 -4.52 -5.09
C ARG A 50 -4.98 -3.42 -4.42
N TRP A 51 -4.56 -3.70 -3.19
CA TRP A 51 -3.78 -2.74 -2.43
C TRP A 51 -2.29 -3.05 -2.67
N LEU A 52 -1.53 -1.98 -2.87
CA LEU A 52 -0.11 -2.12 -3.11
C LEU A 52 0.66 -1.75 -1.84
N VAL A 53 1.79 -2.42 -1.66
CA VAL A 53 2.63 -2.17 -0.49
C VAL A 53 4.09 -2.13 -0.92
N GLU A 54 4.64 -0.92 -0.92
CA GLU A 54 6.03 -0.72 -1.31
C GLU A 54 6.90 -0.54 -0.07
N ALA A 55 8.20 -0.69 -0.28
CA ALA A 55 9.15 -0.54 0.82
C ALA A 55 10.54 -0.24 0.24
N GLN A 56 11.42 0.22 1.12
CA GLN A 56 12.78 0.55 0.71
C GLN A 56 13.78 -0.18 1.60
N VAL A 57 14.74 -0.84 0.95
CA VAL A 57 15.76 -1.58 1.66
C VAL A 57 16.67 -0.59 2.41
N GLY A 58 16.90 -0.91 3.67
CA GLY A 58 17.75 -0.07 4.51
C GLY A 58 17.53 1.41 4.19
N VAL A 59 18.41 1.94 3.35
CA VAL A 59 18.33 3.34 2.96
C VAL A 59 16.88 3.68 2.62
N VAL A 60 16.24 4.39 3.53
CA VAL A 60 14.86 4.80 3.34
C VAL A 60 14.67 6.22 3.87
N GLY A 61 14.68 7.17 2.95
CA GLY A 61 14.50 8.56 3.31
C GLY A 61 15.43 9.46 2.49
N GLU A 62 15.16 9.53 1.19
CA GLU A 62 15.96 10.34 0.29
C GLU A 62 15.51 10.14 -1.15
N GLY A 63 16.30 10.67 -2.08
CA GLY A 63 15.99 10.56 -3.49
C GLY A 63 16.18 9.12 -3.98
N GLU A 64 15.53 8.19 -3.29
CA GLU A 64 15.62 6.79 -3.64
C GLU A 64 14.33 6.33 -4.30
N GLU A 65 14.33 5.06 -4.71
CA GLU A 65 13.16 4.49 -5.36
C GLU A 65 12.46 3.51 -4.41
N TRP A 66 11.19 3.27 -4.69
CA TRP A 66 10.41 2.36 -3.88
C TRP A 66 9.84 1.27 -4.80
N LEU A 67 9.92 0.04 -4.31
CA LEU A 67 9.42 -1.10 -5.09
C LEU A 67 8.34 -1.80 -4.29
N LEU A 68 7.53 -2.58 -4.99
CA LEU A 68 6.45 -3.32 -4.37
C LEU A 68 7.03 -4.52 -3.61
N ILE A 69 6.32 -4.91 -2.56
CA ILE A 69 6.75 -6.03 -1.74
C ILE A 69 5.55 -6.95 -1.47
N HIS A 70 4.43 -6.33 -1.14
CA HIS A 70 3.21 -7.06 -0.85
C HIS A 70 2.02 -6.34 -1.47
N GLN A 71 1.03 -7.13 -1.86
CA GLN A 71 -0.17 -6.58 -2.47
C GLN A 71 -1.39 -7.43 -2.11
N LEU A 72 -2.46 -6.75 -1.73
CA LEU A 72 -3.69 -7.44 -1.35
C LEU A 72 -4.71 -7.29 -2.48
N SER A 73 -4.90 -8.37 -3.22
CA SER A 73 -5.84 -8.37 -4.33
C SER A 73 -7.19 -8.92 -3.86
N ASN A 74 -8.24 -8.46 -4.54
CA ASN A 74 -9.59 -8.90 -4.19
C ASN A 74 -9.77 -8.87 -2.68
N GLU A 75 -9.92 -7.66 -2.16
CA GLU A 75 -10.10 -7.47 -0.73
C GLU A 75 -10.18 -5.98 -0.39
N PRO A 76 -11.25 -5.33 -0.90
CA PRO A 76 -11.46 -3.91 -0.66
C PRO A 76 -11.95 -3.67 0.77
N ASP A 77 -12.30 -4.75 1.44
CA ASP A 77 -12.79 -4.67 2.80
C ASP A 77 -11.67 -5.08 3.76
N ALA A 78 -10.46 -4.65 3.43
CA ALA A 78 -9.31 -4.96 4.25
C ALA A 78 -8.71 -3.67 4.80
N ARG A 79 -8.77 -3.54 6.12
CA ARG A 79 -8.23 -2.36 6.78
C ARG A 79 -6.74 -2.54 7.08
N SER A 80 -6.37 -3.79 7.31
CA SER A 80 -4.98 -4.11 7.61
C SER A 80 -4.61 -5.46 6.97
N MET A 81 -3.31 -5.67 6.84
CA MET A 81 -2.81 -6.90 6.26
C MET A 81 -1.36 -7.15 6.66
N GLU A 82 -0.94 -8.41 6.54
CA GLU A 82 0.41 -8.79 6.88
C GLU A 82 1.33 -8.66 5.67
N VAL A 83 2.54 -8.20 5.93
CA VAL A 83 3.52 -8.03 4.87
C VAL A 83 4.69 -8.98 5.09
N PRO A 84 4.59 -10.18 4.44
CA PRO A 84 5.64 -11.19 4.57
C PRO A 84 6.87 -10.80 3.75
N ASP A 85 7.71 -11.79 3.51
CA ASP A 85 8.93 -11.57 2.75
C ASP A 85 9.61 -10.29 3.24
N LEU A 86 10.02 -10.33 4.50
CA LEU A 86 10.68 -9.19 5.10
C LEU A 86 12.10 -9.59 5.54
N ASN A 87 13.01 -8.63 5.43
CA ASN A 87 14.39 -8.87 5.81
C ASN A 87 14.56 -8.63 7.31
N PRO A 88 15.01 -9.69 8.03
CA PRO A 88 15.21 -9.61 9.46
C PRO A 88 16.47 -8.81 9.79
N PHE A 89 16.51 -8.27 11.01
CA PHE A 89 17.64 -7.49 11.45
C PHE A 89 18.04 -6.46 10.39
N THR A 90 17.03 -5.83 9.81
CA THR A 90 17.26 -4.83 8.79
C THR A 90 16.18 -3.75 8.84
N CYS A 91 16.62 -2.50 8.77
CA CYS A 91 15.70 -1.38 8.80
C CYS A 91 14.98 -1.30 7.46
N TYR A 92 13.66 -1.42 7.52
CA TYR A 92 12.84 -1.36 6.32
C TYR A 92 11.64 -0.45 6.51
N SER A 93 11.10 0.01 5.39
CA SER A 93 9.95 0.90 5.43
C SER A 93 8.77 0.25 4.69
N PHE A 94 7.62 0.89 4.80
CA PHE A 94 6.42 0.39 4.13
C PHE A 94 5.41 1.52 3.91
N ARG A 95 4.78 1.48 2.75
CA ARG A 95 3.79 2.49 2.39
C ARG A 95 2.48 1.82 1.98
N MET A 96 1.60 2.63 1.40
CA MET A 96 0.31 2.13 0.94
C MET A 96 -0.03 2.70 -0.43
N ARG A 97 -0.99 2.04 -1.08
CA ARG A 97 -1.42 2.46 -2.40
C ARG A 97 -2.70 1.73 -2.80
N GLN A 98 -3.53 2.43 -3.57
CA GLN A 98 -4.79 1.86 -4.02
C GLN A 98 -4.77 1.67 -5.53
N VAL A 99 -5.38 0.58 -5.98
CA VAL A 99 -5.44 0.28 -7.39
C VAL A 99 -6.89 -0.02 -7.79
N ASN A 100 -7.41 0.80 -8.69
CA ASN A 100 -8.78 0.63 -9.15
C ASN A 100 -8.80 0.63 -10.68
N ILE A 101 -9.99 0.48 -11.23
CA ILE A 101 -10.16 0.46 -12.67
C ILE A 101 -9.65 1.78 -13.26
N VAL A 102 -9.47 2.75 -12.38
CA VAL A 102 -8.99 4.06 -12.79
C VAL A 102 -7.47 4.01 -12.95
N GLY A 103 -6.79 3.81 -11.83
CA GLY A 103 -5.34 3.75 -11.84
C GLY A 103 -4.80 3.46 -10.43
N THR A 104 -3.56 3.87 -10.22
CA THR A 104 -2.92 3.65 -8.93
C THR A 104 -2.48 4.99 -8.32
N SER A 105 -3.14 5.35 -7.23
CA SER A 105 -2.83 6.60 -6.55
C SER A 105 -1.33 6.69 -6.27
N PRO A 106 -0.91 7.89 -5.79
CA PRO A 106 0.50 8.11 -5.48
C PRO A 106 0.90 7.42 -4.18
N PRO A 107 2.22 7.48 -3.87
CA PRO A 107 2.72 6.86 -2.66
C PRO A 107 2.37 7.69 -1.42
N SER A 108 1.90 6.99 -0.40
CA SER A 108 1.51 7.65 0.83
C SER A 108 2.68 7.63 1.83
N GLN A 109 2.67 8.59 2.73
CA GLN A 109 3.71 8.69 3.73
C GLN A 109 4.12 7.30 4.22
N PRO A 110 5.45 7.03 4.14
CA PRO A 110 5.98 5.75 4.57
C PRO A 110 6.01 5.64 6.10
N SER A 111 5.98 4.41 6.58
CA SER A 111 6.00 4.16 8.02
C SER A 111 7.42 4.40 8.56
N ARG A 112 7.46 4.93 9.76
CA ARG A 112 8.74 5.21 10.41
C ARG A 112 9.65 3.99 10.31
N LYS A 113 10.88 4.17 10.78
CA LYS A 113 11.86 3.11 10.75
C LYS A 113 11.58 2.13 11.89
N ILE A 114 11.62 0.85 11.56
CA ILE A 114 11.38 -0.19 12.55
C ILE A 114 12.49 -1.25 12.45
N GLN A 115 12.37 -2.26 13.31
CA GLN A 115 13.35 -3.32 13.34
C GLN A 115 12.65 -4.68 13.34
N THR A 116 13.00 -5.51 12.36
CA THR A 116 12.42 -6.83 12.23
C THR A 116 13.15 -7.82 13.14
N LEU A 117 12.41 -8.82 13.59
CA LEU A 117 12.97 -9.84 14.46
C LEU A 117 13.94 -10.70 13.66
N GLN A 118 14.65 -11.56 14.37
CA GLN A 118 15.62 -12.44 13.74
C GLN A 118 14.90 -13.51 12.90
N SER A 119 15.69 -14.26 12.17
CA SER A 119 15.15 -15.30 11.31
C SER A 119 15.48 -16.69 11.90
N GLY A 120 14.51 -17.23 12.61
CA GLY A 120 14.69 -18.54 13.23
C GLY A 120 13.80 -18.69 14.47
N PRO A 121 13.55 -19.97 14.85
CA PRO A 121 12.73 -20.25 16.02
C PRO A 121 13.50 -19.97 17.32
N SER A 122 12.76 -19.49 18.30
CA SER A 122 13.36 -19.19 19.59
C SER A 122 12.34 -19.41 20.71
N SER A 123 12.52 -20.51 21.42
CA SER A 123 11.62 -20.86 22.52
C SER A 123 11.92 -19.96 23.73
N GLY A 124 10.85 -19.61 24.43
CA GLY A 124 10.97 -18.77 25.61
C GLY A 124 9.88 -17.69 25.62
N GLY A 1 -0.77 6.60 -25.94
CA GLY A 1 -0.53 7.50 -24.83
C GLY A 1 -1.31 8.81 -25.01
N SER A 2 -2.01 9.19 -23.96
CA SER A 2 -2.80 10.40 -23.98
C SER A 2 -3.54 10.53 -25.31
N SER A 3 -4.72 9.94 -25.36
CA SER A 3 -5.53 9.97 -26.57
C SER A 3 -6.95 9.47 -26.26
N GLY A 4 -7.91 10.11 -26.90
CA GLY A 4 -9.30 9.74 -26.70
C GLY A 4 -10.00 10.70 -25.72
N SER A 5 -10.78 11.60 -26.28
CA SER A 5 -11.51 12.57 -25.47
C SER A 5 -12.72 13.09 -26.24
N SER A 6 -13.81 12.33 -26.15
CA SER A 6 -15.03 12.71 -26.83
C SER A 6 -16.21 11.91 -26.27
N GLY A 7 -17.36 12.55 -26.26
CA GLY A 7 -18.57 11.92 -25.74
C GLY A 7 -19.67 12.95 -25.51
N THR A 8 -20.90 12.53 -25.77
CA THR A 8 -22.05 13.40 -25.60
C THR A 8 -22.99 12.83 -24.53
N ILE A 9 -23.35 11.57 -24.72
CA ILE A 9 -24.24 10.90 -23.79
C ILE A 9 -23.51 9.71 -23.16
N SER A 10 -22.90 9.97 -22.02
CA SER A 10 -22.17 8.93 -21.30
C SER A 10 -23.14 7.99 -20.61
N SER A 11 -22.96 6.70 -20.85
CA SER A 11 -23.81 5.68 -20.26
C SER A 11 -23.34 5.37 -18.84
N GLY A 12 -23.69 6.25 -17.92
CA GLY A 12 -23.30 6.09 -16.53
C GLY A 12 -22.30 7.16 -16.10
N VAL A 13 -21.55 6.83 -15.05
CA VAL A 13 -20.56 7.75 -14.53
C VAL A 13 -19.23 7.01 -14.33
N PRO A 14 -18.14 7.58 -14.89
CA PRO A 14 -16.83 6.99 -14.77
C PRO A 14 -16.26 7.19 -13.37
N PRO A 15 -15.46 6.19 -12.92
CA PRO A 15 -14.84 6.26 -11.60
C PRO A 15 -13.67 7.25 -11.59
N GLU A 16 -13.26 7.62 -10.39
CA GLU A 16 -12.16 8.54 -10.22
C GLU A 16 -10.98 7.86 -9.52
N LEU A 17 -9.89 8.60 -9.42
CA LEU A 17 -8.69 8.09 -8.77
C LEU A 17 -8.88 8.11 -7.26
N PRO A 18 -8.15 7.20 -6.56
CA PRO A 18 -8.23 7.12 -5.12
C PRO A 18 -7.47 8.27 -4.47
N GLY A 19 -7.17 8.08 -3.18
CA GLY A 19 -6.45 9.09 -2.43
C GLY A 19 -5.39 8.45 -1.53
N PRO A 20 -4.49 9.32 -0.99
CA PRO A 20 -3.43 8.85 -0.12
C PRO A 20 -3.98 8.50 1.27
N PRO A 21 -3.80 7.20 1.64
CA PRO A 21 -4.27 6.73 2.93
C PRO A 21 -3.36 7.21 4.06
N THR A 22 -3.98 7.56 5.18
CA THR A 22 -3.24 8.05 6.33
C THR A 22 -3.44 7.10 7.52
N ASN A 23 -3.03 7.58 8.68
CA ASN A 23 -3.15 6.79 9.89
C ASN A 23 -2.36 5.49 9.74
N LEU A 24 -1.35 5.55 8.88
CA LEU A 24 -0.51 4.39 8.63
C LEU A 24 0.27 4.04 9.90
N GLY A 25 0.45 2.74 10.10
CA GLY A 25 1.17 2.27 11.28
C GLY A 25 1.31 0.74 11.24
N ILE A 26 2.53 0.29 11.53
CA ILE A 26 2.80 -1.14 11.54
C ILE A 26 2.89 -1.63 12.98
N SER A 27 2.19 -2.73 13.24
CA SER A 27 2.17 -3.30 14.57
C SER A 27 2.59 -4.78 14.51
N ASN A 28 2.80 -5.34 15.69
CA ASN A 28 3.20 -6.74 15.78
C ASN A 28 4.26 -7.03 14.72
N ILE A 29 5.31 -6.23 14.73
CA ILE A 29 6.40 -6.39 13.78
C ILE A 29 7.08 -7.74 14.01
N GLY A 30 6.86 -8.64 13.07
CA GLY A 30 7.44 -9.98 13.16
C GLY A 30 8.87 -9.98 12.64
N PRO A 31 9.45 -11.22 12.53
CA PRO A 31 10.80 -11.37 12.04
C PRO A 31 10.87 -11.17 10.53
N ARG A 32 10.02 -11.91 9.83
CA ARG A 32 9.97 -11.82 8.38
C ARG A 32 8.58 -11.38 7.92
N SER A 33 7.78 -10.96 8.88
CA SER A 33 6.42 -10.51 8.60
C SER A 33 5.99 -9.47 9.62
N VAL A 34 5.11 -8.59 9.18
CA VAL A 34 4.60 -7.54 10.05
C VAL A 34 3.17 -7.20 9.64
N THR A 35 2.49 -6.50 10.54
CA THR A 35 1.11 -6.11 10.30
C THR A 35 1.03 -4.63 9.92
N LEU A 36 0.78 -4.39 8.65
CA LEU A 36 0.67 -3.02 8.16
C LEU A 36 -0.79 -2.56 8.24
N GLN A 37 -0.99 -1.48 8.99
CA GLN A 37 -2.32 -0.93 9.16
C GLN A 37 -2.46 0.37 8.36
N PHE A 38 -3.69 0.63 7.92
CA PHE A 38 -3.97 1.82 7.15
C PHE A 38 -5.48 2.11 7.11
N ARG A 39 -5.83 3.10 6.32
CA ARG A 39 -7.23 3.49 6.19
C ARG A 39 -7.48 4.13 4.82
N PRO A 40 -8.59 3.67 4.17
CA PRO A 40 -8.94 4.19 2.86
C PRO A 40 -9.54 5.60 2.97
N GLY A 41 -8.73 6.58 2.62
CA GLY A 41 -9.15 7.97 2.67
C GLY A 41 -10.22 8.25 1.62
N TYR A 42 -9.86 8.06 0.36
CA TYR A 42 -10.78 8.28 -0.73
C TYR A 42 -10.62 7.21 -1.81
N ASP A 43 -11.42 6.16 -1.68
CA ASP A 43 -11.37 5.07 -2.64
C ASP A 43 -11.50 5.64 -4.06
N GLY A 44 -12.65 6.22 -4.32
CA GLY A 44 -12.90 6.81 -5.63
C GLY A 44 -14.27 6.38 -6.17
N LYS A 45 -15.25 6.39 -5.27
CA LYS A 45 -16.60 6.00 -5.64
C LYS A 45 -16.56 4.70 -6.43
N THR A 46 -15.52 3.91 -6.16
CA THR A 46 -15.35 2.64 -6.84
C THR A 46 -14.52 1.68 -5.98
N SER A 47 -14.51 1.95 -4.68
CA SER A 47 -13.75 1.13 -3.75
C SER A 47 -12.38 0.83 -4.32
N ILE A 48 -11.70 -0.12 -3.68
CA ILE A 48 -10.37 -0.51 -4.12
C ILE A 48 -10.40 -1.95 -4.63
N SER A 49 -9.56 -2.22 -5.62
CA SER A 49 -9.49 -3.55 -6.20
C SER A 49 -8.29 -4.31 -5.61
N ARG A 50 -7.20 -3.58 -5.42
CA ARG A 50 -6.00 -4.18 -4.87
C ARG A 50 -5.17 -3.11 -4.13
N TRP A 51 -4.55 -3.55 -3.04
CA TRP A 51 -3.74 -2.66 -2.24
C TRP A 51 -2.27 -2.95 -2.55
N LEU A 52 -1.49 -1.88 -2.62
CA LEU A 52 -0.07 -2.01 -2.91
C LEU A 52 0.73 -1.64 -1.66
N VAL A 53 1.71 -2.49 -1.36
CA VAL A 53 2.55 -2.26 -0.20
C VAL A 53 4.02 -2.33 -0.62
N GLU A 54 4.64 -1.16 -0.70
CA GLU A 54 6.03 -1.07 -1.09
C GLU A 54 6.92 -0.94 0.15
N ALA A 55 8.21 -1.14 -0.07
CA ALA A 55 9.17 -1.04 1.01
C ALA A 55 10.56 -0.74 0.44
N GLN A 56 11.39 -0.12 1.27
CA GLN A 56 12.74 0.22 0.84
C GLN A 56 13.77 -0.49 1.72
N VAL A 57 14.86 -0.89 1.10
CA VAL A 57 15.92 -1.59 1.80
C VAL A 57 16.88 -0.56 2.42
N GLY A 58 17.17 -0.76 3.70
CA GLY A 58 18.05 0.14 4.41
C GLY A 58 17.89 1.58 3.92
N VAL A 59 18.79 1.99 3.04
CA VAL A 59 18.76 3.33 2.50
C VAL A 59 17.32 3.68 2.11
N VAL A 60 16.64 4.36 3.00
CA VAL A 60 15.26 4.75 2.76
C VAL A 60 15.11 6.25 3.02
N GLY A 61 14.95 7.00 1.94
CA GLY A 61 14.80 8.44 2.04
C GLY A 61 14.20 9.02 0.76
N GLU A 62 14.81 10.10 0.29
CA GLU A 62 14.36 10.75 -0.93
C GLU A 62 15.45 10.70 -1.99
N GLY A 63 15.25 9.83 -2.96
CA GLY A 63 16.20 9.67 -4.05
C GLY A 63 16.20 8.23 -4.57
N GLU A 64 15.71 7.33 -3.75
CA GLU A 64 15.65 5.93 -4.12
C GLU A 64 14.24 5.56 -4.58
N GLU A 65 14.15 4.42 -5.25
CA GLU A 65 12.88 3.94 -5.76
C GLU A 65 12.13 3.16 -4.67
N TRP A 66 10.85 2.92 -4.94
CA TRP A 66 10.03 2.18 -4.00
C TRP A 66 9.36 1.03 -4.77
N LEU A 67 9.93 -0.14 -4.62
CA LEU A 67 9.41 -1.33 -5.29
C LEU A 67 8.33 -1.97 -4.41
N LEU A 68 7.42 -2.68 -5.06
CA LEU A 68 6.34 -3.35 -4.35
C LEU A 68 6.90 -4.61 -3.67
N ILE A 69 6.20 -5.01 -2.60
CA ILE A 69 6.61 -6.18 -1.86
C ILE A 69 5.37 -7.02 -1.54
N HIS A 70 4.35 -6.35 -1.02
CA HIS A 70 3.11 -7.03 -0.68
C HIS A 70 1.94 -6.32 -1.36
N GLN A 71 1.03 -7.13 -1.87
CA GLN A 71 -0.15 -6.61 -2.55
C GLN A 71 -1.36 -7.51 -2.30
N LEU A 72 -2.41 -6.90 -1.76
CA LEU A 72 -3.63 -7.63 -1.47
C LEU A 72 -4.69 -7.30 -2.52
N SER A 73 -5.09 -8.33 -3.25
CA SER A 73 -6.10 -8.15 -4.29
C SER A 73 -7.47 -8.59 -3.77
N ASN A 74 -8.50 -8.06 -4.40
CA ASN A 74 -9.86 -8.39 -4.02
C ASN A 74 -9.97 -8.38 -2.49
N GLU A 75 -10.33 -7.22 -1.96
CA GLU A 75 -10.46 -7.07 -0.51
C GLU A 75 -10.51 -5.59 -0.14
N PRO A 76 -11.63 -4.92 -0.53
CA PRO A 76 -11.81 -3.51 -0.24
C PRO A 76 -12.15 -3.29 1.24
N ASP A 77 -12.72 -4.33 1.83
CA ASP A 77 -13.10 -4.26 3.24
C ASP A 77 -11.84 -4.40 4.11
N ALA A 78 -10.90 -5.19 3.61
CA ALA A 78 -9.66 -5.41 4.33
C ALA A 78 -9.13 -4.08 4.85
N ARG A 79 -8.90 -4.03 6.15
CA ARG A 79 -8.39 -2.82 6.79
C ARG A 79 -6.91 -3.00 7.16
N SER A 80 -6.53 -4.25 7.34
CA SER A 80 -5.16 -4.56 7.70
C SER A 80 -4.72 -5.86 7.02
N MET A 81 -3.41 -6.04 6.93
CA MET A 81 -2.85 -7.22 6.29
C MET A 81 -1.39 -7.43 6.71
N GLU A 82 -0.94 -8.65 6.55
CA GLU A 82 0.43 -8.99 6.90
C GLU A 82 1.36 -8.80 5.69
N VAL A 83 2.57 -8.37 5.98
CA VAL A 83 3.56 -8.14 4.93
C VAL A 83 4.76 -9.05 5.17
N PRO A 84 4.72 -10.23 4.49
CA PRO A 84 5.80 -11.19 4.60
C PRO A 84 7.03 -10.75 3.82
N ASP A 85 7.96 -11.68 3.65
CA ASP A 85 9.18 -11.39 2.93
C ASP A 85 9.78 -10.07 3.43
N LEU A 86 10.27 -10.11 4.66
CA LEU A 86 10.87 -8.93 5.26
C LEU A 86 12.27 -9.27 5.77
N ASN A 87 13.15 -8.29 5.67
CA ASN A 87 14.53 -8.48 6.12
C ASN A 87 14.62 -8.15 7.61
N PRO A 88 14.92 -9.22 8.41
CA PRO A 88 15.04 -9.06 9.85
C PRO A 88 16.36 -8.37 10.21
N PHE A 89 16.30 -7.60 11.29
CA PHE A 89 17.49 -6.88 11.76
C PHE A 89 17.97 -5.88 10.70
N THR A 90 17.01 -5.24 10.07
CA THR A 90 17.31 -4.25 9.05
C THR A 90 16.27 -3.14 9.04
N CYS A 91 16.75 -1.92 8.87
CA CYS A 91 15.86 -0.75 8.83
C CYS A 91 15.14 -0.74 7.49
N TYR A 92 13.83 -0.87 7.55
CA TYR A 92 13.02 -0.88 6.35
C TYR A 92 11.77 -0.01 6.54
N SER A 93 11.26 0.48 5.41
CA SER A 93 10.07 1.32 5.44
C SER A 93 8.97 0.68 4.60
N PHE A 94 7.76 1.18 4.80
CA PHE A 94 6.61 0.67 4.08
C PHE A 94 5.64 1.80 3.71
N ARG A 95 4.91 1.58 2.62
CA ARG A 95 3.95 2.56 2.15
C ARG A 95 2.73 1.86 1.55
N MET A 96 1.58 2.46 1.77
CA MET A 96 0.33 1.91 1.26
C MET A 96 -0.10 2.64 -0.02
N ARG A 97 -0.94 1.96 -0.78
CA ARG A 97 -1.44 2.51 -2.03
C ARG A 97 -2.84 1.96 -2.34
N GLN A 98 -3.44 2.53 -3.38
CA GLN A 98 -4.76 2.10 -3.79
C GLN A 98 -4.84 2.01 -5.31
N VAL A 99 -5.41 0.90 -5.78
CA VAL A 99 -5.55 0.67 -7.21
C VAL A 99 -7.01 0.38 -7.54
N ASN A 100 -7.52 1.11 -8.53
CA ASN A 100 -8.90 0.93 -8.95
C ASN A 100 -8.97 0.88 -10.47
N ILE A 101 -10.18 0.75 -10.98
CA ILE A 101 -10.39 0.68 -12.41
C ILE A 101 -9.93 1.99 -13.06
N VAL A 102 -9.71 2.97 -12.20
CA VAL A 102 -9.26 4.29 -12.67
C VAL A 102 -7.75 4.24 -12.92
N GLY A 103 -7.01 4.20 -11.82
CA GLY A 103 -5.55 4.16 -11.90
C GLY A 103 -4.94 3.66 -10.58
N THR A 104 -3.73 4.12 -10.32
CA THR A 104 -3.03 3.74 -9.11
C THR A 104 -2.53 4.99 -8.38
N SER A 105 -3.27 5.37 -7.34
CA SER A 105 -2.90 6.53 -6.54
C SER A 105 -1.39 6.54 -6.30
N PRO A 106 -0.89 7.73 -5.88
CA PRO A 106 0.53 7.90 -5.61
C PRO A 106 0.91 7.24 -4.28
N PRO A 107 2.24 7.23 -4.00
CA PRO A 107 2.75 6.63 -2.77
C PRO A 107 2.46 7.54 -1.57
N SER A 108 2.12 6.91 -0.46
CA SER A 108 1.83 7.64 0.76
C SER A 108 3.08 7.73 1.63
N GLN A 109 2.97 8.51 2.69
CA GLN A 109 4.08 8.70 3.62
C GLN A 109 4.51 7.35 4.19
N PRO A 110 5.86 7.20 4.33
CA PRO A 110 6.42 5.98 4.87
C PRO A 110 6.22 5.89 6.38
N SER A 111 6.18 4.66 6.88
CA SER A 111 5.98 4.44 8.30
C SER A 111 7.28 4.73 9.05
N ARG A 112 7.15 4.84 10.36
CA ARG A 112 8.31 5.12 11.20
C ARG A 112 9.36 4.03 11.04
N LYS A 113 10.61 4.42 11.22
CA LYS A 113 11.71 3.49 11.10
C LYS A 113 11.60 2.43 12.20
N ILE A 114 11.38 1.20 11.76
CA ILE A 114 11.25 0.08 12.69
C ILE A 114 12.37 -0.92 12.44
N GLN A 115 12.57 -1.79 13.41
CA GLN A 115 13.60 -2.81 13.31
C GLN A 115 12.99 -4.20 13.38
N THR A 116 12.99 -4.89 12.24
CA THR A 116 12.43 -6.22 12.17
C THR A 116 13.14 -7.14 13.17
N LEU A 117 12.36 -8.07 13.72
CA LEU A 117 12.89 -9.02 14.67
C LEU A 117 14.05 -9.80 14.04
N GLN A 118 14.71 -10.59 14.87
CA GLN A 118 15.83 -11.39 14.41
C GLN A 118 15.35 -12.74 13.89
N SER A 119 16.00 -13.19 12.82
CA SER A 119 15.64 -14.46 12.21
C SER A 119 16.81 -15.45 12.33
N GLY A 120 16.63 -16.43 13.20
CA GLY A 120 17.65 -17.44 13.41
C GLY A 120 17.04 -18.81 13.63
N PRO A 121 17.86 -19.86 13.37
CA PRO A 121 17.41 -21.24 13.52
C PRO A 121 17.33 -21.63 15.00
N SER A 122 18.38 -21.28 15.72
CA SER A 122 18.45 -21.58 17.14
C SER A 122 18.46 -23.10 17.35
N SER A 123 19.67 -23.65 17.36
CA SER A 123 19.84 -25.08 17.56
C SER A 123 19.40 -25.47 18.97
N GLY A 124 19.08 -26.75 19.11
CA GLY A 124 18.64 -27.26 20.40
C GLY A 124 17.14 -27.57 20.40
#